data_7RMA
# 
_entry.id   7RMA 
# 
_audit_conform.dict_name       mmcif_pdbx.dic 
_audit_conform.dict_version    5.380 
_audit_conform.dict_location   http://mmcif.pdb.org/dictionaries/ascii/mmcif_pdbx.dic 
# 
loop_
_database_2.database_id 
_database_2.database_code 
_database_2.pdbx_database_accession 
_database_2.pdbx_DOI 
PDB   7RMA         pdb_00007rma 10.2210/pdb7rma/pdb 
WWPDB D_1000258512 ?            ?                   
# 
_pdbx_database_related.db_name        PDB 
_pdbx_database_related.details        'Ubv.V27.1 in complex with UIM from VPS27' 
_pdbx_database_related.db_id          6NJG 
_pdbx_database_related.content_type   unspecified 
# 
_pdbx_database_status.status_code                     REL 
_pdbx_database_status.status_code_sf                  REL 
_pdbx_database_status.status_code_mr                  ? 
_pdbx_database_status.entry_id                        7RMA 
_pdbx_database_status.recvd_initial_deposition_date   2021-07-27 
_pdbx_database_status.SG_entry                        N 
_pdbx_database_status.deposit_site                    RCSB 
_pdbx_database_status.process_site                    RCSB 
_pdbx_database_status.status_code_cs                  ? 
_pdbx_database_status.status_code_nmr_data            ? 
_pdbx_database_status.methods_development_category    ? 
_pdbx_database_status.pdb_format_compatible           Y 
# 
loop_
_audit_author.name 
_audit_author.pdbx_ordinal 
_audit_author.identifier_ORCID 
'Singer, A.U.' 1 ? 
'Manczyk, N.'  2 ? 
'Veggiani, G.' 3 ? 
'Sicheri, F.'  4 ? 
'Sidhu, S.S.'  5 ? 
# 
_citation.abstract                  ? 
_citation.abstract_id_CAS           ? 
_citation.book_id_ISBN              ? 
_citation.book_publisher            ? 
_citation.book_publisher_city       ? 
_citation.book_title                ? 
_citation.coordinate_linkage        ? 
_citation.country                   US 
_citation.database_id_Medline       ? 
_citation.details                   ? 
_citation.id                        primary 
_citation.journal_abbrev            'Acs Chem.Biol.' 
_citation.journal_id_ASTM           ? 
_citation.journal_id_CSD            ? 
_citation.journal_id_ISSN           1554-8937 
_citation.journal_full              ? 
_citation.journal_issue             ? 
_citation.journal_volume            17 
_citation.language                  ? 
_citation.page_first                941 
_citation.page_last                 956 
_citation.title                     
'Panel of Engineered Ubiquitin Variants Targeting the Family of Human Ubiquitin Interacting Motifs.' 
_citation.year                      2022 
_citation.database_id_CSD           ? 
_citation.pdbx_database_id_DOI      10.1021/acschembio.2c00089 
_citation.pdbx_database_id_PubMed   35385646 
_citation.pdbx_database_id_patent   ? 
_citation.unpublished_flag          ? 
# 
loop_
_citation_author.citation_id 
_citation_author.name 
_citation_author.ordinal 
_citation_author.identifier_ORCID 
primary 'Veggiani, G.' 1 ?                   
primary 'Yates, B.P.'  2 ?                   
primary 'Martyn, G.D.' 3 0000-0002-7373-7834 
primary 'Manczyk, N.'  4 ?                   
primary 'Singer, A.U.' 5 ?                   
primary 'Kurinov, I.'  6 ?                   
primary 'Sicheri, F.'  7 ?                   
primary 'Sidhu, S.S.'  8 0000-0001-7755-5918 
# 
_cell.angle_alpha                  90.000 
_cell.angle_alpha_esd              ? 
_cell.angle_beta                   90.000 
_cell.angle_beta_esd               ? 
_cell.angle_gamma                  90.000 
_cell.angle_gamma_esd              ? 
_cell.entry_id                     7RMA 
_cell.details                      ? 
_cell.formula_units_Z              ? 
_cell.length_a                     45.770 
_cell.length_a_esd                 ? 
_cell.length_b                     45.770 
_cell.length_b_esd                 ? 
_cell.length_c                     84.390 
_cell.length_c_esd                 ? 
_cell.volume                       176788.012 
_cell.volume_esd                   ? 
_cell.Z_PDB                        8 
_cell.reciprocal_angle_alpha       ? 
_cell.reciprocal_angle_beta        ? 
_cell.reciprocal_angle_gamma       ? 
_cell.reciprocal_angle_alpha_esd   ? 
_cell.reciprocal_angle_beta_esd    ? 
_cell.reciprocal_angle_gamma_esd   ? 
_cell.reciprocal_length_a          ? 
_cell.reciprocal_length_b          ? 
_cell.reciprocal_length_c          ? 
_cell.reciprocal_length_a_esd      ? 
_cell.reciprocal_length_b_esd      ? 
_cell.reciprocal_length_c_esd      ? 
_cell.pdbx_unique_axis             ? 
# 
_symmetry.entry_id                         7RMA 
_symmetry.cell_setting                     ? 
_symmetry.Int_Tables_number                92 
_symmetry.space_group_name_Hall            'P 4abw 2nw' 
_symmetry.space_group_name_H-M             'P 41 21 2' 
_symmetry.pdbx_full_space_group_name_H-M   ? 
# 
loop_
_entity.id 
_entity.type 
_entity.src_method 
_entity.pdbx_description 
_entity.formula_weight 
_entity.pdbx_number_of_molecules 
_entity.pdbx_ec 
_entity.pdbx_mutation 
_entity.pdbx_fragment 
_entity.details 
1 polymer     man 'Ubiquitin Variant'                            9849.204 1  ? ? ? ? 
2 polymer     syn 'Ankyrin repeat domain-containing protein 13D' 2425.630 1  ? ? ? ? 
3 non-polymer syn 'SULFATE ION'                                  96.063   1  ? ? ? ? 
4 non-polymer syn 'SODIUM ION'                                   22.990   1  ? ? ? ? 
5 water       nat water                                          18.015   17 ? ? ? ? 
# 
loop_
_entity_poly.entity_id 
_entity_poly.type 
_entity_poly.nstd_linkage 
_entity_poly.nstd_monomer 
_entity_poly.pdbx_seq_one_letter_code 
_entity_poly.pdbx_seq_one_letter_code_can 
_entity_poly.pdbx_strand_id 
_entity_poly.pdbx_target_identifier 
1 'polypeptide(L)' no no 
;GAAQPAMQIFVRTHAMRTDVLEVEPSDTIENVKAKIQDKEGIPPDQQRLIFAGKQLEDGRTLSDYNIRQESILHLLLWPR
SLRAGAAA
;
;GAAQPAMQIFVRTHAMRTDVLEVEPSDTIENVKAKIQDKEGIPPDQQRLIFAGKQLEDGRTLSDYNIRQESILHLLLWPR
SLRAGAAA
;
A ? 
2 'polypeptide(L)' no no RGQQEEEDLQRILQLSLTEH                                                                        
RGQQEEEDLQRILQLSLTEH                                                                        C ? 
# 
loop_
_entity_poly_seq.entity_id 
_entity_poly_seq.num 
_entity_poly_seq.mon_id 
_entity_poly_seq.hetero 
1 1  GLY n 
1 2  ALA n 
1 3  ALA n 
1 4  GLN n 
1 5  PRO n 
1 6  ALA n 
1 7  MET n 
1 8  GLN n 
1 9  ILE n 
1 10 PHE n 
1 11 VAL n 
1 12 ARG n 
1 13 THR n 
1 14 HIS n 
1 15 ALA n 
1 16 MET n 
1 17 ARG n 
1 18 THR n 
1 19 ASP n 
1 20 VAL n 
1 21 LEU n 
1 22 GLU n 
1 23 VAL n 
1 24 GLU n 
1 25 PRO n 
1 26 SER n 
1 27 ASP n 
1 28 THR n 
1 29 ILE n 
1 30 GLU n 
1 31 ASN n 
1 32 VAL n 
1 33 LYS n 
1 34 ALA n 
1 35 LYS n 
1 36 ILE n 
1 37 GLN n 
1 38 ASP n 
1 39 LYS n 
1 40 GLU n 
1 41 GLY n 
1 42 ILE n 
1 43 PRO n 
1 44 PRO n 
1 45 ASP n 
1 46 GLN n 
1 47 GLN n 
1 48 ARG n 
1 49 LEU n 
1 50 ILE n 
1 51 PHE n 
1 52 ALA n 
1 53 GLY n 
1 54 LYS n 
1 55 GLN n 
1 56 LEU n 
1 57 GLU n 
1 58 ASP n 
1 59 GLY n 
1 60 ARG n 
1 61 THR n 
1 62 LEU n 
1 63 SER n 
1 64 ASP n 
1 65 TYR n 
1 66 ASN n 
1 67 ILE n 
1 68 ARG n 
1 69 GLN n 
1 70 GLU n 
1 71 SER n 
1 72 ILE n 
1 73 LEU n 
1 74 HIS n 
1 75 LEU n 
1 76 LEU n 
1 77 LEU n 
1 78 TRP n 
1 79 PRO n 
1 80 ARG n 
1 81 SER n 
1 82 LEU n 
1 83 ARG n 
1 84 ALA n 
1 85 GLY n 
1 86 ALA n 
1 87 ALA n 
1 88 ALA n 
2 1  ARG n 
2 2  GLY n 
2 3  GLN n 
2 4  GLN n 
2 5  GLU n 
2 6  GLU n 
2 7  GLU n 
2 8  ASP n 
2 9  LEU n 
2 10 GLN n 
2 11 ARG n 
2 12 ILE n 
2 13 LEU n 
2 14 GLN n 
2 15 LEU n 
2 16 SER n 
2 17 LEU n 
2 18 THR n 
2 19 GLU n 
2 20 HIS n 
# 
_entity_src_gen.entity_id                          1 
_entity_src_gen.pdbx_src_id                        1 
_entity_src_gen.pdbx_alt_source_flag               sample 
_entity_src_gen.pdbx_seq_type                      'Biological sequence' 
_entity_src_gen.pdbx_beg_seq_num                   1 
_entity_src_gen.pdbx_end_seq_num                   88 
_entity_src_gen.gene_src_common_name               Human 
_entity_src_gen.gene_src_genus                     ? 
_entity_src_gen.pdbx_gene_src_gene                 UBB 
_entity_src_gen.gene_src_species                   ? 
_entity_src_gen.gene_src_strain                    ? 
_entity_src_gen.gene_src_tissue                    ? 
_entity_src_gen.gene_src_tissue_fraction           ? 
_entity_src_gen.gene_src_details                   'phage display from wild-type ubiquitin' 
_entity_src_gen.pdbx_gene_src_fragment             ? 
_entity_src_gen.pdbx_gene_src_scientific_name      'Homo sapiens' 
_entity_src_gen.pdbx_gene_src_ncbi_taxonomy_id     9606 
_entity_src_gen.pdbx_gene_src_variant              ? 
_entity_src_gen.pdbx_gene_src_cell_line            ? 
_entity_src_gen.pdbx_gene_src_atcc                 ? 
_entity_src_gen.pdbx_gene_src_organ                ? 
_entity_src_gen.pdbx_gene_src_organelle            ? 
_entity_src_gen.pdbx_gene_src_cell                 ? 
_entity_src_gen.pdbx_gene_src_cellular_location    ? 
_entity_src_gen.host_org_common_name               ? 
_entity_src_gen.pdbx_host_org_scientific_name      'Escherichia coli BL21(DE3)' 
_entity_src_gen.pdbx_host_org_ncbi_taxonomy_id     469008 
_entity_src_gen.host_org_genus                     ? 
_entity_src_gen.pdbx_host_org_gene                 ? 
_entity_src_gen.pdbx_host_org_organ                ? 
_entity_src_gen.host_org_species                   ? 
_entity_src_gen.pdbx_host_org_tissue               ? 
_entity_src_gen.pdbx_host_org_tissue_fraction      ? 
_entity_src_gen.pdbx_host_org_strain               'BL21(DE3)' 
_entity_src_gen.pdbx_host_org_variant              ? 
_entity_src_gen.pdbx_host_org_cell_line            ? 
_entity_src_gen.pdbx_host_org_atcc                 ? 
_entity_src_gen.pdbx_host_org_culture_collection   ? 
_entity_src_gen.pdbx_host_org_cell                 ? 
_entity_src_gen.pdbx_host_org_organelle            ? 
_entity_src_gen.pdbx_host_org_cellular_location    ? 
_entity_src_gen.pdbx_host_org_vector_type          plasmid 
_entity_src_gen.pdbx_host_org_vector               ? 
_entity_src_gen.host_org_details                   'TEV cleavage released the N-terminus which contained a 6-His affinity tag' 
_entity_src_gen.expression_system_id               ? 
_entity_src_gen.plasmid_name                       pHH239 
_entity_src_gen.plasmid_details                    ? 
_entity_src_gen.pdbx_description                   ? 
# 
_pdbx_entity_src_syn.entity_id              2 
_pdbx_entity_src_syn.pdbx_src_id            1 
_pdbx_entity_src_syn.pdbx_alt_source_flag   sample 
_pdbx_entity_src_syn.pdbx_beg_seq_num       1 
_pdbx_entity_src_syn.pdbx_end_seq_num       20 
_pdbx_entity_src_syn.organism_scientific    'Homo sapiens' 
_pdbx_entity_src_syn.organism_common_name   Human 
_pdbx_entity_src_syn.ncbi_taxonomy_id       9606 
_pdbx_entity_src_syn.details                ? 
# 
loop_
_struct_ref.id 
_struct_ref.db_name 
_struct_ref.db_code 
_struct_ref.pdbx_db_accession 
_struct_ref.pdbx_db_isoform 
_struct_ref.entity_id 
_struct_ref.pdbx_seq_one_letter_code 
_struct_ref.pdbx_align_begin 
1 UNP UBB_HUMAN   P0CG47 ? 1 MQIFVKTLTGKTITLEVEPSDTIENVKAKIQDKEGIPPDQQRLIFAGKQLEDGRTLSDYNIQKESTLHLVLRLRGGMQI 1   
2 UNP AN13D_HUMAN Q6ZTN6 ? 2 RGQQEEEDLQRILQLSLTEH                                                            499 
# 
loop_
_struct_ref_seq.align_id 
_struct_ref_seq.ref_id 
_struct_ref_seq.pdbx_PDB_id_code 
_struct_ref_seq.pdbx_strand_id 
_struct_ref_seq.seq_align_beg 
_struct_ref_seq.pdbx_seq_align_beg_ins_code 
_struct_ref_seq.seq_align_end 
_struct_ref_seq.pdbx_seq_align_end_ins_code 
_struct_ref_seq.pdbx_db_accession 
_struct_ref_seq.db_align_beg 
_struct_ref_seq.pdbx_db_align_beg_ins_code 
_struct_ref_seq.db_align_end 
_struct_ref_seq.pdbx_db_align_end_ins_code 
_struct_ref_seq.pdbx_auth_seq_align_beg 
_struct_ref_seq.pdbx_auth_seq_align_end 
1 1 7RMA A 7 ? 85 ? P0CG47 1   ? 79  ? 1 79 
2 2 7RMA C 1 ? 20 ? Q6ZTN6 499 ? 518 ? 3 22 
# 
loop_
_struct_ref_seq_dif.align_id 
_struct_ref_seq_dif.pdbx_pdb_id_code 
_struct_ref_seq_dif.mon_id 
_struct_ref_seq_dif.pdbx_pdb_strand_id 
_struct_ref_seq_dif.seq_num 
_struct_ref_seq_dif.pdbx_pdb_ins_code 
_struct_ref_seq_dif.pdbx_seq_db_name 
_struct_ref_seq_dif.pdbx_seq_db_accession_code 
_struct_ref_seq_dif.db_mon_id 
_struct_ref_seq_dif.pdbx_seq_db_seq_num 
_struct_ref_seq_dif.details 
_struct_ref_seq_dif.pdbx_auth_seq_num 
_struct_ref_seq_dif.pdbx_ordinal 
1 7RMA GLY A 1  ? UNP P0CG47 ?   ?  'expression tag'   -5 1  
1 7RMA ALA A 2  ? UNP P0CG47 ?   ?  'expression tag'   -4 2  
1 7RMA ALA A 3  ? UNP P0CG47 ?   ?  'expression tag'   -3 3  
1 7RMA GLN A 4  ? UNP P0CG47 ?   ?  'expression tag'   -2 4  
1 7RMA PRO A 5  ? UNP P0CG47 ?   ?  'expression tag'   -1 5  
1 7RMA ALA A 6  ? UNP P0CG47 ?   ?  'expression tag'   0  6  
1 7RMA ARG A 12 ? UNP P0CG47 LYS 6  variant            6  7  
1 7RMA HIS A 14 ? UNP P0CG47 LEU 8  variant            8  8  
1 7RMA ALA A 15 ? UNP P0CG47 THR 9  variant            9  9  
1 7RMA MET A 16 ? UNP P0CG47 GLY 10 variant            10 10 
1 7RMA ARG A 17 ? UNP P0CG47 LYS 11 variant            11 11 
1 7RMA ASP A 19 ? UNP P0CG47 ILE 13 variant            13 12 
1 7RMA VAL A 20 ? UNP P0CG47 THR 14 variant            14 13 
1 7RMA ARG A 68 ? UNP P0CG47 GLN 62 variant            62 14 
1 7RMA GLN A 69 ? UNP P0CG47 LYS 63 variant            63 15 
1 7RMA ILE A 72 ? UNP P0CG47 THR 66 variant            66 16 
1 7RMA LEU A 76 ? UNP P0CG47 VAL 70 variant            70 17 
1 7RMA TRP A 78 ? UNP P0CG47 ARG 72 variant            72 18 
1 7RMA PRO A 79 ? UNP P0CG47 LEU 73 variant            73 19 
1 7RMA SER A 81 ? UNP P0CG47 GLY 75 variant            75 20 
1 7RMA LEU A 82 ? UNP P0CG47 GLY 76 variant            76 21 
1 7RMA ARG A 83 ? UNP P0CG47 MET 77 variant            77 22 
1 7RMA ALA A 84 ? UNP P0CG47 GLN 78 variant            78 23 
1 7RMA GLY A 85 ? UNP P0CG47 ILE 79 variant            79 24 
1 7RMA ALA A 86 ? UNP P0CG47 ?   ?  'cloning artifact' 80 25 
1 7RMA ALA A 87 ? UNP P0CG47 ?   ?  'cloning artifact' 81 26 
1 7RMA ALA A 88 ? UNP P0CG47 ?   ?  'cloning artifact' 82 27 
# 
loop_
_chem_comp.id 
_chem_comp.type 
_chem_comp.mon_nstd_flag 
_chem_comp.name 
_chem_comp.pdbx_synonyms 
_chem_comp.formula 
_chem_comp.formula_weight 
ALA 'L-peptide linking' y ALANINE         ? 'C3 H7 N O2'     89.093  
ARG 'L-peptide linking' y ARGININE        ? 'C6 H15 N4 O2 1' 175.209 
ASN 'L-peptide linking' y ASPARAGINE      ? 'C4 H8 N2 O3'    132.118 
ASP 'L-peptide linking' y 'ASPARTIC ACID' ? 'C4 H7 N O4'     133.103 
GLN 'L-peptide linking' y GLUTAMINE       ? 'C5 H10 N2 O3'   146.144 
GLU 'L-peptide linking' y 'GLUTAMIC ACID' ? 'C5 H9 N O4'     147.129 
GLY 'peptide linking'   y GLYCINE         ? 'C2 H5 N O2'     75.067  
HIS 'L-peptide linking' y HISTIDINE       ? 'C6 H10 N3 O2 1' 156.162 
HOH non-polymer         . WATER           ? 'H2 O'           18.015  
ILE 'L-peptide linking' y ISOLEUCINE      ? 'C6 H13 N O2'    131.173 
LEU 'L-peptide linking' y LEUCINE         ? 'C6 H13 N O2'    131.173 
LYS 'L-peptide linking' y LYSINE          ? 'C6 H15 N2 O2 1' 147.195 
MET 'L-peptide linking' y METHIONINE      ? 'C5 H11 N O2 S'  149.211 
NA  non-polymer         . 'SODIUM ION'    ? 'Na 1'           22.990  
PHE 'L-peptide linking' y PHENYLALANINE   ? 'C9 H11 N O2'    165.189 
PRO 'L-peptide linking' y PROLINE         ? 'C5 H9 N O2'     115.130 
SER 'L-peptide linking' y SERINE          ? 'C3 H7 N O3'     105.093 
SO4 non-polymer         . 'SULFATE ION'   ? 'O4 S -2'        96.063  
THR 'L-peptide linking' y THREONINE       ? 'C4 H9 N O3'     119.119 
TRP 'L-peptide linking' y TRYPTOPHAN      ? 'C11 H12 N2 O2'  204.225 
TYR 'L-peptide linking' y TYROSINE        ? 'C9 H11 N O3'    181.189 
VAL 'L-peptide linking' y VALINE          ? 'C5 H11 N O2'    117.146 
# 
_exptl.absorpt_coefficient_mu     ? 
_exptl.absorpt_correction_T_max   ? 
_exptl.absorpt_correction_T_min   ? 
_exptl.absorpt_correction_type    ? 
_exptl.absorpt_process_details    ? 
_exptl.entry_id                   7RMA 
_exptl.crystals_number            1 
_exptl.details                    ? 
_exptl.method                     'X-RAY DIFFRACTION' 
_exptl.method_details             ? 
# 
_exptl_crystal.colour                      ? 
_exptl_crystal.density_diffrn              ? 
_exptl_crystal.density_Matthews            1.80 
_exptl_crystal.density_method              ? 
_exptl_crystal.density_percent_sol         31.68 
_exptl_crystal.description                 ? 
_exptl_crystal.F_000                       ? 
_exptl_crystal.id                          1 
_exptl_crystal.preparation                 ? 
_exptl_crystal.size_max                    ? 
_exptl_crystal.size_mid                    ? 
_exptl_crystal.size_min                    ? 
_exptl_crystal.size_rad                    ? 
_exptl_crystal.colour_lustre               ? 
_exptl_crystal.colour_modifier             ? 
_exptl_crystal.colour_primary              ? 
_exptl_crystal.density_meas                ? 
_exptl_crystal.density_meas_esd            ? 
_exptl_crystal.density_meas_gt             ? 
_exptl_crystal.density_meas_lt             ? 
_exptl_crystal.density_meas_temp           ? 
_exptl_crystal.density_meas_temp_esd       ? 
_exptl_crystal.density_meas_temp_gt        ? 
_exptl_crystal.density_meas_temp_lt        ? 
_exptl_crystal.pdbx_crystal_image_url      ? 
_exptl_crystal.pdbx_crystal_image_format   ? 
_exptl_crystal.pdbx_mosaicity              ? 
_exptl_crystal.pdbx_mosaicity_esd          ? 
# 
_exptl_crystal_grow.apparatus       ? 
_exptl_crystal_grow.atmosphere      ? 
_exptl_crystal_grow.crystal_id      1 
_exptl_crystal_grow.details         ? 
_exptl_crystal_grow.method          'VAPOR DIFFUSION, HANGING DROP' 
_exptl_crystal_grow.method_ref      ? 
_exptl_crystal_grow.pH              4.5 
_exptl_crystal_grow.pressure        ? 
_exptl_crystal_grow.pressure_esd    ? 
_exptl_crystal_grow.seeding         ? 
_exptl_crystal_grow.seeding_ref     ? 
_exptl_crystal_grow.temp            298 
_exptl_crystal_grow.temp_details    'room temperature' 
_exptl_crystal_grow.temp_esd        ? 
_exptl_crystal_grow.time            ? 
_exptl_crystal_grow.pdbx_details    
'0.1M Li2SO4, 0.1M sodium acetate pH 4.5 and 50% PEG 400.  Crystals were cryoprotected in this buffer plus 20% ethylene glycol' 
_exptl_crystal_grow.pdbx_pH_range   ? 
# 
_diffrn.ambient_environment              ? 
_diffrn.ambient_temp                     100 
_diffrn.ambient_temp_details             ? 
_diffrn.ambient_temp_esd                 ? 
_diffrn.crystal_id                       1 
_diffrn.crystal_support                  ? 
_diffrn.crystal_treatment                ? 
_diffrn.details                          ? 
_diffrn.id                               1 
_diffrn.ambient_pressure                 ? 
_diffrn.ambient_pressure_esd             ? 
_diffrn.ambient_pressure_gt              ? 
_diffrn.ambient_pressure_lt              ? 
_diffrn.ambient_temp_gt                  ? 
_diffrn.ambient_temp_lt                  ? 
_diffrn.pdbx_serial_crystal_experiment   N 
# 
_diffrn_detector.details                      mirrors 
_diffrn_detector.detector                     PIXEL 
_diffrn_detector.diffrn_id                    1 
_diffrn_detector.type                         'DECTRIS PILATUS 6M' 
_diffrn_detector.area_resol_mean              ? 
_diffrn_detector.dtime                        ? 
_diffrn_detector.pdbx_frames_total            ? 
_diffrn_detector.pdbx_collection_time_total   ? 
_diffrn_detector.pdbx_collection_date         2018-06-02 
_diffrn_detector.pdbx_frequency               ? 
# 
_diffrn_radiation.collimation                      ? 
_diffrn_radiation.diffrn_id                        1 
_diffrn_radiation.filter_edge                      ? 
_diffrn_radiation.inhomogeneity                    ? 
_diffrn_radiation.monochromator                    ? 
_diffrn_radiation.polarisn_norm                    ? 
_diffrn_radiation.polarisn_ratio                   ? 
_diffrn_radiation.probe                            ? 
_diffrn_radiation.type                             ? 
_diffrn_radiation.xray_symbol                      ? 
_diffrn_radiation.wavelength_id                    1 
_diffrn_radiation.pdbx_monochromatic_or_laue_m_l   M 
_diffrn_radiation.pdbx_wavelength_list             ? 
_diffrn_radiation.pdbx_wavelength                  ? 
_diffrn_radiation.pdbx_diffrn_protocol             'SINGLE WAVELENGTH' 
_diffrn_radiation.pdbx_analyzer                    ? 
_diffrn_radiation.pdbx_scattering_type             x-ray 
# 
_diffrn_radiation_wavelength.id           1 
_diffrn_radiation_wavelength.wavelength   0.97920 
_diffrn_radiation_wavelength.wt           1.0 
# 
_diffrn_source.current                     ? 
_diffrn_source.details                     ? 
_diffrn_source.diffrn_id                   1 
_diffrn_source.power                       ? 
_diffrn_source.size                        ? 
_diffrn_source.source                      SYNCHROTRON 
_diffrn_source.target                      ? 
_diffrn_source.type                        'APS BEAMLINE 24-ID-C' 
_diffrn_source.voltage                     ? 
_diffrn_source.take-off_angle              ? 
_diffrn_source.pdbx_wavelength_list        0.97920 
_diffrn_source.pdbx_wavelength             ? 
_diffrn_source.pdbx_synchrotron_beamline   24-ID-C 
_diffrn_source.pdbx_synchrotron_site       APS 
# 
_reflns.B_iso_Wilson_estimate                          32.92 
_reflns.entry_id                                       7RMA 
_reflns.data_reduction_details                         ? 
_reflns.data_reduction_method                          ? 
_reflns.d_resolution_high                              1.98 
_reflns.d_resolution_low                               32.36 
_reflns.details                                        ? 
_reflns.limit_h_max                                    ? 
_reflns.limit_h_min                                    ? 
_reflns.limit_k_max                                    ? 
_reflns.limit_k_min                                    ? 
_reflns.limit_l_max                                    ? 
_reflns.limit_l_min                                    ? 
_reflns.number_all                                     ? 
_reflns.number_obs                                     6724 
_reflns.observed_criterion                             ? 
_reflns.observed_criterion_F_max                       ? 
_reflns.observed_criterion_F_min                       ? 
_reflns.observed_criterion_I_max                       ? 
_reflns.observed_criterion_I_min                       ? 
_reflns.observed_criterion_sigma_F                     ? 
_reflns.observed_criterion_sigma_I                     ? 
_reflns.percent_possible_obs                           99.9 
_reflns.R_free_details                                 ? 
_reflns.Rmerge_F_all                                   ? 
_reflns.Rmerge_F_obs                                   ? 
_reflns.Friedel_coverage                               ? 
_reflns.number_gt                                      ? 
_reflns.threshold_expression                           ? 
_reflns.pdbx_redundancy                                7.0 
_reflns.pdbx_Rmerge_I_obs                              0.067 
_reflns.pdbx_Rmerge_I_all                              ? 
_reflns.pdbx_Rsym_value                                ? 
_reflns.pdbx_netI_over_av_sigmaI                       ? 
_reflns.pdbx_netI_over_sigmaI                          14.0 
_reflns.pdbx_res_netI_over_av_sigmaI_2                 ? 
_reflns.pdbx_res_netI_over_sigmaI_2                    ? 
_reflns.pdbx_chi_squared                               ? 
_reflns.pdbx_scaling_rejects                           ? 
_reflns.pdbx_d_res_high_opt                            ? 
_reflns.pdbx_d_res_low_opt                             ? 
_reflns.pdbx_d_res_opt_method                          ? 
_reflns.phase_calculation_details                      ? 
_reflns.pdbx_Rrim_I_all                                0.077 
_reflns.pdbx_Rpim_I_all                                ? 
_reflns.pdbx_d_opt                                     ? 
_reflns.pdbx_number_measured_all                       ? 
_reflns.pdbx_diffrn_id                                 1 
_reflns.pdbx_ordinal                                   1 
_reflns.pdbx_CC_half                                   0.998 
_reflns.pdbx_CC_star                                   ? 
_reflns.pdbx_R_split                                   ? 
_reflns.pdbx_aniso_diffraction_limit_axis_1_ortho[1]   ? 
_reflns.pdbx_aniso_diffraction_limit_axis_1_ortho[2]   ? 
_reflns.pdbx_aniso_diffraction_limit_axis_1_ortho[3]   ? 
_reflns.pdbx_aniso_diffraction_limit_axis_2_ortho[1]   ? 
_reflns.pdbx_aniso_diffraction_limit_axis_2_ortho[2]   ? 
_reflns.pdbx_aniso_diffraction_limit_axis_2_ortho[3]   ? 
_reflns.pdbx_aniso_diffraction_limit_axis_3_ortho[1]   ? 
_reflns.pdbx_aniso_diffraction_limit_axis_3_ortho[2]   ? 
_reflns.pdbx_aniso_diffraction_limit_axis_3_ortho[3]   ? 
_reflns.pdbx_aniso_diffraction_limit_1                 ? 
_reflns.pdbx_aniso_diffraction_limit_2                 ? 
_reflns.pdbx_aniso_diffraction_limit_3                 ? 
_reflns.pdbx_aniso_B_tensor_eigenvector_1_ortho[1]     ? 
_reflns.pdbx_aniso_B_tensor_eigenvector_1_ortho[2]     ? 
_reflns.pdbx_aniso_B_tensor_eigenvector_1_ortho[3]     ? 
_reflns.pdbx_aniso_B_tensor_eigenvector_2_ortho[1]     ? 
_reflns.pdbx_aniso_B_tensor_eigenvector_2_ortho[2]     ? 
_reflns.pdbx_aniso_B_tensor_eigenvector_2_ortho[3]     ? 
_reflns.pdbx_aniso_B_tensor_eigenvector_3_ortho[1]     ? 
_reflns.pdbx_aniso_B_tensor_eigenvector_3_ortho[2]     ? 
_reflns.pdbx_aniso_B_tensor_eigenvector_3_ortho[3]     ? 
_reflns.pdbx_aniso_B_tensor_eigenvalue_1               ? 
_reflns.pdbx_aniso_B_tensor_eigenvalue_2               ? 
_reflns.pdbx_aniso_B_tensor_eigenvalue_3               ? 
_reflns.pdbx_orthogonalization_convention              ? 
_reflns.pdbx_percent_possible_ellipsoidal              ? 
_reflns.pdbx_percent_possible_spherical                ? 
_reflns.pdbx_percent_possible_ellipsoidal_anomalous    ? 
_reflns.pdbx_percent_possible_spherical_anomalous      ? 
_reflns.pdbx_redundancy_anomalous                      ? 
_reflns.pdbx_CC_half_anomalous                         ? 
_reflns.pdbx_absDiff_over_sigma_anomalous              ? 
_reflns.pdbx_percent_possible_anomalous                ? 
_reflns.pdbx_observed_signal_threshold                 ? 
_reflns.pdbx_signal_type                               ? 
_reflns.pdbx_signal_details                            ? 
_reflns.pdbx_signal_software_id                        ? 
# 
_reflns_shell.d_res_high                                    1.98 
_reflns_shell.d_res_low                                     2.03 
_reflns_shell.meanI_over_sigI_all                           ? 
_reflns_shell.meanI_over_sigI_obs                           3.4 
_reflns_shell.number_measured_all                           ? 
_reflns_shell.number_measured_obs                           ? 
_reflns_shell.number_possible                               ? 
_reflns_shell.number_unique_all                             ? 
_reflns_shell.number_unique_obs                             448 
_reflns_shell.percent_possible_all                          100 
_reflns_shell.percent_possible_obs                          ? 
_reflns_shell.Rmerge_F_all                                  ? 
_reflns_shell.Rmerge_F_obs                                  ? 
_reflns_shell.Rmerge_I_all                                  ? 
_reflns_shell.Rmerge_I_obs                                  0.511 
_reflns_shell.meanI_over_sigI_gt                            ? 
_reflns_shell.meanI_over_uI_all                             ? 
_reflns_shell.meanI_over_uI_gt                              ? 
_reflns_shell.number_measured_gt                            ? 
_reflns_shell.number_unique_gt                              ? 
_reflns_shell.percent_possible_gt                           ? 
_reflns_shell.Rmerge_F_gt                                   ? 
_reflns_shell.Rmerge_I_gt                                   ? 
_reflns_shell.pdbx_redundancy                               6.8 
_reflns_shell.pdbx_Rsym_value                               0.595 
_reflns_shell.pdbx_chi_squared                              ? 
_reflns_shell.pdbx_netI_over_sigmaI_all                     ? 
_reflns_shell.pdbx_netI_over_sigmaI_obs                     ? 
_reflns_shell.pdbx_Rrim_I_all                               ? 
_reflns_shell.pdbx_Rpim_I_all                               ? 
_reflns_shell.pdbx_rejects                                  ? 
_reflns_shell.pdbx_ordinal                                  1 
_reflns_shell.pdbx_diffrn_id                                1 
_reflns_shell.pdbx_CC_half                                  0.953 
_reflns_shell.pdbx_CC_star                                  ? 
_reflns_shell.pdbx_R_split                                  ? 
_reflns_shell.pdbx_percent_possible_ellipsoidal             ? 
_reflns_shell.pdbx_percent_possible_spherical               ? 
_reflns_shell.pdbx_percent_possible_ellipsoidal_anomalous   ? 
_reflns_shell.pdbx_percent_possible_spherical_anomalous     ? 
_reflns_shell.pdbx_redundancy_anomalous                     ? 
_reflns_shell.pdbx_CC_half_anomalous                        ? 
_reflns_shell.pdbx_absDiff_over_sigma_anomalous             ? 
_reflns_shell.pdbx_percent_possible_anomalous               ? 
# 
_refine.aniso_B[1][1]                            ? 
_refine.aniso_B[1][2]                            ? 
_refine.aniso_B[1][3]                            ? 
_refine.aniso_B[2][2]                            ? 
_refine.aniso_B[2][3]                            ? 
_refine.aniso_B[3][3]                            ? 
_refine.B_iso_max                                ? 
_refine.B_iso_mean                               47.37 
_refine.B_iso_min                                ? 
_refine.correlation_coeff_Fo_to_Fc               ? 
_refine.correlation_coeff_Fo_to_Fc_free          ? 
_refine.details                                  ? 
_refine.diff_density_max                         ? 
_refine.diff_density_max_esd                     ? 
_refine.diff_density_min                         ? 
_refine.diff_density_min_esd                     ? 
_refine.diff_density_rms                         ? 
_refine.diff_density_rms_esd                     ? 
_refine.entry_id                                 7RMA 
_refine.pdbx_refine_id                           'X-RAY DIFFRACTION' 
_refine.ls_abs_structure_details                 ? 
_refine.ls_abs_structure_Flack                   ? 
_refine.ls_abs_structure_Flack_esd               ? 
_refine.ls_abs_structure_Rogers                  ? 
_refine.ls_abs_structure_Rogers_esd              ? 
_refine.ls_d_res_high                            2.00 
_refine.ls_d_res_low                             32.36 
_refine.ls_extinction_coef                       ? 
_refine.ls_extinction_coef_esd                   ? 
_refine.ls_extinction_expression                 ? 
_refine.ls_extinction_method                     ? 
_refine.ls_goodness_of_fit_all                   ? 
_refine.ls_goodness_of_fit_all_esd               ? 
_refine.ls_goodness_of_fit_obs                   ? 
_refine.ls_goodness_of_fit_obs_esd               ? 
_refine.ls_hydrogen_treatment                    ? 
_refine.ls_matrix_type                           ? 
_refine.ls_number_constraints                    ? 
_refine.ls_number_parameters                     ? 
_refine.ls_number_reflns_all                     ? 
_refine.ls_number_reflns_obs                     6482 
_refine.ls_number_reflns_R_free                  648 
_refine.ls_number_reflns_R_work                  5834 
_refine.ls_number_restraints                     ? 
_refine.ls_percent_reflns_obs                    99.51 
_refine.ls_percent_reflns_R_free                 10.00 
_refine.ls_R_factor_all                          ? 
_refine.ls_R_factor_obs                          0.2119 
_refine.ls_R_factor_R_free                       0.2464 
_refine.ls_R_factor_R_free_error                 ? 
_refine.ls_R_factor_R_free_error_details         ? 
_refine.ls_R_factor_R_work                       0.2077 
_refine.ls_R_Fsqd_factor_obs                     ? 
_refine.ls_R_I_factor_obs                        ? 
_refine.ls_redundancy_reflns_all                 ? 
_refine.ls_redundancy_reflns_obs                 ? 
_refine.ls_restrained_S_all                      ? 
_refine.ls_restrained_S_obs                      ? 
_refine.ls_shift_over_esd_max                    ? 
_refine.ls_shift_over_esd_mean                   ? 
_refine.ls_structure_factor_coef                 ? 
_refine.ls_weighting_details                     ? 
_refine.ls_weighting_scheme                      ? 
_refine.ls_wR_factor_all                         ? 
_refine.ls_wR_factor_obs                         ? 
_refine.ls_wR_factor_R_free                      ? 
_refine.ls_wR_factor_R_work                      ? 
_refine.occupancy_max                            ? 
_refine.occupancy_min                            ? 
_refine.solvent_model_details                    'FLAT BULK SOLVENT MODEL' 
_refine.solvent_model_param_bsol                 ? 
_refine.solvent_model_param_ksol                 ? 
_refine.pdbx_R_complete                          ? 
_refine.ls_R_factor_gt                           ? 
_refine.ls_goodness_of_fit_gt                    ? 
_refine.ls_goodness_of_fit_ref                   ? 
_refine.ls_shift_over_su_max                     ? 
_refine.ls_shift_over_su_max_lt                  ? 
_refine.ls_shift_over_su_mean                    ? 
_refine.ls_shift_over_su_mean_lt                 ? 
_refine.pdbx_ls_sigma_I                          ? 
_refine.pdbx_ls_sigma_F                          1.38 
_refine.pdbx_ls_sigma_Fsqd                       ? 
_refine.pdbx_data_cutoff_high_absF               ? 
_refine.pdbx_data_cutoff_high_rms_absF           ? 
_refine.pdbx_data_cutoff_low_absF                ? 
_refine.pdbx_isotropic_thermal_model             ? 
_refine.pdbx_ls_cross_valid_method               'FREE R-VALUE' 
_refine.pdbx_method_to_determine_struct          'MOLECULAR REPLACEMENT' 
_refine.pdbx_starting_model                      'UbV from PDB 6CRN' 
_refine.pdbx_stereochemistry_target_values       'GeoStd + Monomer Library' 
_refine.pdbx_R_Free_selection_details            ? 
_refine.pdbx_stereochem_target_val_spec_case     ? 
_refine.pdbx_overall_ESU_R                       ? 
_refine.pdbx_overall_ESU_R_Free                  ? 
_refine.pdbx_solvent_vdw_probe_radii             1.1100 
_refine.pdbx_solvent_ion_probe_radii             ? 
_refine.pdbx_solvent_shrinkage_radii             0.9000 
_refine.pdbx_real_space_R                        ? 
_refine.pdbx_density_correlation                 ? 
_refine.pdbx_pd_number_of_powder_patterns        ? 
_refine.pdbx_pd_number_of_points                 ? 
_refine.pdbx_pd_meas_number_of_points            ? 
_refine.pdbx_pd_proc_ls_prof_R_factor            ? 
_refine.pdbx_pd_proc_ls_prof_wR_factor           ? 
_refine.pdbx_pd_Marquardt_correlation_coeff      ? 
_refine.pdbx_pd_Fsqrd_R_factor                   ? 
_refine.pdbx_pd_ls_matrix_band_width             ? 
_refine.pdbx_overall_phase_error                 29.0478 
_refine.pdbx_overall_SU_R_free_Cruickshank_DPI   ? 
_refine.pdbx_overall_SU_R_free_Blow_DPI          ? 
_refine.pdbx_overall_SU_R_Blow_DPI               ? 
_refine.pdbx_TLS_residual_ADP_flag               ? 
_refine.pdbx_diffrn_id                           1 
_refine.overall_SU_B                             ? 
_refine.overall_SU_ML                            0.2217 
_refine.overall_SU_R_Cruickshank_DPI             ? 
_refine.overall_SU_R_free                        ? 
_refine.overall_FOM_free_R_set                   ? 
_refine.overall_FOM_work_R_set                   ? 
_refine.pdbx_average_fsc_overall                 ? 
_refine.pdbx_average_fsc_work                    ? 
_refine.pdbx_average_fsc_free                    ? 
# 
_refine_hist.pdbx_refine_id                   'X-RAY DIFFRACTION' 
_refine_hist.cycle_id                         LAST 
_refine_hist.details                          ? 
_refine_hist.d_res_high                       2.00 
_refine_hist.d_res_low                        32.36 
_refine_hist.number_atoms_solvent             17 
_refine_hist.number_atoms_total               769 
_refine_hist.number_reflns_all                ? 
_refine_hist.number_reflns_obs                ? 
_refine_hist.number_reflns_R_free             ? 
_refine_hist.number_reflns_R_work             ? 
_refine_hist.R_factor_all                     ? 
_refine_hist.R_factor_obs                     ? 
_refine_hist.R_factor_R_free                  ? 
_refine_hist.R_factor_R_work                  ? 
_refine_hist.pdbx_number_residues_total       ? 
_refine_hist.pdbx_B_iso_mean_ligand           ? 
_refine_hist.pdbx_B_iso_mean_solvent          ? 
_refine_hist.pdbx_number_atoms_protein        746 
_refine_hist.pdbx_number_atoms_nucleic_acid   0 
_refine_hist.pdbx_number_atoms_ligand         6 
_refine_hist.pdbx_number_atoms_lipid          ? 
_refine_hist.pdbx_number_atoms_carb           ? 
_refine_hist.pdbx_pseudo_atom_details         ? 
# 
loop_
_refine_ls_restr.pdbx_refine_id 
_refine_ls_restr.criterion 
_refine_ls_restr.dev_ideal 
_refine_ls_restr.dev_ideal_target 
_refine_ls_restr.number 
_refine_ls_restr.rejects 
_refine_ls_restr.type 
_refine_ls_restr.weight 
_refine_ls_restr.pdbx_restraint_function 
'X-RAY DIFFRACTION' ? 0.0064  ? 780  ? f_bond_d           ? ? 
'X-RAY DIFFRACTION' ? 0.7255  ? 1058 ? f_angle_d          ? ? 
'X-RAY DIFFRACTION' ? 0.0522  ? 122  ? f_chiral_restr     ? ? 
'X-RAY DIFFRACTION' ? 0.0055  ? 139  ? f_plane_restr      ? ? 
'X-RAY DIFFRACTION' ? 19.3274 ? 483  ? f_dihedral_angle_d ? ? 
# 
loop_
_refine_ls_shell.pdbx_refine_id 
_refine_ls_shell.d_res_high 
_refine_ls_shell.d_res_low 
_refine_ls_shell.number_reflns_all 
_refine_ls_shell.number_reflns_obs 
_refine_ls_shell.number_reflns_R_free 
_refine_ls_shell.number_reflns_R_work 
_refine_ls_shell.percent_reflns_obs 
_refine_ls_shell.percent_reflns_R_free 
_refine_ls_shell.R_factor_all 
_refine_ls_shell.R_factor_obs 
_refine_ls_shell.R_factor_R_free 
_refine_ls_shell.R_factor_R_free_error 
_refine_ls_shell.R_factor_R_work 
_refine_ls_shell.redundancy_reflns_all 
_refine_ls_shell.redundancy_reflns_obs 
_refine_ls_shell.wR_factor_all 
_refine_ls_shell.wR_factor_obs 
_refine_ls_shell.wR_factor_R_free 
_refine_ls_shell.wR_factor_R_work 
_refine_ls_shell.pdbx_R_complete 
_refine_ls_shell.pdbx_total_number_of_bins_used 
_refine_ls_shell.pdbx_phase_error 
_refine_ls_shell.pdbx_fsc_work 
_refine_ls_shell.pdbx_fsc_free 
'X-RAY DIFFRACTION' 2.00 2.15  . . 125 1128 99.44 . . . 0.2927 . 0.2731 . . . . . . . . . . . 
'X-RAY DIFFRACTION' 2.15 2.37  . . 125 1132 99.29 . . . 0.3428 . 0.2492 . . . . . . . . . . . 
'X-RAY DIFFRACTION' 2.37 2.71  . . 129 1150 99.77 . . . 0.2664 . 0.2425 . . . . . . . . . . . 
'X-RAY DIFFRACTION' 2.71 3.42  . . 130 1169 99.39 . . . 0.2139 . 0.2191 . . . . . . . . . . . 
'X-RAY DIFFRACTION' 3.42 32.36 . . 139 1255 99.64 . . . 0.2326 . 0.1780 . . . . . . . . . . . 
# 
_struct.entry_id                     7RMA 
_struct.title                        
'Structure of the fourth UIM (Ubiquitin Interacting Motif) of ANKRD13D in complex with a high affinity UbV (Ubiquitin Variant)' 
_struct.pdbx_model_details           ? 
_struct.pdbx_formula_weight          ? 
_struct.pdbx_formula_weight_method   ? 
_struct.pdbx_model_type_details      ? 
_struct.pdbx_CASP_flag               N 
# 
_struct_keywords.entry_id        7RMA 
_struct_keywords.text            
;Ubiquitin-interacting motif, UIM, Ubiquitin Variant, protein engineering, protein recognition, strand-exchange dimer, PROTEIN BINDING
;
_struct_keywords.pdbx_keywords   'PROTEIN BINDING' 
# 
loop_
_struct_asym.id 
_struct_asym.pdbx_blank_PDB_chainid_flag 
_struct_asym.pdbx_modified 
_struct_asym.entity_id 
_struct_asym.details 
A N N 1 ? 
B N N 2 ? 
C N N 3 ? 
D N N 4 ? 
E N N 5 ? 
F N N 5 ? 
# 
loop_
_struct_conf.conf_type_id 
_struct_conf.id 
_struct_conf.pdbx_PDB_helix_id 
_struct_conf.beg_label_comp_id 
_struct_conf.beg_label_asym_id 
_struct_conf.beg_label_seq_id 
_struct_conf.pdbx_beg_PDB_ins_code 
_struct_conf.end_label_comp_id 
_struct_conf.end_label_asym_id 
_struct_conf.end_label_seq_id 
_struct_conf.pdbx_end_PDB_ins_code 
_struct_conf.beg_auth_comp_id 
_struct_conf.beg_auth_asym_id 
_struct_conf.beg_auth_seq_id 
_struct_conf.end_auth_comp_id 
_struct_conf.end_auth_asym_id 
_struct_conf.end_auth_seq_id 
_struct_conf.pdbx_PDB_helix_class 
_struct_conf.details 
_struct_conf.pdbx_PDB_helix_length 
HELX_P HELX_P1 AA1 THR A 28 ? GLY A 41 ? THR A 22 GLY A 35 1 ? 14 
HELX_P HELX_P2 AA2 PRO A 43 ? ASP A 45 ? PRO A 37 ASP A 39 5 ? 3  
HELX_P HELX_P3 AA3 LEU A 62 ? ASN A 66 ? LEU A 56 ASN A 60 5 ? 5  
HELX_P HELX_P4 AA4 GLN B 3  ? LEU B 17 ? GLN C 5  LEU C 19 1 ? 15 
# 
_struct_conf_type.id          HELX_P 
_struct_conf_type.criteria    ? 
_struct_conf_type.reference   ? 
# 
_struct_sheet.id               AA1 
_struct_sheet.type             ? 
_struct_sheet.number_strands   3 
_struct_sheet.details          ? 
# 
loop_
_struct_sheet_order.sheet_id 
_struct_sheet_order.range_id_1 
_struct_sheet_order.range_id_2 
_struct_sheet_order.offset 
_struct_sheet_order.sense 
AA1 1 2 ? anti-parallel 
AA1 2 3 ? anti-parallel 
# 
loop_
_struct_sheet_range.sheet_id 
_struct_sheet_range.id 
_struct_sheet_range.beg_label_comp_id 
_struct_sheet_range.beg_label_asym_id 
_struct_sheet_range.beg_label_seq_id 
_struct_sheet_range.pdbx_beg_PDB_ins_code 
_struct_sheet_range.end_label_comp_id 
_struct_sheet_range.end_label_asym_id 
_struct_sheet_range.end_label_seq_id 
_struct_sheet_range.pdbx_end_PDB_ins_code 
_struct_sheet_range.beg_auth_comp_id 
_struct_sheet_range.beg_auth_asym_id 
_struct_sheet_range.beg_auth_seq_id 
_struct_sheet_range.end_auth_comp_id 
_struct_sheet_range.end_auth_asym_id 
_struct_sheet_range.end_auth_seq_id 
AA1 1 LYS A 54 ? GLN A 55 ? LYS A 48 GLN A 49 
AA1 2 GLN A 47 ? PHE A 51 ? GLN A 41 PHE A 45 
AA1 3 HIS A 74 ? LEU A 77 ? HIS A 68 LEU A 71 
# 
loop_
_pdbx_struct_sheet_hbond.sheet_id 
_pdbx_struct_sheet_hbond.range_id_1 
_pdbx_struct_sheet_hbond.range_id_2 
_pdbx_struct_sheet_hbond.range_1_label_atom_id 
_pdbx_struct_sheet_hbond.range_1_label_comp_id 
_pdbx_struct_sheet_hbond.range_1_label_asym_id 
_pdbx_struct_sheet_hbond.range_1_label_seq_id 
_pdbx_struct_sheet_hbond.range_1_PDB_ins_code 
_pdbx_struct_sheet_hbond.range_1_auth_atom_id 
_pdbx_struct_sheet_hbond.range_1_auth_comp_id 
_pdbx_struct_sheet_hbond.range_1_auth_asym_id 
_pdbx_struct_sheet_hbond.range_1_auth_seq_id 
_pdbx_struct_sheet_hbond.range_2_label_atom_id 
_pdbx_struct_sheet_hbond.range_2_label_comp_id 
_pdbx_struct_sheet_hbond.range_2_label_asym_id 
_pdbx_struct_sheet_hbond.range_2_label_seq_id 
_pdbx_struct_sheet_hbond.range_2_PDB_ins_code 
_pdbx_struct_sheet_hbond.range_2_auth_atom_id 
_pdbx_struct_sheet_hbond.range_2_auth_comp_id 
_pdbx_struct_sheet_hbond.range_2_auth_asym_id 
_pdbx_struct_sheet_hbond.range_2_auth_seq_id 
AA1 1 2 O LYS A 54 ? O LYS A 48 N PHE A 51 ? N PHE A 45 
AA1 2 3 N ILE A 50 ? N ILE A 44 O HIS A 74 ? O HIS A 68 
# 
_atom_sites.entry_id                    7RMA 
_atom_sites.Cartn_transf_matrix[1][1]   ? 
_atom_sites.Cartn_transf_matrix[1][2]   ? 
_atom_sites.Cartn_transf_matrix[1][3]   ? 
_atom_sites.Cartn_transf_matrix[2][1]   ? 
_atom_sites.Cartn_transf_matrix[2][2]   ? 
_atom_sites.Cartn_transf_matrix[2][3]   ? 
_atom_sites.Cartn_transf_matrix[3][1]   ? 
_atom_sites.Cartn_transf_matrix[3][2]   ? 
_atom_sites.Cartn_transf_matrix[3][3]   ? 
_atom_sites.Cartn_transf_vector[1]      ? 
_atom_sites.Cartn_transf_vector[2]      ? 
_atom_sites.Cartn_transf_vector[3]      ? 
_atom_sites.fract_transf_matrix[1][1]   0.01723000 
_atom_sites.fract_transf_matrix[1][2]   -0.01338653 
_atom_sites.fract_transf_matrix[1][3]   -0.00112380 
_atom_sites.fract_transf_matrix[2][1]   -0.00576836 
_atom_sites.fract_transf_matrix[2][2]   -0.00572196 
_atom_sites.fract_transf_matrix[2][3]   -0.02028103 
_atom_sites.fract_transf_matrix[3][1]   0.00658026 
_atom_sites.fract_transf_matrix[3][2]   0.00883595 
_atom_sites.fract_transf_matrix[3][3]   -0.00436448 
_atom_sites.fract_transf_vector[1]      -0.044434 
_atom_sites.fract_transf_vector[2]      -0.183275 
_atom_sites.fract_transf_vector[3]      0.171694 
_atom_sites.solution_primary            ? 
_atom_sites.solution_secondary          ? 
_atom_sites.solution_hydrogens          ? 
_atom_sites.special_details             ? 
# 
loop_
_atom_type.symbol 
_atom_type.scat_dispersion_real 
_atom_type.scat_dispersion_imag 
_atom_type.scat_Cromer_Mann_a1 
_atom_type.scat_Cromer_Mann_a2 
_atom_type.scat_Cromer_Mann_b1 
_atom_type.scat_Cromer_Mann_b2 
_atom_type.scat_Cromer_Mann_c 
_atom_type.scat_source 
_atom_type.scat_dispersion_source 
C  ? ? 3.54356 2.42580 25.62398 1.50364  0.0 
;2-Gaussian fit: Grosse-Kunstleve RW, Sauter NK, Adams PD: Newsletter of the IUCr Commission on Crystallographic Computing 2004, 3, 22-31.
;
? 
N  ? ? 4.01032 2.96436 19.97189 1.75589  0.0 
;2-Gaussian fit: Grosse-Kunstleve RW, Sauter NK, Adams PD: Newsletter of the IUCr Commission on Crystallographic Computing 2004, 3, 22-31.
;
? 
NA ? ? 9.38062 1.54875 3.38349  72.32734 0.0 
;2-Gaussian fit: Grosse-Kunstleve RW, Sauter NK, Adams PD: Newsletter of the IUCr Commission on Crystallographic Computing 2004, 3, 22-31.
;
? 
O  ? ? 4.49882 3.47563 15.80542 1.70748  0.0 
;2-Gaussian fit: Grosse-Kunstleve RW, Sauter NK, Adams PD: Newsletter of the IUCr Commission on Crystallographic Computing 2004, 3, 22-31.
;
? 
S  ? ? 9.55732 6.39887 1.23737  29.19336 0.0 
;2-Gaussian fit: Grosse-Kunstleve RW, Sauter NK, Adams PD: Newsletter of the IUCr Commission on Crystallographic Computing 2004, 3, 22-31.
;
? 
# 
loop_
_atom_site.group_PDB 
_atom_site.id 
_atom_site.type_symbol 
_atom_site.label_atom_id 
_atom_site.label_alt_id 
_atom_site.label_comp_id 
_atom_site.label_asym_id 
_atom_site.label_entity_id 
_atom_site.label_seq_id 
_atom_site.pdbx_PDB_ins_code 
_atom_site.Cartn_x 
_atom_site.Cartn_y 
_atom_site.Cartn_z 
_atom_site.occupancy 
_atom_site.B_iso_or_equiv 
_atom_site.pdbx_formal_charge 
_atom_site.auth_seq_id 
_atom_site.auth_comp_id 
_atom_site.auth_asym_id 
_atom_site.auth_atom_id 
_atom_site.pdbx_PDB_model_num 
ATOM   1   N  N   . ALA A 1 6  ? 12.88060  -14.23526 -30.43816 1.000 77.20306  ? 0   ALA A N   1 
ATOM   2   C  CA  . ALA A 1 6  ? 12.38080  -13.87609 -29.11339 1.000 74.97318  ? 0   ALA A CA  1 
ATOM   3   C  C   . ALA A 1 6  ? 13.53204  -13.78186 -28.11786 1.000 72.18395  ? 0   ALA A C   1 
ATOM   4   O  O   . ALA A 1 6  ? 14.31451  -14.72262 -27.95642 1.000 72.34381  ? 0   ALA A O   1 
ATOM   5   C  CB  . ALA A 1 6  ? 11.34193  -14.88133 -28.64281 1.000 75.76550  ? 0   ALA A CB  1 
ATOM   6   N  N   . MET A 1 7  ? 13.63212  -12.63704 -27.45173 1.000 68.28810  ? 1   MET A N   1 
ATOM   7   C  CA  . MET A 1 7  ? 14.70277  -12.36897 -26.50655 1.000 62.10549  ? 1   MET A CA  1 
ATOM   8   C  C   . MET A 1 7  ? 14.14231  -12.35065 -25.09094 1.000 54.75306  ? 1   MET A C   1 
ATOM   9   O  O   . MET A 1 7  ? 13.04853  -11.82984 -24.85077 1.000 51.67230  ? 1   MET A O   1 
ATOM   10  C  CB  . MET A 1 7  ? 15.38088  -11.03286 -26.82499 1.000 71.85544  ? 1   MET A CB  1 
ATOM   11  C  CG  . MET A 1 7  ? 16.86114  -10.97484 -26.53742 1.000 78.39516  ? 1   MET A CG  1 
ATOM   12  S  SD  . MET A 1 7  ? 17.55492  -9.38148  -27.02211 1.000 85.41962  ? 1   MET A SD  1 
ATOM   13  C  CE  . MET A 1 7  ? 16.66157  -8.27339  -25.93368 1.000 85.40787  ? 1   MET A CE  1 
ATOM   14  N  N   . GLN A 1 8  ? 14.89342  -12.92176 -24.15807 1.000 47.04174  ? 2   GLN A N   1 
ATOM   15  C  CA  . GLN A 1 8  ? 14.53684  -12.93199 -22.74741 1.000 47.29881  ? 2   GLN A CA  1 
ATOM   16  C  C   . GLN A 1 8  ? 15.40456  -11.95416 -21.96300 1.000 45.23513  ? 2   GLN A C   1 
ATOM   17  O  O   . GLN A 1 8  ? 16.63316  -12.01287 -22.04411 1.000 54.87618  ? 2   GLN A O   1 
ATOM   18  C  CB  . GLN A 1 8  ? 14.71350  -14.32975 -22.18505 1.000 52.30879  ? 2   GLN A CB  1 
ATOM   19  C  CG  . GLN A 1 8  ? 14.80314  -14.38647 -20.69655 1.000 47.23758  ? 2   GLN A CG  1 
ATOM   20  C  CD  . GLN A 1 8  ? 15.11953  -15.77898 -20.24383 1.000 46.91310  ? 2   GLN A CD  1 
ATOM   21  O  OE1 . GLN A 1 8  ? 15.02875  -16.72846 -21.02754 1.000 45.85537  ? 2   GLN A OE1 1 
ATOM   22  N  NE2 . GLN A 1 8  ? 15.51035  -15.91763 -18.98655 1.000 48.00961  ? 2   GLN A NE2 1 
ATOM   23  N  N   . ILE A 1 9  ? 14.76984  -11.06991 -21.19180 1.000 38.05096  ? 3   ILE A N   1 
ATOM   24  C  CA  . ILE A 1 9  ? 15.47503  -10.14506 -20.30769 1.000 36.38609  ? 3   ILE A CA  1 
ATOM   25  C  C   . ILE A 1 9  ? 14.79297  -10.15686 -18.94940 1.000 40.33262  ? 3   ILE A C   1 
ATOM   26  O  O   . ILE A 1 9  ? 13.68125  -10.66953 -18.78762 1.000 39.00065  ? 3   ILE A O   1 
ATOM   27  C  CB  . ILE A 1 9  ? 15.53091  -8.70305  -20.85907 1.000 41.47143  ? 3   ILE A CB  1 
ATOM   28  C  CG1 . ILE A 1 9  ? 14.14485  -8.06267  -20.83806 1.000 38.71570  ? 3   ILE A CG1 1 
ATOM   29  C  CG2 . ILE A 1 9  ? 16.11336  -8.68244  -22.26784 1.000 46.64286  ? 3   ILE A CG2 1 
ATOM   30  C  CD1 . ILE A 1 9  ? 14.13679  -6.61670  -21.26738 1.000 39.96213  ? 3   ILE A CD1 1 
ATOM   31  N  N   . PHE A 1 10 ? 15.48087  -9.60194  -17.96033 1.000 33.43487  ? 4   PHE A N   1 
ATOM   32  C  CA  . PHE A 1 10 ? 14.93158  -9.47947  -16.61688 1.000 41.65674  ? 4   PHE A CA  1 
ATOM   33  C  C   . PHE A 1 10 ? 14.71064  -8.01093  -16.31203 1.000 36.96943  ? 4   PHE A C   1 
ATOM   34  O  O   . PHE A 1 10 ? 15.53325  -7.16889  -16.68046 1.000 36.20503  ? 4   PHE A O   1 
ATOM   35  C  CB  . PHE A 1 10 ? 15.86645  -10.09707 -15.57197 1.000 31.80366  ? 4   PHE A CB  1 
ATOM   36  C  CG  . PHE A 1 10 ? 16.15356  -11.55087 -15.80892 1.000 34.37374  ? 4   PHE A CG  1 
ATOM   37  C  CD1 . PHE A 1 10 ? 15.24448  -12.52684 -15.42511 1.000 36.55705  ? 4   PHE A CD1 1 
ATOM   38  C  CD2 . PHE A 1 10 ? 17.32961  -11.94156 -16.41552 1.000 38.51791  ? 4   PHE A CD2 1 
ATOM   39  C  CE1 . PHE A 1 10 ? 15.51405  -13.87566 -15.65124 1.000 38.29446  ? 4   PHE A CE1 1 
ATOM   40  C  CE2 . PHE A 1 10 ? 17.60339  -13.27928 -16.64360 1.000 39.34222  ? 4   PHE A CE2 1 
ATOM   41  C  CZ  . PHE A 1 10 ? 16.70499  -14.24310 -16.25747 1.000 35.41805  ? 4   PHE A CZ  1 
ATOM   42  N  N   . VAL A 1 11 ? 13.60758  -7.69229  -15.64364 1.000 31.45508  ? 5   VAL A N   1 
ATOM   43  C  CA  . VAL A 1 11 ? 13.41125  -6.34532  -15.11173 1.000 30.42454  ? 5   VAL A CA  1 
ATOM   44  C  C   . VAL A 1 11 ? 13.26035  -6.45257  -13.60381 1.000 29.94379  ? 5   VAL A C   1 
ATOM   45  O  O   . VAL A 1 11 ? 12.34685  -7.12691  -13.10131 1.000 32.13040  ? 5   VAL A O   1 
ATOM   46  C  CB  . VAL A 1 11 ? 12.21669  -5.61715  -15.73930 1.000 36.24151  ? 5   VAL A CB  1 
ATOM   47  C  CG1 . VAL A 1 11 ? 12.08062  -4.22790  -15.10767 1.000 30.55320  ? 5   VAL A CG1 1 
ATOM   48  C  CG2 . VAL A 1 11 ? 12.39336  -5.50567  -17.25623 1.000 32.74078  ? 5   VAL A CG2 1 
ATOM   49  N  N   . ARG A 1 12 ? 14.17538  -5.81753  -12.88073 1.000 28.19647  ? 6   ARG A N   1 
ATOM   50  C  CA  . ARG A 1 12 ? 14.09326  -5.70229  -11.43167 1.000 27.64056  ? 6   ARG A CA  1 
ATOM   51  C  C   . ARG A 1 12 ? 13.39550  -4.39014  -11.09386 1.000 31.47132  ? 6   ARG A C   1 
ATOM   52  O  O   . ARG A 1 12 ? 13.87609  -3.31138  -11.45721 1.000 33.68890  ? 6   ARG A O   1 
ATOM   53  C  CB  . ARG A 1 12 ? 15.49182  -5.75429  -10.82306 1.000 28.73474  ? 6   ARG A CB  1 
ATOM   54  C  CG  . ARG A 1 12 ? 15.52645  -5.72560  -9.32242  1.000 40.83088  ? 6   ARG A CG  1 
ATOM   55  C  CD  . ARG A 1 12 ? 15.20850  -7.09110  -8.75081  1.000 42.37988  ? 6   ARG A CD  1 
ATOM   56  N  NE  . ARG A 1 12 ? 15.10531  -7.08953  -7.29153  1.000 48.71136  ? 6   ARG A NE  1 
ATOM   57  C  CZ  . ARG A 1 12 ? 14.48501  -8.04356  -6.59970  1.000 56.49864  ? 6   ARG A CZ  1 
ATOM   58  N  NH1 . ARG A 1 12 ? 13.91446  -9.05093  -7.24144  1.000 51.87847  ? 6   ARG A NH1 1 
ATOM   59  N  NH2 . ARG A 1 12 ? 14.42267  -7.99017  -5.27581  1.000 64.66920  ? 6   ARG A NH2 1 
ATOM   60  N  N   . THR A 1 13 ? 12.25868  -4.47026  -10.42121 1.000 29.58049  ? 7   THR A N   1 
ATOM   61  C  CA  . THR A 1 13 ? 11.49473  -3.27559  -10.09075 1.000 29.68793  ? 7   THR A CA  1 
ATOM   62  C  C   . THR A 1 13 ? 11.91456  -2.74192  -8.72412  1.000 32.50350  ? 7   THR A C   1 
ATOM   63  O  O   . THR A 1 13 ? 12.15094  -3.51475  -7.79118  1.000 36.13531  ? 7   THR A O   1 
ATOM   64  C  CB  . THR A 1 13 ? 9.99765   -3.58714  -10.12252 1.000 36.07293  ? 7   THR A CB  1 
ATOM   65  O  OG1 . THR A 1 13 ? 9.63953   -4.02691  -11.43686 1.000 42.90348  ? 7   THR A OG1 1 
ATOM   66  C  CG2 . THR A 1 13 ? 9.16478   -2.36617  -9.76321  1.000 46.69691  ? 7   THR A CG2 1 
ATOM   67  N  N   . HIS A 1 14 ? 12.01844  -1.41560  -8.61213  1.000 29.22033  ? 8   HIS A N   1 
ATOM   68  C  CA  . HIS A 1 14 ? 12.40309  -0.75996  -7.36521  1.000 30.25758  ? 8   HIS A CA  1 
ATOM   69  C  C   . HIS A 1 14 ? 11.45316  0.37737   -7.05215  1.000 28.67168  ? 8   HIS A C   1 
ATOM   70  O  O   . HIS A 1 14 ? 11.11958  1.17926   -7.93048  1.000 29.63814  ? 8   HIS A O   1 
ATOM   71  C  CB  . HIS A 1 14 ? 13.81638  -0.16862  -7.40944  1.000 31.31350  ? 8   HIS A CB  1 
ATOM   72  C  CG  . HIS A 1 14 ? 14.86817  -1.14490  -7.79745  1.000 26.65578  ? 8   HIS A CG  1 
ATOM   73  N  ND1 . HIS A 1 14 ? 15.54892  -1.90641  -6.87556  1.000 24.95163  ? 8   HIS A ND1 1 
ATOM   74  C  CD2 . HIS A 1 14 ? 15.36121  -1.47932  -9.00836  1.000 23.80547  ? 8   HIS A CD2 1 
ATOM   75  C  CE1 . HIS A 1 14 ? 16.41989  -2.67461  -7.50783  1.000 23.70392  ? 8   HIS A CE1 1 
ATOM   76  N  NE2 . HIS A 1 14 ? 16.32454  -2.43241  -8.80044  1.000 25.44261  ? 8   HIS A NE2 1 
ATOM   77  N  N   . ALA A 1 15 ? 11.07003  0.46522   -5.78860  1.000 28.49600  ? 9   ALA A N   1 
ATOM   78  C  CA  . ALA A 1 15 ? 10.40211  1.62808   -5.23982  1.000 34.61786  ? 9   ALA A CA  1 
ATOM   79  C  C   . ALA A 1 15 ? 10.68191  1.58915   -3.75278  1.000 40.23227  ? 9   ALA A C   1 
ATOM   80  O  O   . ALA A 1 15 ? 10.45408  0.56281   -3.10514  1.000 51.68362  ? 9   ALA A O   1 
ATOM   81  C  CB  . ALA A 1 15 ? 8.89989   1.61612   -5.52449  1.000 38.22442  ? 9   ALA A CB  1 
ATOM   82  N  N   . MET A 1 16 ? 11.21847  2.67160   -3.22750  1.000 38.26531  ? 10  MET A N   1 
ATOM   83  C  CA  . MET A 1 16 ? 11.43792  2.74734   -1.79954  1.000 43.15133  ? 10  MET A CA  1 
ATOM   84  C  C   . MET A 1 16 ? 11.37196  4.22916   -1.43775  1.000 46.33216  ? 10  MET A C   1 
ATOM   85  O  O   . MET A 1 16 ? 12.37724  4.90306   -1.20050  1.000 55.87416  ? 10  MET A O   1 
ATOM   86  C  CB  . MET A 1 16 ? 12.76394  2.10440   -1.38617  1.000 43.33424  ? 10  MET A CB  1 
ATOM   87  N  N   . ARG A 1 17 ? 10.15637  4.76556   -1.41896  1.000 35.95305  ? 11  ARG A N   1 
ATOM   88  C  CA  . ARG A 1 17 ? 9.98629   6.17531   -1.10374  1.000 33.40743  ? 11  ARG A CA  1 
ATOM   89  C  C   . ARG A 1 17 ? 8.81350   6.36586   -0.15959  1.000 33.86855  ? 11  ARG A C   1 
ATOM   90  O  O   . ARG A 1 17 ? 7.90098   5.53835   -0.07795  1.000 35.52500  ? 11  ARG A O   1 
ATOM   91  C  CB  . ARG A 1 17 ? 9.78182   7.01553   -2.36746  1.000 42.61898  ? 11  ARG A CB  1 
ATOM   92  C  CG  . ARG A 1 17 ? 8.72418   6.46125   -3.28885  1.000 49.47423  ? 11  ARG A CG  1 
ATOM   93  C  CD  . ARG A 1 17 ? 8.44866   7.44237   -4.41343  1.000 49.27637  ? 11  ARG A CD  1 
ATOM   94  N  NE  . ARG A 1 17 ? 7.87567   8.68981   -3.92041  1.000 38.83171  ? 11  ARG A NE  1 
ATOM   95  C  CZ  . ARG A 1 17 ? 8.51954   9.85218   -3.89301  1.000 50.25399  ? 11  ARG A CZ  1 
ATOM   96  N  NH1 . ARG A 1 17 ? 9.76892   9.93693   -4.33613  1.000 54.50257  ? 11  ARG A NH1 1 
ATOM   97  N  NH2 . ARG A 1 17 ? 7.91375   10.93341  -3.42892  1.000 47.81774  ? 11  ARG A NH2 1 
ATOM   98  N  N   . THR A 1 18 ? 8.85065   7.48425   0.55284   1.000 34.71969  ? 12  THR A N   1 
ATOM   99  C  CA  . THR A 1 18 ? 7.79161   7.88824   1.46019   1.000 35.55616  ? 12  THR A CA  1 
ATOM   100 C  C   . THR A 1 18 ? 7.02462   9.05623   0.85323   1.000 40.82790  ? 12  THR A C   1 
ATOM   101 O  O   . THR A 1 18 ? 7.63356   10.00725  0.34474   1.000 41.12248  ? 12  THR A O   1 
ATOM   102 C  CB  . THR A 1 18 ? 8.38102   8.29189   2.81323   1.000 40.03689  ? 12  THR A CB  1 
ATOM   103 O  OG1 . THR A 1 18 ? 9.19578   7.22642   3.32121   1.000 34.01943  ? 12  THR A OG1 1 
ATOM   104 C  CG2 . THR A 1 18 ? 7.27778   8.63102   3.81359   1.000 37.10834  ? 12  THR A CG2 1 
ATOM   105 N  N   . ASP A 1 19 ? 5.69651   8.98035   0.90416   1.000 38.46509  ? 13  ASP A N   1 
ATOM   106 C  CA  . ASP A 1 19 ? 4.81008   10.03813  0.43875   1.000 43.70841  ? 13  ASP A CA  1 
ATOM   107 C  C   . ASP A 1 19 ? 3.89671   10.46734  1.57780   1.000 41.51203  ? 13  ASP A C   1 
ATOM   108 O  O   . ASP A 1 19 ? 3.53207   9.65906   2.42954   1.000 40.83432  ? 13  ASP A O   1 
ATOM   109 C  CB  . ASP A 1 19 ? 3.96421   9.57715   -0.75960  1.000 43.38970  ? 13  ASP A CB  1 
ATOM   110 C  CG  . ASP A 1 19 ? 4.78591   9.43495   -2.03958  1.000 50.62960  ? 13  ASP A CG  1 
ATOM   111 O  OD1 . ASP A 1 19 ? 5.67236   10.27768  -2.27962  1.000 49.75498  ? 13  ASP A OD1 1 
ATOM   112 O  OD2 . ASP A 1 19 ? 4.53819   8.48560   -2.81528  1.000 52.70170  ? 13  ASP A OD2 1 
ATOM   113 N  N   A VAL A 1 20 ? 3.54692   11.75092  1.59327   0.418 43.28834  ? 14  VAL A N   1 
ATOM   114 N  N   B VAL A 1 20 ? 3.54281   11.75095  1.58897   0.582 43.29340  ? 14  VAL A N   1 
ATOM   115 C  CA  A VAL A 1 20 ? 2.62706   12.31363  2.57584   0.418 44.67105  ? 14  VAL A CA  1 
ATOM   116 C  CA  B VAL A 1 20 ? 2.63385   12.32492  2.57667   0.582 44.67679  ? 14  VAL A CA  1 
ATOM   117 C  C   A VAL A 1 20 ? 1.28072   12.52599  1.89889   0.418 52.86549  ? 14  VAL A C   1 
ATOM   118 C  C   B VAL A 1 20 ? 1.28448   12.54304  1.90681   0.582 53.87493  ? 14  VAL A C   1 
ATOM   119 O  O   A VAL A 1 20 ? 1.21566   13.03113  0.77024   0.418 47.42590  ? 14  VAL A O   1 
ATOM   120 O  O   B VAL A 1 20 ? 1.21907   13.08678  0.79660   0.582 47.48121  ? 14  VAL A O   1 
ATOM   121 C  CB  A VAL A 1 20 ? 3.15576   13.63189  3.17171   0.418 45.58454  ? 14  VAL A CB  1 
ATOM   122 C  CB  B VAL A 1 20 ? 3.16857   13.65189  3.14741   0.582 45.59907  ? 14  VAL A CB  1 
ATOM   123 C  CG1 A VAL A 1 20 ? 4.36404   13.37319  4.04554   0.418 43.98575  ? 14  VAL A CG1 1 
ATOM   124 C  CG1 B VAL A 1 20 ? 2.36089   14.06633  4.36659   0.582 46.82117  ? 14  VAL A CG1 1 
ATOM   125 C  CG2 A VAL A 1 20 ? 3.50568   14.61814  2.06981   0.418 46.65608  ? 14  VAL A CG2 1 
ATOM   126 C  CG2 B VAL A 1 20 ? 4.65224   13.55005  3.47949   0.582 43.99932  ? 14  VAL A CG2 1 
ATOM   127 N  N   . LEU A 1 21 ? 0.20840   12.13063  2.58147   1.000 47.20870  ? 15  LEU A N   1 
ATOM   128 C  CA  . LEU A 1 21 ? -1.14688  12.32550  2.08817   1.000 49.20348  ? 15  LEU A CA  1 
ATOM   129 C  C   . LEU A 1 21 ? -1.97554  13.06534  3.12442   1.000 53.12358  ? 15  LEU A C   1 
ATOM   130 O  O   . LEU A 1 21 ? -1.91068  12.76226  4.31910   1.000 50.60333  ? 15  LEU A O   1 
ATOM   131 C  CB  . LEU A 1 21 ? -1.83392  10.99958  1.74307   1.000 52.00357  ? 15  LEU A CB  1 
ATOM   132 C  CG  . LEU A 1 21 ? -1.15637  10.16426  0.66016   1.000 47.09285  ? 15  LEU A CG  1 
ATOM   133 C  CD1 . LEU A 1 21 ? -1.96750  8.92592   0.33178   1.000 49.43551  ? 15  LEU A CD1 1 
ATOM   134 C  CD2 . LEU A 1 21 ? -0.92890  11.00037  -0.58785  1.000 49.55667  ? 15  LEU A CD2 1 
ATOM   135 N  N   . GLU A 1 22 ? -2.73911  14.05012  2.65642   1.000 53.29573  ? 16  GLU A N   1 
ATOM   136 C  CA  . GLU A 1 22 ? -3.75851  14.71523  3.45662   1.000 55.51922  ? 16  GLU A CA  1 
ATOM   137 C  C   . GLU A 1 22 ? -5.09114  14.04550  3.14490   1.000 56.79284  ? 16  GLU A C   1 
ATOM   138 O  O   . GLU A 1 22 ? -5.57952  14.11420  2.01216   1.000 57.70990  ? 16  GLU A O   1 
ATOM   139 C  CB  . GLU A 1 22 ? -3.80345  16.21195  3.15581   1.000 57.42251  ? 16  GLU A CB  1 
ATOM   140 C  CG  . GLU A 1 22 ? -2.59424  16.98977  3.66194   1.000 56.63769  ? 16  GLU A CG  1 
ATOM   141 C  CD  . GLU A 1 22 ? -2.61918  17.19804  5.16639   1.000 56.93317  ? 16  GLU A CD  1 
ATOM   142 O  OE1 . GLU A 1 22 ? -1.67385  16.75435  5.84738   1.000 55.09477  ? 16  GLU A OE1 1 
ATOM   143 O  OE2 . GLU A 1 22 ? -3.58973  17.80147  5.66882   1.000 59.15482  ? 16  GLU A OE2 1 
ATOM   144 N  N   . VAL A 1 23 ? -5.67330  13.38721  4.14138   1.000 58.98928  ? 17  VAL A N   1 
ATOM   145 C  CA  . VAL A 1 23 ? -6.86176  12.56970  3.95566   1.000 59.97180  ? 17  VAL A CA  1 
ATOM   146 C  C   . VAL A 1 23 ? -7.82778  12.83406  5.10400   1.000 64.50446  ? 17  VAL A C   1 
ATOM   147 O  O   . VAL A 1 23 ? -7.52600  13.56787  6.04570   1.000 60.68657  ? 17  VAL A O   1 
ATOM   148 C  CB  . VAL A 1 23 ? -6.52891  11.06534  3.87017   1.000 57.22761  ? 17  VAL A CB  1 
ATOM   149 C  CG1 . VAL A 1 23 ? -5.69226  10.76338  2.62932   1.000 56.79530  ? 17  VAL A CG1 1 
ATOM   150 C  CG2 . VAL A 1 23 ? -5.79805  10.61753  5.12301   1.000 56.67230  ? 17  VAL A CG2 1 
ATOM   151 N  N   . GLU A 1 24 ? -9.00168  12.22057  5.01927   1.000 64.87276  ? 18  GLU A N   1 
ATOM   152 C  CA  . GLU A 1 24 ? -9.99063  12.32443  6.07817   1.000 68.19255  ? 18  GLU A CA  1 
ATOM   153 C  C   . GLU A 1 24 ? -10.26346 10.95650  6.68649   1.000 64.98731  ? 18  GLU A C   1 
ATOM   154 O  O   . GLU A 1 24 ? -10.23212 9.94067   5.98438   1.000 63.46208  ? 18  GLU A O   1 
ATOM   155 C  CB  . GLU A 1 24 ? -11.30195 12.92439  5.55876   1.000 73.32912  ? 18  GLU A CB  1 
ATOM   156 C  CG  . GLU A 1 24 ? -11.24158 14.42387  5.37125   1.000 81.89539  ? 18  GLU A CG  1 
ATOM   157 C  CD  . GLU A 1 24 ? -11.32413 15.17009  6.69006   1.000 89.52837  ? 18  GLU A CD  1 
ATOM   158 O  OE1 . GLU A 1 24 ? -12.40976 15.16339  7.31314   1.000 94.45822  ? 18  GLU A OE1 1 
ATOM   159 O  OE2 . GLU A 1 24 ? -10.30505 15.75777  7.10894   1.000 90.40577  ? 18  GLU A OE2 1 
ATOM   160 N  N   . PRO A 1 25 ? -10.51448 10.89974  7.99590   1.000 67.16325  ? 19  PRO A N   1 
ATOM   161 C  CA  . PRO A 1 25 ? -10.81678 9.60519   8.62806   1.000 66.49418  ? 19  PRO A CA  1 
ATOM   162 C  C   . PRO A 1 25 ? -11.98317 8.88987   7.97899   1.000 67.96660  ? 19  PRO A C   1 
ATOM   163 O  O   . PRO A 1 25 ? -11.99947 7.65308   7.93502   1.000 64.81543  ? 19  PRO A O   1 
ATOM   164 C  CB  . PRO A 1 25 ? -11.12892 9.99216   10.07930  1.000 69.03182  ? 19  PRO A CB  1 
ATOM   165 C  CG  . PRO A 1 25 ? -10.43481 11.30340  10.28049  1.000 70.13906  ? 19  PRO A CG  1 
ATOM   166 C  CD  . PRO A 1 25 ? -10.49981 12.00930  8.96386   1.000 68.65009  ? 19  PRO A CD  1 
ATOM   167 N  N   . SER A 1 26 ? -12.95207 9.63737   7.45881   1.000 68.26607  ? 20  SER A N   1 
ATOM   168 C  CA  . SER A 1 26 ? -14.09323 9.07932   6.75057   1.000 70.06678  ? 20  SER A CA  1 
ATOM   169 C  C   . SER A 1 26 ? -13.73849 8.53351   5.37397   1.000 68.26729  ? 20  SER A C   1 
ATOM   170 O  O   . SER A 1 26 ? -14.58862 7.89775   4.74305   1.000 69.48023  ? 20  SER A O   1 
ATOM   171 C  CB  . SER A 1 26 ? -15.17317 10.15009  6.60817   1.000 73.47307  ? 20  SER A CB  1 
ATOM   172 O  OG  . SER A 1 26 ? -14.58162 11.38750  6.22941   1.000 73.07368  ? 20  SER A OG  1 
ATOM   173 N  N   . ASP A 1 27 ? -12.52341 8.76561   4.88700   1.000 65.62258  ? 21  ASP A N   1 
ATOM   174 C  CA  . ASP A 1 27 ? -12.15699 8.28362   3.56271   1.000 64.10544  ? 21  ASP A CA  1 
ATOM   175 C  C   . ASP A 1 27 ? -12.01574 6.77001   3.54810   1.000 62.52112  ? 21  ASP A C   1 
ATOM   176 O  O   . ASP A 1 27 ? -11.48606 6.16837   4.48450   1.000 61.13014  ? 21  ASP A O   1 
ATOM   177 C  CB  . ASP A 1 27 ? -10.84500 8.90933   3.09787   1.000 73.32370  ? 21  ASP A CB  1 
ATOM   178 C  CG  . ASP A 1 27 ? -11.02205 10.31586  2.60580   1.000 76.24878  ? 21  ASP A CG  1 
ATOM   179 O  OD1 . ASP A 1 27 ? -10.27657 11.20444  3.06589   1.000 79.50545  ? 21  ASP A OD1 1 
ATOM   180 O  OD2 . ASP A 1 27 ? -11.91704 10.53423  1.76366   1.000 77.98374  ? 21  ASP A OD2 1 
ATOM   181 N  N   . THR A 1 28 ? -12.46939 6.16039   2.45946   1.000 62.81352  ? 22  THR A N   1 
ATOM   182 C  CA  . THR A 1 28 ? -12.22209 4.74804   2.25196   1.000 61.15783  ? 22  THR A CA  1 
ATOM   183 C  C   . THR A 1 28 ? -10.77905 4.50822   1.82588   1.000 63.75543  ? 22  THR A C   1 
ATOM   184 O  O   . THR A 1 28 ? -10.06132 5.40821   1.36052   1.000 57.15638  ? 22  THR A O   1 
ATOM   185 C  CB  . THR A 1 28 ? -13.16262 4.17950   1.19075   1.000 65.76372  ? 22  THR A CB  1 
ATOM   186 O  OG1 . THR A 1 28 ? -13.03827 4.93554   -0.02161  1.000 63.87988  ? 22  THR A OG1 1 
ATOM   187 C  CG2 . THR A 1 28 ? -14.59335 4.23682   1.67112   1.000 68.48472  ? 22  THR A CG2 1 
ATOM   188 N  N   . ILE A 1 29 ? -10.36158 3.25640   1.98416   1.000 50.41859  ? 23  ILE A N   1 
ATOM   189 C  CA  . ILE A 1 29 ? -9.05655  2.83959   1.49731   1.000 48.52195  ? 23  ILE A CA  1 
ATOM   190 C  C   . ILE A 1 29 ? -8.92768  3.13097   0.00259   1.000 49.10789  ? 23  ILE A C   1 
ATOM   191 O  O   . ILE A 1 29 ? -7.83830  3.44613   -0.48257  1.000 47.90951  ? 23  ILE A O   1 
ATOM   192 C  CB  . ILE A 1 29 ? -8.85294  1.35458   1.85536   1.000 46.14869  ? 23  ILE A CB  1 
ATOM   193 C  CG1 . ILE A 1 29 ? -8.97073  1.18200   3.37240   1.000 50.03387  ? 23  ILE A CG1 1 
ATOM   194 C  CG2 . ILE A 1 29 ? -7.51341  0.82875   1.37513   1.000 46.51564  ? 23  ILE A CG2 1 
ATOM   195 C  CD1 . ILE A 1 29 ? -8.01101  2.04160   4.17806   1.000 44.06663  ? 23  ILE A CD1 1 
ATOM   196 N  N   . GLU A 1 30 ? -10.03659 3.07341   -0.73807  1.000 48.18805  ? 24  GLU A N   1 
ATOM   197 C  CA  . GLU A 1 30 ? -10.01453 3.41187   -2.15879  1.000 60.71346  ? 24  GLU A CA  1 
ATOM   198 C  C   . GLU A 1 30 ? -9.73126  4.89219   -2.37401  1.000 59.62158  ? 24  GLU A C   1 
ATOM   199 O  O   . GLU A 1 30 ? -8.91280  5.25811   -3.22307  1.000 64.16448  ? 24  GLU A O   1 
ATOM   200 C  CB  . GLU A 1 30 ? -11.33839 3.03109   -2.81303  1.000 63.85598  ? 24  GLU A CB  1 
ATOM   201 C  CG  . GLU A 1 30 ? -11.34614 1.62840   -3.32475  1.000 67.39150  ? 24  GLU A CG  1 
ATOM   202 C  CD  . GLU A 1 30 ? -10.52433 1.45719   -4.58398  1.000 66.82429  ? 24  GLU A CD  1 
ATOM   203 O  OE1 . GLU A 1 30 ? -10.58191 2.35342   -5.45239  1.000 69.34553  ? 24  GLU A OE1 1 
ATOM   204 O  OE2 . GLU A 1 30 ? -9.82386  0.42646   -4.70702  1.000 63.79584  ? 24  GLU A OE2 1 
ATOM   205 N  N   . ASN A 1 31 ? -10.42042 5.75892   -1.62922  1.000 55.13103  ? 25  ASN A N   1 
ATOM   206 C  CA  . ASN A 1 31 ? -10.13241 7.18400   -1.70726  1.000 58.49496  ? 25  ASN A CA  1 
ATOM   207 C  C   . ASN A 1 31 ? -8.67491  7.46161   -1.36432  1.000 58.34198  ? 25  ASN A C   1 
ATOM   208 O  O   . ASN A 1 31 ? -8.04571  8.34197   -1.96067  1.000 60.05313  ? 25  ASN A O   1 
ATOM   209 C  CB  . ASN A 1 31 ? -11.07658 7.95568   -0.78935  1.000 59.90528  ? 25  ASN A CB  1 
ATOM   210 C  CG  . ASN A 1 31 ? -12.53697 7.72265   -1.13584  1.000 69.99679  ? 25  ASN A CG  1 
ATOM   211 O  OD1 . ASN A 1 31 ? -13.34892 7.38932   -0.27043  1.000 72.61877  ? 25  ASN A OD1 1 
ATOM   212 N  ND2 . ASN A 1 31 ? -12.87644 7.88667   -2.41337  1.000 76.82052  ? 25  ASN A ND2 1 
ATOM   213 N  N   . VAL A 1 32 ? -8.10846  6.70178   -0.42632  1.000 47.78066  ? 26  VAL A N   1 
ATOM   214 C  CA  . VAL A 1 32 ? -6.66936  6.77898   -0.19214  1.000 52.77803  ? 26  VAL A CA  1 
ATOM   215 C  C   . VAL A 1 32 ? -5.91512  6.24852   -1.40542  1.000 51.37974  ? 26  VAL A C   1 
ATOM   216 O  O   . VAL A 1 32 ? -4.95957  6.86792   -1.88629  1.000 52.30901  ? 26  VAL A O   1 
ATOM   217 C  CB  . VAL A 1 32 ? -6.28081  6.01356   1.08542   1.000 52.99535  ? 26  VAL A CB  1 
ATOM   218 C  CG1 . VAL A 1 32 ? -4.80456  6.21964   1.38852   1.000 49.90606  ? 26  VAL A CG1 1 
ATOM   219 C  CG2 . VAL A 1 32 ? -7.15203  6.43689   2.25993   1.000 46.09821  ? 26  VAL A CG2 1 
ATOM   220 N  N   . LYS A 1 33 ? -6.34302  5.09465   -1.92244  1.000 46.29638  ? 27  LYS A N   1 
ATOM   221 C  CA  . LYS A 1 33 ? -5.70368  4.53779   -3.10821  1.000 48.09996  ? 27  LYS A CA  1 
ATOM   222 C  C   . LYS A 1 33 ? -5.81139  5.49063   -4.29153  1.000 48.42720  ? 27  LYS A C   1 
ATOM   223 O  O   . LYS A 1 33 ? -4.93172  5.50292   -5.16015  1.000 49.07109  ? 27  LYS A O   1 
ATOM   224 C  CB  . LYS A 1 33 ? -6.31819  3.17587   -3.44766  1.000 46.72483  ? 27  LYS A CB  1 
ATOM   225 C  CG  . LYS A 1 33 ? -5.75799  2.02033   -2.63756  1.000 45.45370  ? 27  LYS A CG  1 
ATOM   226 C  CD  . LYS A 1 33 ? -6.49689  0.70632   -2.90612  1.000 46.28677  ? 27  LYS A CD  1 
ATOM   227 C  CE  . LYS A 1 33 ? -5.83910  -0.45558  -2.16596  1.000 45.26535  ? 27  LYS A CE  1 
ATOM   228 N  NZ  . LYS A 1 33 ? -6.36509  -1.77395  -2.64122  1.000 59.69304  ? 27  LYS A NZ  1 
ATOM   229 N  N   . ALA A 1 34 ? -6.86444  6.30699   -4.32926  1.000 49.57942  ? 28  ALA A N   1 
ATOM   230 C  CA  . ALA A 1 34 ? -7.02106  7.28135   -5.40290  1.000 54.95107  ? 28  ALA A CA  1 
ATOM   231 C  C   . ALA A 1 34 ? -6.06647  8.46320   -5.24031  1.000 54.50821  ? 28  ALA A C   1 
ATOM   232 O  O   . ALA A 1 34 ? -5.52205  8.95946   -6.23156  1.000 57.50267  ? 28  ALA A O   1 
ATOM   233 C  CB  . ALA A 1 34 ? -8.47380  7.75941   -5.46262  1.000 55.56125  ? 28  ALA A CB  1 
ATOM   234 N  N   . LYS A 1 35 ? -5.86133  8.93664   -4.00749  1.000 54.90348  ? 29  LYS A N   1 
ATOM   235 C  CA  . LYS A 1 35 ? -4.84491  9.95511   -3.75969  1.000 52.22215  ? 29  LYS A CA  1 
ATOM   236 C  C   . LYS A 1 35 ? -3.46162  9.43200   -4.12432  1.000 53.63220  ? 29  LYS A C   1 
ATOM   237 O  O   . LYS A 1 35 ? -2.65118  10.14104  -4.73440  1.000 53.79680  ? 29  LYS A O   1 
ATOM   238 C  CB  . LYS A 1 35 ? -4.88131  10.38762  -2.29190  1.000 51.78279  ? 29  LYS A CB  1 
ATOM   239 C  CG  . LYS A 1 35 ? -6.16674  11.07320  -1.86454  1.000 53.14660  ? 29  LYS A CG  1 
ATOM   240 C  CD  . LYS A 1 35 ? -6.15051  12.54903  -2.21675  1.000 59.79793  ? 29  LYS A CD  1 
ATOM   241 C  CE  . LYS A 1 35 ? -7.52843  13.02703  -2.65351  1.000 63.45876  ? 29  LYS A CE  1 
ATOM   242 N  NZ  . LYS A 1 35 ? -7.51929  14.44457  -3.08945  1.000 60.76475  ? 29  LYS A NZ  1 
ATOM   243 N  N   . ILE A 1 36 ? -3.17178  8.18852   -3.73683  1.000 51.24068  ? 30  ILE A N   1 
ATOM   244 C  CA  . ILE A 1 36 ? -1.90501  7.55358   -4.08901  1.000 50.36433  ? 30  ILE A CA  1 
ATOM   245 C  C   . ILE A 1 36 ? -1.74087  7.49343   -5.59963  1.000 53.22497  ? 30  ILE A C   1 
ATOM   246 O  O   . ILE A 1 36 ? -0.67959  7.82778   -6.13992  1.000 53.61294  ? 30  ILE A O   1 
ATOM   247 C  CB  . ILE A 1 36 ? -1.82881  6.14861   -3.46407  1.000 48.53999  ? 30  ILE A CB  1 
ATOM   248 C  CG1 . ILE A 1 36 ? -1.55637  6.22988   -1.96550  1.000 48.00957  ? 30  ILE A CG1 1 
ATOM   249 C  CG2 . ILE A 1 36 ? -0.78656  5.29719   -4.16228  1.000 49.22679  ? 30  ILE A CG2 1 
ATOM   250 C  CD1 . ILE A 1 36 ? -1.89951  4.91841   -1.21515  1.000 46.07457  ? 30  ILE A CD1 1 
ATOM   251 N  N   . GLN A 1 37 ? -2.78681  7.05761   -6.30141  1.000 51.75020  ? 31  GLN A N   1 
ATOM   252 C  CA  . GLN A 1 37 ? -2.72708  6.95734   -7.75383  1.000 58.32207  ? 31  GLN A CA  1 
ATOM   253 C  C   . GLN A 1 37 ? -2.39198  8.30021   -8.39455  1.000 60.55359  ? 31  GLN A C   1 
ATOM   254 O  O   . GLN A 1 37 ? -1.71256  8.34587   -9.42646  1.000 57.93489  ? 31  GLN A O   1 
ATOM   255 C  CB  . GLN A 1 37 ? -4.05666  6.42294   -8.29045  1.000 53.81893  ? 31  GLN A CB  1 
ATOM   256 C  CG  . GLN A 1 37 ? -4.12505  6.37283   -9.80174  1.000 58.40738  ? 31  GLN A CG  1 
ATOM   257 C  CD  . GLN A 1 37 ? -5.43696  5.82717   -10.31578 1.000 62.29139  ? 31  GLN A CD  1 
ATOM   258 O  OE1 . GLN A 1 37 ? -6.50535  6.12350   -9.77573  1.000 67.39999  ? 31  GLN A OE1 1 
ATOM   259 N  NE2 . GLN A 1 37 ? -5.36555  5.02208   -11.36848 1.000 60.05515  ? 31  GLN A NE2 1 
ATOM   260 N  N   . ASP A 1 38 ? -2.84624  9.40061   -7.79220  1.000 63.66618  ? 32  ASP A N   1 
ATOM   261 C  CA  . ASP A 1 38 ? -2.50147  10.72741  -8.29816  1.000 68.62093  ? 32  ASP A CA  1 
ATOM   262 C  C   . ASP A 1 38 ? -1.00019  10.98019  -8.22539  1.000 70.61027  ? 32  ASP A C   1 
ATOM   263 O  O   . ASP A 1 38 ? -0.41388  11.58200  -9.13694  1.000 65.71705  ? 32  ASP A O   1 
ATOM   264 C  CB  . ASP A 1 38 ? -3.25496  11.79409  -7.50567  1.000 74.68820  ? 32  ASP A CB  1 
ATOM   265 C  CG  . ASP A 1 38 ? -4.74857  11.74937  -7.74645  1.000 82.24635  ? 32  ASP A CG  1 
ATOM   266 O  OD1 . ASP A 1 38 ? -5.16536  11.07821  -8.71486  1.000 83.98170  ? 32  ASP A OD1 1 
ATOM   267 O  OD2 . ASP A 1 38 ? -5.50464  12.38101  -6.97309  1.000 85.07500  ? 32  ASP A OD2 1 
ATOM   268 N  N   . LYS A 1 39 ? -0.36476  10.54267  -7.13895  1.000 65.93112  ? 33  LYS A N   1 
ATOM   269 C  CA  . LYS A 1 39 ? 1.06957   10.74193  -6.97785  1.000 62.85497  ? 33  LYS A CA  1 
ATOM   270 C  C   . LYS A 1 39 ? 1.86019   9.78664   -7.85910  1.000 65.89056  ? 33  LYS A C   1 
ATOM   271 O  O   . LYS A 1 39 ? 2.67769   10.21286  -8.68313  1.000 70.80932  ? 33  LYS A O   1 
ATOM   272 C  CB  . LYS A 1 39 ? 1.47470   10.55990  -5.51436  1.000 63.50066  ? 33  LYS A CB  1 
ATOM   273 C  CG  . LYS A 1 39 ? 1.45441   11.81829  -4.68593  1.000 70.04866  ? 33  LYS A CG  1 
ATOM   274 C  CD  . LYS A 1 39 ? 0.04958   12.20443  -4.28566  1.000 76.40270  ? 33  LYS A CD  1 
ATOM   275 C  CE  . LYS A 1 39 ? 0.05309   13.56546  -3.62915  1.000 83.62473  ? 33  LYS A CE  1 
ATOM   276 N  NZ  . LYS A 1 39 ? 0.97023   13.61328  -2.45379  1.000 90.20304  ? 33  LYS A NZ  1 
ATOM   277 N  N   . GLU A 1 40 ? 1.63280   8.48704   -7.69860  1.000 58.92524  ? 34  GLU A N   1 
ATOM   278 C  CA  . GLU A 1 40 ? 2.53544   7.48424   -8.24050  1.000 61.66446  ? 34  GLU A CA  1 
ATOM   279 C  C   . GLU A 1 40 ? 1.98456   6.75178   -9.45314  1.000 61.91647  ? 34  GLU A C   1 
ATOM   280 O  O   . GLU A 1 40 ? 2.70918   5.95094   -10.04936 1.000 68.45390  ? 34  GLU A O   1 
ATOM   281 C  CB  . GLU A 1 40 ? 2.90620   6.47706   -7.14892  1.000 64.77981  ? 34  GLU A CB  1 
ATOM   282 C  CG  . GLU A 1 40 ? 3.67465   7.10349   -6.00042  1.000 75.23770  ? 34  GLU A CG  1 
ATOM   283 C  CD  . GLU A 1 40 ? 4.15749   6.08338   -4.99295  1.000 83.18133  ? 34  GLU A CD  1 
ATOM   284 O  OE1 . GLU A 1 40 ? 3.43709   5.83510   -4.00178  1.000 84.94077  ? 34  GLU A OE1 1 
ATOM   285 O  OE2 . GLU A 1 40 ? 5.25580   5.52131   -5.19871  1.000 90.00703  ? 34  GLU A OE2 1 
ATOM   286 N  N   . GLY A 1 41 ? 0.74336   7.01308   -9.84614  1.000 43.01576  ? 35  GLY A N   1 
ATOM   287 C  CA  . GLY A 1 41 ? 0.21645   6.45085   -11.07268 1.000 59.75988  ? 35  GLY A CA  1 
ATOM   288 C  C   . GLY A 1 41 ? -0.15095  4.98413   -11.00838 1.000 59.97999  ? 35  GLY A C   1 
ATOM   289 O  O   . GLY A 1 41 ? -0.54652  4.41715   -12.03313 1.000 67.93644  ? 35  GLY A O   1 
ATOM   290 N  N   . ILE A 1 42 ? -0.03457  4.35338   -9.84931  1.000 51.43277  ? 36  ILE A N   1 
ATOM   291 C  CA  . ILE A 1 42 ? -0.38402  2.94388   -9.69658  1.000 50.61023  ? 36  ILE A CA  1 
ATOM   292 C  C   . ILE A 1 42 ? -1.90724  2.82569   -9.57585  1.000 46.89047  ? 36  ILE A C   1 
ATOM   293 O  O   . ILE A 1 42 ? -2.50132  3.48875   -8.70929  1.000 51.13586  ? 36  ILE A O   1 
ATOM   294 C  CB  . ILE A 1 42 ? 0.29797   2.35098   -8.47245  1.000 42.47852  ? 36  ILE A CB  1 
ATOM   295 C  CG1 . ILE A 1 42 ? 1.78973   2.60857   -8.53685  1.000 43.05982  ? 36  ILE A CG1 1 
ATOM   296 C  CG2 . ILE A 1 42 ? 0.01532   0.85206   -8.36797  1.000 44.56893  ? 36  ILE A CG2 1 
ATOM   297 C  CD1 . ILE A 1 42 ? 2.41906   2.70837   -7.16627  1.000 42.11551  ? 36  ILE A CD1 1 
ATOM   298 N  N   . PRO A 1 43 ? -2.54865  2.02196   -10.41068 1.000 46.38645  ? 37  PRO A N   1 
ATOM   299 C  CA  . PRO A 1 43 ? -3.98741  1.82238   -10.28727 1.000 47.92169  ? 37  PRO A CA  1 
ATOM   300 C  C   . PRO A 1 43 ? -4.32244  1.26996   -8.91303  1.000 39.57907  ? 37  PRO A C   1 
ATOM   301 O  O   . PRO A 1 43 ? -3.54296  0.48104   -8.36177  1.000 40.66855  ? 37  PRO A O   1 
ATOM   302 C  CB  . PRO A 1 43 ? -4.29977  0.80962   -11.39889 1.000 51.68015  ? 37  PRO A CB  1 
ATOM   303 C  CG  . PRO A 1 43 ? -3.20582  1.00995   -12.39059 1.000 51.38063  ? 37  PRO A CG  1 
ATOM   304 C  CD  . PRO A 1 43 ? -1.98732  1.30998   -11.56773 1.000 44.17671  ? 37  PRO A CD  1 
ATOM   305 N  N   . PRO A 1 44 ? -5.42510  1.72994   -8.30669  1.000 45.10003  ? 38  PRO A N   1 
ATOM   306 C  CA  . PRO A 1 44 ? -5.77214  1.27407   -6.94464  1.000 48.38386  ? 38  PRO A CA  1 
ATOM   307 C  C   . PRO A 1 44 ? -5.94699  -0.21788  -6.82670  1.000 44.16742  ? 38  PRO A C   1 
ATOM   308 O  O   . PRO A 1 44 ? -5.65494  -0.79116  -5.76795  1.000 40.74069  ? 38  PRO A O   1 
ATOM   309 C  CB  . PRO A 1 44 ? -7.09089  2.00517   -6.66273  1.000 51.44206  ? 38  PRO A CB  1 
ATOM   310 C  CG  . PRO A 1 44 ? -7.00440  3.24179   -7.47825  1.000 56.76627  ? 38  PRO A CG  1 
ATOM   311 C  CD  . PRO A 1 44 ? -6.27139  2.85393   -8.74227  1.000 55.28255  ? 38  PRO A CD  1 
ATOM   312 N  N   . ASP A 1 45 ? -6.44256  -0.86019  -7.88083  1.000 47.73950  ? 39  ASP A N   1 
ATOM   313 C  CA  . ASP A 1 45 ? -6.59281  -2.30596  -7.87862  1.000 57.16712  ? 39  ASP A CA  1 
ATOM   314 C  C   . ASP A 1 45 ? -5.26092  -3.03091  -8.04905  1.000 55.61165  ? 39  ASP A C   1 
ATOM   315 O  O   . ASP A 1 45 ? -5.23483  -4.26901  -8.06117  1.000 57.56511  ? 39  ASP A O   1 
ATOM   316 C  CB  . ASP A 1 45 ? -7.60798  -2.70764  -8.95432  1.000 62.06695  ? 39  ASP A CB  1 
ATOM   317 C  CG  . ASP A 1 45 ? -9.03368  -2.28003  -8.59016  1.000 65.90452  ? 39  ASP A CG  1 
ATOM   318 O  OD1 . ASP A 1 45 ? -9.31893  -2.13256  -7.38023  1.000 65.16889  ? 39  ASP A OD1 1 
ATOM   319 O  OD2 . ASP A 1 45 ? -9.86965  -2.08269  -9.49827  1.000 69.44726  ? 39  ASP A OD2 1 
ATOM   320 N  N   . GLN A 1 46 ? -4.16005  -2.28451  -8.13869  1.000 48.04358  ? 40  GLN A N   1 
ATOM   321 C  CA  . GLN A 1 46 ? -2.80913  -2.83454  -8.13093  1.000 43.42411  ? 40  GLN A CA  1 
ATOM   322 C  C   . GLN A 1 46 ? -2.02796  -2.37385  -6.90777  1.000 37.79721  ? 40  GLN A C   1 
ATOM   323 O  O   . GLN A 1 46 ? -0.81936  -2.61842  -6.81785  1.000 40.80820  ? 40  GLN A O   1 
ATOM   324 C  CB  . GLN A 1 46 ? -2.06443  -2.45052  -9.41183  1.000 51.83931  ? 40  GLN A CB  1 
ATOM   325 C  CG  . GLN A 1 46 ? -2.83483  -2.77635  -10.68179 1.000 64.30982  ? 40  GLN A CG  1 
ATOM   326 C  CD  . GLN A 1 46 ? -2.01287  -3.57142  -11.66827 1.000 72.75583  ? 40  GLN A CD  1 
ATOM   327 O  OE1 . GLN A 1 46 ? -1.03479  -4.21582  -11.29301 1.000 74.88053  ? 40  GLN A OE1 1 
ATOM   328 N  NE2 . GLN A 1 46 ? -2.40190  -3.52993  -12.93987 1.000 77.59431  ? 40  GLN A NE2 1 
ATOM   329 N  N   . GLN A 1 47 ? -2.68618  -1.71013  -5.97001  1.000 37.90408  ? 41  GLN A N   1 
ATOM   330 C  CA  . GLN A 1 47 ? -2.09627  -1.34562  -4.69405  1.000 33.26906  ? 41  GLN A CA  1 
ATOM   331 C  C   . GLN A 1 47 ? -2.59623  -2.28656  -3.60801  1.000 37.58138  ? 41  GLN A C   1 
ATOM   332 O  O   . GLN A 1 47 ? -3.80347  -2.51251  -3.48395  1.000 46.75639  ? 41  GLN A O   1 
ATOM   333 C  CB  . GLN A 1 47 ? -2.47220  0.08375   -4.31753  1.000 36.00371  ? 41  GLN A CB  1 
ATOM   334 C  CG  . GLN A 1 47 ? -2.31844  1.09428   -5.42437  1.000 35.09208  ? 41  GLN A CG  1 
ATOM   335 C  CD  . GLN A 1 47 ? -2.75631  2.47676   -4.99841  1.000 35.17045  ? 41  GLN A CD  1 
ATOM   336 O  OE1 . GLN A 1 47 ? -2.86235  2.76426   -3.80815  1.000 34.95730  ? 41  GLN A OE1 1 
ATOM   337 N  NE2 . GLN A 1 47 ? -3.01018  3.34863   -5.97459  1.000 37.94885  ? 41  GLN A NE2 1 
ATOM   338 N  N   A ARG A 1 48 ? -1.67080  -2.82940  -2.83003  0.448 33.29237  ? 42  ARG A N   1 
ATOM   339 N  N   B ARG A 1 48 ? -1.67640  -2.82119  -2.81448  0.552 33.14064  ? 42  ARG A N   1 
ATOM   340 C  CA  A ARG A 1 48 ? -1.99321  -3.48907  -1.57349  0.448 33.61322  ? 42  ARG A CA  1 
ATOM   341 C  CA  B ARG A 1 48 ? -2.01542  -3.50637  -1.57253  0.552 33.66561  ? 42  ARG A CA  1 
ATOM   342 C  C   A ARG A 1 48 ? -1.53095  -2.55718  -0.46287  0.448 30.86369  ? 42  ARG A C   1 
ATOM   343 C  C   B ARG A 1 48 ? -1.53766  -2.60707  -0.43776  0.552 31.02195  ? 42  ARG A C   1 
ATOM   344 O  O   A ARG A 1 48 ? -0.32754  -2.33061  -0.29941  0.448 28.90315  ? 42  ARG A O   1 
ATOM   345 O  O   B ARG A 1 48 ? -0.32848  -2.44606  -0.23658  0.552 27.76922  ? 42  ARG A O   1 
ATOM   346 C  CB  A ARG A 1 48 ? -1.32055  -4.85515  -1.47227  0.448 36.05167  ? 42  ARG A CB  1 
ATOM   347 C  CB  B ARG A 1 48 ? -1.36836  -4.88998  -1.51025  0.552 36.04355  ? 42  ARG A CB  1 
ATOM   348 C  CG  A ARG A 1 48 ? -1.77764  -5.68105  -0.27920  0.448 39.10164  ? 42  ARG A CG  1 
ATOM   349 C  CG  B ARG A 1 48 ? -1.91639  -5.82957  -0.42656  0.552 40.20864  ? 42  ARG A CG  1 
ATOM   350 C  CD  A ARG A 1 48 ? -3.25330  -6.07521  -0.39879  0.448 42.63231  ? 42  ARG A CD  1 
ATOM   351 C  CD  B ARG A 1 48 ? -3.33154  -6.33371  -0.75592  0.552 43.08875  ? 42  ARG A CD  1 
ATOM   352 N  NE  A ARG A 1 48 ? -3.50827  -6.92601  -1.56184  0.448 43.18070  ? 42  ARG A NE  1 
ATOM   353 N  NE  B ARG A 1 48 ? -3.55937  -7.70704  -0.29829  0.552 42.22985  ? 42  ARG A NE  1 
ATOM   354 C  CZ  A ARG A 1 48 ? -4.03066  -6.50044  -2.70869  0.448 44.69316  ? 42  ARG A CZ  1 
ATOM   355 C  CZ  B ARG A 1 48 ? -3.69914  -8.75949  -1.10407  0.552 45.62472  ? 42  ARG A CZ  1 
ATOM   356 N  NH1 A ARG A 1 48 ? -4.22033  -7.34976  -3.71067  0.448 44.82236  ? 42  ARG A NH1 1 
ATOM   357 N  NH1 B ARG A 1 48 ? -3.65220  -8.61283  -2.41938  0.552 47.10955  ? 42  ARG A NH1 1 
ATOM   358 N  NH2 A ARG A 1 48 ? -4.36668  -5.22597  -2.85527  0.448 46.94491  ? 42  ARG A NH2 1 
ATOM   359 N  NH2 B ARG A 1 48 ? -3.89585  -9.96605  -0.59258  0.552 51.12153  ? 42  ARG A NH2 1 
ATOM   360 N  N   . LEU A 1 49 ? -2.47858  -2.00087  0.28288   1.000 27.29519  ? 43  LEU A N   1 
ATOM   361 C  CA  . LEU A 1 49 ? -2.13389  -1.14273  1.40699   1.000 28.89348  ? 43  LEU A CA  1 
ATOM   362 C  C   . LEU A 1 49 ? -2.13691  -1.95368  2.69654   1.000 30.95499  ? 43  LEU A C   1 
ATOM   363 O  O   . LEU A 1 49 ? -3.00813  -2.80678  2.91798   1.000 31.69410  ? 43  LEU A O   1 
ATOM   364 C  CB  . LEU A 1 49 ? -3.09361  0.03994   1.52812   1.000 31.50459  ? 43  LEU A CB  1 
ATOM   365 C  CG  . LEU A 1 49 ? -2.99196  1.16056   0.50002   1.000 36.83346  ? 43  LEU A CG  1 
ATOM   366 C  CD1 . LEU A 1 49 ? -4.16663  2.09545   0.68284   1.000 46.65402  ? 43  LEU A CD1 1 
ATOM   367 C  CD2 . LEU A 1 49 ? -1.67424  1.92050   0.64234   1.000 38.66339  ? 43  LEU A CD2 1 
ATOM   368 N  N   . ILE A 1 50 ? -1.15248  -1.67923  3.54467   1.000 23.66496  ? 44  ILE A N   1 
ATOM   369 C  CA  . ILE A 1 50 ? -0.92172  -2.42058  4.77912   1.000 23.97998  ? 44  ILE A CA  1 
ATOM   370 C  C   . ILE A 1 50 ? -0.73467  -1.40963  5.90187   1.000 29.66307  ? 44  ILE A C   1 
ATOM   371 O  O   . ILE A 1 50 ? -0.17051  -0.32914  5.69264   1.000 27.21253  ? 44  ILE A O   1 
ATOM   372 C  CB  . ILE A 1 50 ? 0.31122   -3.34195  4.63560   1.000 27.03469  ? 44  ILE A CB  1 
ATOM   373 C  CG1 . ILE A 1 50 ? -0.00112  -4.47706  3.66428   1.000 27.76377  ? 44  ILE A CG1 1 
ATOM   374 C  CG2 . ILE A 1 50 ? 0.80676   -3.85401  5.99536   1.000 27.87421  ? 44  ILE A CG2 1 
ATOM   375 C  CD1 . ILE A 1 50 ? 1.20722   -5.05563  2.93994   1.000 29.68420  ? 44  ILE A CD1 1 
ATOM   376 N  N   . PHE A 1 51 ? -1.24350  -1.74493  7.08237   1.000 25.72069  ? 45  PHE A N   1 
ATOM   377 C  CA  . PHE A 1 51 ? -0.98598  -0.95577  8.27633   1.000 28.62233  ? 45  PHE A CA  1 
ATOM   378 C  C   . PHE A 1 51 ? -0.94122  -1.88828  9.47147   1.000 30.85793  ? 45  PHE A C   1 
ATOM   379 O  O   . PHE A 1 51 ? -1.86935  -2.67892  9.66515   1.000 28.17934  ? 45  PHE A O   1 
ATOM   380 C  CB  . PHE A 1 51 ? -2.06204  0.11415   8.47582   1.000 34.54604  ? 45  PHE A CB  1 
ATOM   381 C  CG  . PHE A 1 51 ? -1.96569  0.85060   9.78878   1.000 38.37379  ? 45  PHE A CG  1 
ATOM   382 C  CD1 . PHE A 1 51 ? -0.90426  1.69557   10.05054  1.000 37.26227  ? 45  PHE A CD1 1 
ATOM   383 C  CD2 . PHE A 1 51 ? -2.95740  0.72089   10.74690  1.000 31.43211  ? 45  PHE A CD2 1 
ATOM   384 C  CE1 . PHE A 1 51 ? -0.82076  2.38445   11.25564  1.000 35.83618  ? 45  PHE A CE1 1 
ATOM   385 C  CE2 . PHE A 1 51 ? -2.88524  1.41577   11.94170  1.000 38.18699  ? 45  PHE A CE2 1 
ATOM   386 C  CZ  . PHE A 1 51 ? -1.81166  2.25034   12.19720  1.000 35.86700  ? 45  PHE A CZ  1 
ATOM   387 N  N   . ALA A 1 52 ? 0.15272   -1.81697  10.23305  1.000 28.37752  ? 46  ALA A N   1 
ATOM   388 C  CA  . ALA A 1 52 ? 0.26374   -2.47791  11.52441  1.000 30.25649  ? 46  ALA A CA  1 
ATOM   389 C  C   . ALA A 1 52 ? -0.12048  -3.95645  11.43349  1.000 31.69565  ? 46  ALA A C   1 
ATOM   390 O  O   . ALA A 1 52 ? -0.89808  -4.46685  12.23005  1.000 33.21403  ? 46  ALA A O   1 
ATOM   391 C  CB  . ALA A 1 52 ? -0.58973  -1.75935  12.57682  1.000 36.50117  ? 46  ALA A CB  1 
ATOM   392 N  N   . GLY A 1 53 ? 0.40881   -4.63672  10.42449  1.000 32.79281  ? 47  GLY A N   1 
ATOM   393 C  CA  . GLY A 1 53 ? 0.19044   -6.06109  10.27644  1.000 30.90509  ? 47  GLY A CA  1 
ATOM   394 C  C   . GLY A 1 53 ? -1.09304  -6.47060  9.58439   1.000 33.39119  ? 47  GLY A C   1 
ATOM   395 O  O   . GLY A 1 53 ? -1.31659  -7.67504  9.40224   1.000 36.89727  ? 47  GLY A O   1 
ATOM   396 N  N   . LYS A 1 54 ? -1.94218  -5.52844  9.19608   1.000 30.67184  ? 48  LYS A N   1 
ATOM   397 C  CA  . LYS A 1 54 ? -3.21615  -5.81776  8.55271   1.000 32.13347  ? 48  LYS A CA  1 
ATOM   398 C  C   . LYS A 1 54 ? -3.19249  -5.37141  7.09688   1.000 33.73046  ? 48  LYS A C   1 
ATOM   399 O  O   . LYS A 1 54 ? -2.63427  -4.32382  6.77230   1.000 26.81094  ? 48  LYS A O   1 
ATOM   400 C  CB  . LYS A 1 54 ? -4.35560  -5.11405  9.28651   1.000 35.28458  ? 48  LYS A CB  1 
ATOM   401 C  CG  . LYS A 1 54 ? -4.34304  -5.40437  10.77522  1.000 45.85842  ? 48  LYS A CG  1 
ATOM   402 C  CD  . LYS A 1 54 ? -5.70410  -5.22762  11.38627  1.000 44.83627  ? 48  LYS A CD  1 
ATOM   403 C  CE  . LYS A 1 54 ? -6.01094  -3.77828  11.49896  1.000 43.11605  ? 48  LYS A CE  1 
ATOM   404 N  NZ  . LYS A 1 54 ? -4.82337  -3.03263  11.99139  1.000 51.98577  ? 48  LYS A NZ  1 
ATOM   405 N  N   . GLN A 1 55 ? -3.79828  -6.16478  6.21996   1.000 32.71498  ? 49  GLN A N   1 
ATOM   406 C  CA  . GLN A 1 55 ? -4.07553  -5.71603  4.86465   1.000 35.70201  ? 49  GLN A CA  1 
ATOM   407 C  C   . GLN A 1 55 ? -5.40450  -4.97366  4.85410   1.000 32.52721  ? 49  GLN A C   1 
ATOM   408 O  O   . GLN A 1 55 ? -6.40093  -5.45936  5.40978   1.000 32.34419  ? 49  GLN A O   1 
ATOM   409 C  CB  . GLN A 1 55 ? -4.11323  -6.89225  3.89568   1.000 44.68001  ? 49  GLN A CB  1 
ATOM   410 C  CG  . GLN A 1 55 ? -2.92627  -7.81831  3.99595   1.000 50.56858  ? 49  GLN A CG  1 
ATOM   411 C  CD  . GLN A 1 55 ? -2.96528  -8.90349  2.93557   1.000 56.91614  ? 49  GLN A CD  1 
ATOM   412 O  OE1 . GLN A 1 55 ? -2.97220  -8.62011  1.73259   1.000 57.16352  ? 49  GLN A OE1 1 
ATOM   413 N  NE2 . GLN A 1 55 ? -3.00170  -10.15276 3.37762   1.000 64.82667  ? 49  GLN A NE2 1 
ATOM   414 N  N   . LEU A 1 56 ? -5.42273  -3.80879  4.21716   1.000 30.29951  ? 50  LEU A N   1 
ATOM   415 C  CA  . LEU A 1 56 ? -6.56735  -2.90871  4.28733   1.000 35.32997  ? 50  LEU A CA  1 
ATOM   416 C  C   . LEU A 1 56 ? -7.53819  -3.17871  3.14204   1.000 39.32468  ? 50  LEU A C   1 
ATOM   417 O  O   . LEU A 1 56 ? -7.12657  -3.45842  2.01344   1.000 42.32188  ? 50  LEU A O   1 
ATOM   418 C  CB  . LEU A 1 56 ? -6.10496  -1.44576  4.26582   1.000 29.68904  ? 50  LEU A CB  1 
ATOM   419 C  CG  . LEU A 1 56 ? -4.98781  -1.12720  5.26568   1.000 29.22179  ? 50  LEU A CG  1 
ATOM   420 C  CD1 . LEU A 1 56 ? -4.65970  0.36698   5.33871   1.000 30.32106  ? 50  LEU A CD1 1 
ATOM   421 C  CD2 . LEU A 1 56 ? -5.31233  -1.68043  6.65639   1.000 34.12002  ? 50  LEU A CD2 1 
ATOM   422 N  N   . GLU A 1 57 ? -8.83016  -3.09459  3.44036   1.000 35.79422  ? 51  GLU A N   1 
ATOM   423 C  CA  . GLU A 1 57 ? -9.87036  -3.42745  2.47824   1.000 47.04733  ? 51  GLU A CA  1 
ATOM   424 C  C   . GLU A 1 57 ? -10.45324 -2.17391  1.85343   1.000 42.59494  ? 51  GLU A C   1 
ATOM   425 O  O   . GLU A 1 57 ? -10.73458 -1.19544  2.54716   1.000 42.31418  ? 51  GLU A O   1 
ATOM   426 C  CB  . GLU A 1 57 ? -10.98656 -4.22938  3.13576   1.000 51.52790  ? 51  GLU A CB  1 
ATOM   427 C  CG  . GLU A 1 57 ? -10.56984 -5.62061  3.49735   1.000 58.83298  ? 51  GLU A CG  1 
ATOM   428 C  CD  . GLU A 1 57 ? -11.65778 -6.35895  4.22373   1.000 69.97937  ? 51  GLU A CD  1 
ATOM   429 O  OE1 . GLU A 1 57 ? -11.69259 -6.28625  5.47081   1.000 71.28600  ? 51  GLU A OE1 1 
ATOM   430 O  OE2 . GLU A 1 57 ? -12.49212 -6.98591  3.53815   1.000 79.19057  ? 51  GLU A OE2 1 
ATOM   431 N  N   . ASP A 1 58 ? -10.67608 -2.23403  0.54179   1.000 43.73727  ? 52  ASP A N   1 
ATOM   432 C  CA  . ASP A 1 58 ? -11.01707 -1.02865  -0.20375  1.000 47.84470  ? 52  ASP A CA  1 
ATOM   433 C  C   . ASP A 1 58 ? -12.28239 -0.36163  0.32888   1.000 54.00075  ? 52  ASP A C   1 
ATOM   434 O  O   . ASP A 1 58 ? -12.32391 0.86379   0.48145   1.000 59.05874  ? 52  ASP A O   1 
ATOM   435 C  CB  . ASP A 1 58 ? -11.15541 -1.36314  -1.68767  1.000 62.62879  ? 52  ASP A CB  1 
ATOM   436 C  CG  . ASP A 1 58 ? -9.85779  -1.86640  -2.29024  1.000 65.97402  ? 52  ASP A CG  1 
ATOM   437 O  OD1 . ASP A 1 58 ? -9.89288  -2.78224  -3.14007  1.000 73.12052  ? 52  ASP A OD1 1 
ATOM   438 O  OD2 . ASP A 1 58 ? -8.79341  -1.36036  -1.88784  1.000 66.34410  ? 52  ASP A OD2 1 
ATOM   439 N  N   . GLY A 1 59 ? -13.32191 -1.14209  0.63222   1.000 50.94186  ? 53  GLY A N   1 
ATOM   440 C  CA  . GLY A 1 59 ? -14.57024 -0.52681  1.04030   1.000 55.52169  ? 53  GLY A CA  1 
ATOM   441 C  C   . GLY A 1 59 ? -14.61323 0.03016   2.45319   1.000 58.39166  ? 53  GLY A C   1 
ATOM   442 O  O   . GLY A 1 59 ? -15.58555 0.70905   2.79629   1.000 60.10301  ? 53  GLY A O   1 
ATOM   443 N  N   . ARG A 1 60 ? -13.60480 -0.23226  3.28008   1.000 54.86500  ? 54  ARG A N   1 
ATOM   444 C  CA  . ARG A 1 60 ? -13.62396 0.19704   4.67180   1.000 57.76646  ? 54  ARG A CA  1 
ATOM   445 C  C   . ARG A 1 60 ? -12.83937 1.49415   4.84340   1.000 51.99593  ? 54  ARG A C   1 
ATOM   446 O  O   . ARG A 1 60 ? -12.05007 1.88963   3.98120   1.000 48.26188  ? 54  ARG A O   1 
ATOM   447 C  CB  . ARG A 1 60 ? -13.08069 -0.91328  5.57951   1.000 59.00317  ? 54  ARG A CB  1 
ATOM   448 C  CG  . ARG A 1 60 ? -13.99514 -2.15315  5.56165   1.000 63.05556  ? 54  ARG A CG  1 
ATOM   449 C  CD  . ARG A 1 60 ? -13.58845 -3.24869  6.53946   1.000 69.11573  ? 54  ARG A CD  1 
ATOM   450 N  NE  . ARG A 1 60 ? -13.77162 -2.84005  7.92736   1.000 71.99963  ? 54  ARG A NE  1 
ATOM   451 C  CZ  . ARG A 1 60 ? -14.91325 -2.37214  8.42027   1.000 75.30970  ? 54  ARG A CZ  1 
ATOM   452 N  N   . THR A 1 61 ? -13.09830 2.18567   5.94924   1.000 54.40621  ? 55  THR A N   1 
ATOM   453 C  CA  . THR A 1 61 ? -12.55282 3.52633   6.12008   1.000 57.98176  ? 55  THR A CA  1 
ATOM   454 C  C   . THR A 1 61 ? -11.27506 3.49575   6.94751   1.000 52.82708  ? 55  THR A C   1 
ATOM   455 O  O   . THR A 1 61 ? -10.98536 2.52350   7.64699   1.000 44.79430  ? 55  THR A O   1 
ATOM   456 C  CB  . THR A 1 61 ? -13.57090 4.45989   6.78297   1.000 66.85469  ? 55  THR A CB  1 
ATOM   457 O  OG1 . THR A 1 61 ? -13.76991 4.06324   8.14372   1.000 69.91134  ? 55  THR A OG1 1 
ATOM   458 C  CG2 . THR A 1 61 ? -14.90239 4.41759   6.04142   1.000 74.09114  ? 55  THR A CG2 1 
ATOM   459 N  N   . LEU A 1 62 ? -10.50820 4.59080   6.86038   1.000 46.05644  ? 56  LEU A N   1 
ATOM   460 C  CA  . LEU A 1 62 ? -9.31458  4.72113   7.69205   1.000 43.65401  ? 56  LEU A CA  1 
ATOM   461 C  C   . LEU A 1 62 ? -9.67790  4.65686   9.17082   1.000 46.84332  ? 56  LEU A C   1 
ATOM   462 O  O   . LEU A 1 62 ? -8.92985  4.09648   9.98080   1.000 50.88187  ? 56  LEU A O   1 
ATOM   463 C  CB  . LEU A 1 62 ? -8.57665  6.02918   7.37255   1.000 44.14296  ? 56  LEU A CB  1 
ATOM   464 C  CG  . LEU A 1 62 ? -7.96826  6.21762   5.97829   1.000 47.54647  ? 56  LEU A CG  1 
ATOM   465 C  CD1 . LEU A 1 62 ? -7.51251  7.65241   5.80237   1.000 56.35433  ? 56  LEU A CD1 1 
ATOM   466 C  CD2 . LEU A 1 62 ? -6.80687  5.27104   5.71376   1.000 42.45271  ? 56  LEU A CD2 1 
ATOM   467 N  N   . SER A 1 63 ? -10.83860 5.20679   9.53402   1.000 50.25022  ? 57  SER A N   1 
ATOM   468 C  CA  . SER A 1 63 ? -11.28154 5.17349   10.92161  1.000 57.08266  ? 57  SER A CA  1 
ATOM   469 C  C   . SER A 1 63 ? -11.48868 3.74194   11.40216  1.000 56.28849  ? 57  SER A C   1 
ATOM   470 O  O   . SER A 1 63 ? -11.25459 3.42966   12.57545  1.000 54.63703  ? 57  SER A O   1 
ATOM   471 C  CB  . SER A 1 63 ? -12.56296 5.99450   11.06910  1.000 61.02844  ? 57  SER A CB  1 
ATOM   472 O  OG  . SER A 1 63 ? -13.10678 5.86877   12.36766  1.000 64.79204  ? 57  SER A OG  1 
ATOM   473 N  N   . ASP A 1 64 ? -11.89656 2.84843   10.49890  1.000 56.76339  ? 58  ASP A N   1 
ATOM   474 C  CA  . ASP A 1 64 ? -12.08751 1.45500   10.88126  1.000 55.46181  ? 58  ASP A CA  1 
ATOM   475 C  C   . ASP A 1 64 ? -10.78237 0.76539   11.24807  1.000 54.44578  ? 58  ASP A C   1 
ATOM   476 O  O   . ASP A 1 64 ? -10.81834 -0.27345  11.91711  1.000 52.42298  ? 58  ASP A O   1 
ATOM   477 C  CB  . ASP A 1 64 ? -12.77331 0.67322   9.76063   1.000 59.17378  ? 58  ASP A CB  1 
ATOM   478 C  CG  . ASP A 1 64 ? -14.16653 1.17765   9.47060   1.000 69.91917  ? 58  ASP A CG  1 
ATOM   479 O  OD1 . ASP A 1 64 ? -14.66710 0.94659   8.35036   1.000 71.34518  ? 58  ASP A OD1 1 
ATOM   480 O  OD2 . ASP A 1 64 ? -14.75513 1.82237   10.36395  1.000 76.19153  ? 58  ASP A OD2 1 
ATOM   481 N  N   . TYR A 1 65 ? -9.63280  1.29270   10.81923  1.000 48.35803  ? 59  TYR A N   1 
ATOM   482 C  CA  . TYR A 1 65 ? -8.36209  0.67331   11.16538  1.000 39.60036  ? 59  TYR A CA  1 
ATOM   483 C  C   . TYR A 1 65 ? -7.58776  1.45404   12.21331  1.000 40.30073  ? 59  TYR A C   1 
ATOM   484 O  O   . TYR A 1 65 ? -6.42964  1.12715   12.46379  1.000 53.32161  ? 59  TYR A O   1 
ATOM   485 C  CB  . TYR A 1 65 ? -7.49638  0.46706   9.92023   1.000 36.27210  ? 59  TYR A CB  1 
ATOM   486 C  CG  . TYR A 1 65 ? -8.05895  -0.55305  8.95252   1.000 35.83325  ? 59  TYR A CG  1 
ATOM   487 C  CD1 . TYR A 1 65 ? -7.86083  -1.91114  9.14992   1.000 37.36625  ? 59  TYR A CD1 1 
ATOM   488 C  CD2 . TYR A 1 65 ? -8.79082  -0.15511  7.84326   1.000 43.95526  ? 59  TYR A CD2 1 
ATOM   489 C  CE1 . TYR A 1 65 ? -8.38550  -2.85095  8.26564   1.000 41.54073  ? 59  TYR A CE1 1 
ATOM   490 C  CE2 . TYR A 1 65 ? -9.31522  -1.07863  6.95453   1.000 41.46903  ? 59  TYR A CE2 1 
ATOM   491 C  CZ  . TYR A 1 65 ? -9.10474  -2.42091  7.16532   1.000 40.92566  ? 59  TYR A CZ  1 
ATOM   492 O  OH  . TYR A 1 65 ? -9.62999  -3.33118  6.28053   1.000 44.44388  ? 59  TYR A OH  1 
ATOM   493 N  N   . ASN A 1 66 ? -8.19196  2.46421   12.83554  1.000 43.67538  ? 60  ASN A N   1 
ATOM   494 C  CA  . ASN A 1 66 ? -7.48435  3.36041   13.75588  1.000 48.06460  ? 60  ASN A CA  1 
ATOM   495 C  C   . ASN A 1 66 ? -6.30642  4.05739   13.06889  1.000 46.07636  ? 60  ASN A C   1 
ATOM   496 O  O   . ASN A 1 66 ? -5.27398  4.31578   13.69335  1.000 43.49573  ? 60  ASN A O   1 
ATOM   497 C  CB  . ASN A 1 66 ? -6.98498  2.64061   15.01417  1.000 50.49030  ? 60  ASN A CB  1 
ATOM   498 C  CG  . ASN A 1 66 ? -8.08923  1.92053   15.76618  1.000 56.02397  ? 60  ASN A CG  1 
ATOM   499 O  OD1 . ASN A 1 66 ? -9.25632  2.30503   15.70961  1.000 60.08755  ? 60  ASN A OD1 1 
ATOM   500 N  ND2 . ASN A 1 66 ? -7.71537  0.86710   16.48489  1.000 56.69924  ? 60  ASN A ND2 1 
ATOM   501 N  N   . ILE A 1 67 ? -6.43598  4.33537   11.77345  1.000 41.80358  ? 61  ILE A N   1 
ATOM   502 C  CA  . ILE A 1 67 ? -5.45175  5.16463   11.08533  1.000 40.79686  ? 61  ILE A CA  1 
ATOM   503 C  C   . ILE A 1 67 ? -5.63388  6.59624   11.56447  1.000 44.90575  ? 61  ILE A C   1 
ATOM   504 O  O   . ILE A 1 67 ? -6.71052  7.18056   11.40196  1.000 47.77816  ? 61  ILE A O   1 
ATOM   505 C  CB  . ILE A 1 67 ? -5.62502  5.08432   9.56344   1.000 43.31355  ? 61  ILE A CB  1 
ATOM   506 C  CG1 . ILE A 1 67 ? -5.73915  3.64214   9.07454   1.000 38.09224  ? 61  ILE A CG1 1 
ATOM   507 C  CG2 . ILE A 1 67 ? -4.48273  5.81240   8.85692   1.000 37.72008  ? 61  ILE A CG2 1 
ATOM   508 C  CD1 . ILE A 1 67 ? -4.47003  2.98278   8.86988   1.000 33.80079  ? 61  ILE A CD1 1 
ATOM   509 N  N   . ARG A 1 68 ? -4.59385  7.16733   12.16538  1.000 47.51799  ? 62  ARG A N   1 
ATOM   510 C  CA  . ARG A 1 68 ? -4.71734  8.53810   12.65086  1.000 50.69385  ? 62  ARG A CA  1 
ATOM   511 C  C   . ARG A 1 68 ? -3.60304  9.44959   12.15515  1.000 51.19208  ? 62  ARG A C   1 
ATOM   512 O  O   . ARG A 1 68 ? -2.80381  9.06277   11.29629  1.000 47.69176  ? 62  ARG A O   1 
ATOM   513 C  CB  . ARG A 1 68 ? -4.76454  8.54884   14.17854  1.000 61.49159  ? 62  ARG A CB  1 
ATOM   514 C  CG  . ARG A 1 68 ? -3.76293  7.61477   14.82996  1.000 61.31711  ? 62  ARG A CG  1 
ATOM   515 C  CD  . ARG A 1 68 ? -2.40182  8.26085   14.97729  1.000 60.67097  ? 62  ARG A CD  1 
ATOM   516 N  NE  . ARG A 1 68 ? -1.50280  7.46674   15.80622  1.000 62.85523  ? 62  ARG A NE  1 
ATOM   517 C  CZ  . ARG A 1 68 ? -0.18086  7.58619   15.79078  1.000 62.49063  ? 62  ARG A CZ  1 
ATOM   518 N  NH1 . ARG A 1 68 ? 0.39369   8.46500   14.97992  1.000 62.91914  ? 62  ARG A NH1 1 
ATOM   519 N  NH2 . ARG A 1 68 ? 0.56600   6.82691   16.57826  1.000 58.31544  ? 62  ARG A NH2 1 
ATOM   520 N  N   . GLN A 1 69 ? -3.55181  10.66424  12.70646  1.000 56.16820  ? 63  GLN A N   1 
ATOM   521 C  CA  . GLN A 1 69 ? -2.56372  11.65201  12.28355  1.000 58.41113  ? 63  GLN A CA  1 
ATOM   522 C  C   . GLN A 1 69 ? -1.15130  11.09554  12.42165  1.000 55.40019  ? 63  GLN A C   1 
ATOM   523 O  O   . GLN A 1 69 ? -0.75005  10.65179  13.50178  1.000 56.85571  ? 63  GLN A O   1 
ATOM   524 C  CB  . GLN A 1 69 ? -2.71612  12.93290  13.10913  1.000 64.64612  ? 63  GLN A CB  1 
ATOM   525 C  CG  . GLN A 1 69 ? -1.81068  14.09244  12.67866  1.000 75.76047  ? 63  GLN A CG  1 
ATOM   526 C  CD  . GLN A 1 69 ? -2.36045  14.86096  11.49227  1.000 77.58886  ? 63  GLN A CD  1 
ATOM   527 O  OE1 . GLN A 1 69 ? -3.37300  14.48017  10.90454  1.000 77.06496  ? 63  GLN A OE1 1 
ATOM   528 N  NE2 . GLN A 1 69 ? -1.69562  15.95376  11.13709  1.000 81.56925  ? 63  GLN A NE2 1 
ATOM   529 N  N   . GLU A 1 70 ? -0.41895  11.09336  11.30293  1.000 55.43355  ? 64  GLU A N   1 
ATOM   530 C  CA  . GLU A 1 70 ? 0.96836   10.64213  11.18719  1.000 50.93809  ? 64  GLU A CA  1 
ATOM   531 C  C   . GLU A 1 70 ? 1.12119   9.12866   11.23809  1.000 47.34638  ? 64  GLU A C   1 
ATOM   532 O  O   . GLU A 1 70 ? 2.21002   8.63654   11.53969  1.000 45.93983  ? 64  GLU A O   1 
ATOM   533 C  CB  . GLU A 1 70 ? 1.87592   11.27965  12.24467  1.000 63.68476  ? 64  GLU A CB  1 
ATOM   534 C  CG  . GLU A 1 70 ? 2.35031   12.67892  11.85894  1.000 73.35475  ? 64  GLU A CG  1 
ATOM   535 C  CD  . GLU A 1 70 ? 3.32275   13.27854  12.85953  1.000 76.06384  ? 64  GLU A CD  1 
ATOM   536 O  OE1 . GLU A 1 70 ? 3.95089   12.50663  13.61435  1.000 71.24676  ? 64  GLU A OE1 1 
ATOM   537 O  OE2 . GLU A 1 70 ? 3.45672   14.52582  12.89100  1.000 86.85179  ? 64  GLU A OE2 1 
ATOM   538 N  N   . SER A 1 71 ? 0.05926   8.37525   10.94896  1.000 43.76106  ? 65  SER A N   1 
ATOM   539 C  CA  . SER A 1 71 ? 0.19932   6.93550   10.76971  1.000 39.81166  ? 65  SER A CA  1 
ATOM   540 C  C   . SER A 1 71 ? 1.00567   6.63642   9.50957   1.000 42.57495  ? 65  SER A C   1 
ATOM   541 O  O   . SER A 1 71 ? 0.90555   7.34358   8.50579   1.000 38.27508  ? 65  SER A O   1 
ATOM   542 C  CB  . SER A 1 71 ? -1.17649  6.26683   10.66809  1.000 46.10781  ? 65  SER A CB  1 
ATOM   543 O  OG  . SER A 1 71 ? -1.89749  6.32233   11.88749  1.000 46.76205  ? 65  SER A OG  1 
ATOM   544 N  N   . ILE A 1 72 ? 1.78446   5.55438   9.56065   1.000 34.98796  ? 66  ILE A N   1 
ATOM   545 C  CA  . ILE A 1 72 ? 2.62040   5.10997   8.45126   1.000 33.95417  ? 66  ILE A CA  1 
ATOM   546 C  C   . ILE A 1 72 ? 1.96117   3.88641   7.83723   1.000 32.74485  ? 66  ILE A C   1 
ATOM   547 O  O   . ILE A 1 72 ? 1.89105   2.82375   8.47240   1.000 31.85470  ? 66  ILE A O   1 
ATOM   548 C  CB  . ILE A 1 72 ? 4.04512   4.78468   8.90816   1.000 33.78726  ? 66  ILE A CB  1 
ATOM   549 C  CG1 . ILE A 1 72 ? 4.71236   6.04624   9.46438   1.000 40.77119  ? 66  ILE A CG1 1 
ATOM   550 C  CG2 . ILE A 1 72 ? 4.83332   4.22210   7.74376   1.000 31.89347  ? 66  ILE A CG2 1 
ATOM   551 C  CD1 . ILE A 1 72 ? 5.88274   5.78199   10.38315  1.000 43.68358  ? 66  ILE A CD1 1 
ATOM   552 N  N   . LEU A 1 73 ? 1.44057   4.05005   6.62818   1.000 29.65599  ? 67  LEU A N   1 
ATOM   553 C  CA  . LEU A 1 73 ? 0.89022   2.95588   5.84758   1.000 28.25608  ? 67  LEU A CA  1 
ATOM   554 C  C   . LEU A 1 73 ? 1.96797   2.44052   4.91214   1.000 34.08981  ? 67  LEU A C   1 
ATOM   555 O  O   . LEU A 1 73 ? 2.88480   3.17455   4.52941   1.000 30.75267  ? 67  LEU A O   1 
ATOM   556 C  CB  . LEU A 1 73 ? -0.33074  3.39649   5.03922   1.000 28.90520  ? 67  LEU A CB  1 
ATOM   557 C  CG  . LEU A 1 73 ? -1.67993  3.43216   5.76845   1.000 35.48329  ? 67  LEU A CG  1 
ATOM   558 C  CD1 . LEU A 1 73 ? -1.61365  4.28513   7.02098   1.000 38.89098  ? 67  LEU A CD1 1 
ATOM   559 C  CD2 . LEU A 1 73 ? -2.77247  3.93970   4.83116   1.000 36.32621  ? 67  LEU A CD2 1 
ATOM   560 N  N   . HIS A 1 74 ? 1.86854   1.16762   4.55060   1.000 27.78365  ? 68  HIS A N   1 
ATOM   561 C  CA  . HIS A 1 74 ? 2.80547   0.59668   3.59766   1.000 24.85362  ? 68  HIS A CA  1 
ATOM   562 C  C   . HIS A 1 74 ? 2.05456   0.18948   2.35101   1.000 25.60691  ? 68  HIS A C   1 
ATOM   563 O  O   . HIS A 1 74 ? 0.96891   -0.39784  2.42088   1.000 24.82987  ? 68  HIS A O   1 
ATOM   564 C  CB  . HIS A 1 74 ? 3.57365   -0.59068  4.17691   1.000 21.74319  ? 68  HIS A CB  1 
ATOM   565 C  CG  . HIS A 1 74 ? 4.39320   -0.22463  5.36991   1.000 20.91319  ? 68  HIS A CG  1 
ATOM   566 N  ND1 . HIS A 1 74 ? 5.71939   0.13951   5.28642   1.000 22.73752  ? 68  HIS A ND1 1 
ATOM   567 C  CD2 . HIS A 1 74 ? 4.05601   -0.13221  6.67540   1.000 22.04027  ? 68  HIS A CD2 1 
ATOM   568 C  CE1 . HIS A 1 74 ? 6.17129   0.41699   6.49614   1.000 25.91019  ? 68  HIS A CE1 1 
ATOM   569 N  NE2 . HIS A 1 74 ? 5.18028   0.25759   7.35773   1.000 24.84315  ? 68  HIS A NE2 1 
ATOM   570 N  N   . LEU A 1 75 ? 2.64731   0.49350   1.22079   1.000 21.86807  ? 69  LEU A N   1 
ATOM   571 C  CA  . LEU A 1 75 ? 2.06197   0.20576   -0.06644  1.000 22.57230  ? 69  LEU A CA  1 
ATOM   572 C  C   . LEU A 1 75 ? 2.94319   -0.80862  -0.76241  1.000 27.09372  ? 69  LEU A C   1 
ATOM   573 O  O   . LEU A 1 75 ? 4.12673   -0.54676  -1.00553  1.000 29.21250  ? 69  LEU A O   1 
ATOM   574 C  CB  . LEU A 1 75 ? 1.95188   1.48735   -0.88901  1.000 21.95058  ? 69  LEU A CB  1 
ATOM   575 C  CG  . LEU A 1 75 ? 1.82141   1.39237   -2.39212  1.000 35.84535  ? 69  LEU A CG  1 
ATOM   576 C  CD1 . LEU A 1 75 ? 0.60299   0.64131   -2.81475  1.000 28.12014  ? 69  LEU A CD1 1 
ATOM   577 C  CD2 . LEU A 1 75 ? 1.76791   2.80612   -2.93637  1.000 41.17473  ? 69  LEU A CD2 1 
ATOM   578 N  N   . LEU A 1 76 ? 2.35294   -1.93248  -1.12685  1.000 25.63826  ? 70  LEU A N   1 
ATOM   579 C  CA  . LEU A 1 76 ? 3.02970   -2.96469  -1.89049  1.000 24.35910  ? 70  LEU A CA  1 
ATOM   580 C  C   . LEU A 1 76 ? 2.46364   -2.95265  -3.29919  1.000 27.36840  ? 70  LEU A C   1 
ATOM   581 O  O   . LEU A 1 76 ? 1.24329   -2.93919  -3.47887  1.000 27.32231  ? 70  LEU A O   1 
ATOM   582 C  CB  . LEU A 1 76 ? 2.82070   -4.33621  -1.23636  1.000 26.22244  ? 70  LEU A CB  1 
ATOM   583 C  CG  . LEU A 1 76 ? 3.48174   -5.52021  -1.94134  1.000 31.56192  ? 70  LEU A CG  1 
ATOM   584 C  CD1 . LEU A 1 76 ? 4.95482   -5.22248  -2.17457  1.000 34.47102  ? 70  LEU A CD1 1 
ATOM   585 C  CD2 . LEU A 1 76 ? 3.32033   -6.79170  -1.13382  1.000 31.78854  ? 70  LEU A CD2 1 
ATOM   586 N  N   . LEU A 1 77 ? 3.33615   -2.94697  -4.29279  1.000 24.49835  ? 71  LEU A N   1 
ATOM   587 C  CA  . LEU A 1 77 ? 2.86576   -3.00954  -5.66659  1.000 30.77578  ? 71  LEU A CA  1 
ATOM   588 C  C   . LEU A 1 77 ? 2.42188   -4.43384  -5.96215  1.000 33.53807  ? 71  LEU A C   1 
ATOM   589 O  O   . LEU A 1 77 ? 3.14684   -5.38334  -5.65862  1.000 34.89450  ? 71  LEU A O   1 
ATOM   590 C  CB  . LEU A 1 77 ? 3.95951   -2.57244  -6.63373  1.000 39.12766  ? 71  LEU A CB  1 
ATOM   591 C  CG  . LEU A 1 77 ? 3.45000   -2.09668  -7.99111  1.000 48.56011  ? 71  LEU A CG  1 
ATOM   592 C  CD1 . LEU A 1 77 ? 4.33972   -0.97631  -8.52087  1.000 55.61623  ? 71  LEU A CD1 1 
ATOM   593 C  CD2 . LEU A 1 77 ? 3.37693   -3.24550  -8.98573  1.000 54.07510  ? 71  LEU A CD2 1 
ATOM   594 N  N   . TRP A 1 78 ? 1.23613   -4.58228  -6.54812  1.000 32.54520  ? 72  TRP A N   1 
ATOM   595 C  CA  . TRP A 1 78 ? 0.66007   -5.90297  -6.77698  1.000 40.81410  ? 72  TRP A CA  1 
ATOM   596 C  C   . TRP A 1 78 ? 0.50811   -6.16190  -8.26312  1.000 38.37508  ? 72  TRP A C   1 
ATOM   597 O  O   . TRP A 1 78 ? -0.31797  -5.51283  -8.92313  1.000 49.71149  ? 72  TRP A O   1 
ATOM   598 C  CB  . TRP A 1 78 ? -0.69092  -6.03540  -6.08216  1.000 39.60833  ? 72  TRP A CB  1 
ATOM   599 C  CG  . TRP A 1 78 ? -1.06286  -7.44291  -5.77570  1.000 43.22876  ? 72  TRP A CG  1 
ATOM   600 C  CD1 . TRP A 1 78 ? -1.96757  -8.22247  -6.44157  1.000 46.66869  ? 72  TRP A CD1 1 
ATOM   601 C  CD2 . TRP A 1 78 ? -0.54129  -8.24814  -4.71615  1.000 43.47792  ? 72  TRP A CD2 1 
ATOM   602 N  NE1 . TRP A 1 78 ? -2.03726  -9.46464  -5.85981  1.000 48.64613  ? 72  TRP A NE1 1 
ATOM   603 C  CE2 . TRP A 1 78 ? -1.17258  -9.50644  -4.79725  1.000 49.79548  ? 72  TRP A CE2 1 
ATOM   604 C  CE3 . TRP A 1 78 ? 0.40017   -8.02912  -3.70816  1.000 47.60682  ? 72  TRP A CE3 1 
ATOM   605 C  CZ2 . TRP A 1 78 ? -0.89506  -10.54163 -3.90258  1.000 50.01766  ? 72  TRP A CZ2 1 
ATOM   606 C  CZ3 . TRP A 1 78 ? 0.67451   -9.06197  -2.81866  1.000 46.32045  ? 72  TRP A CZ3 1 
ATOM   607 C  CH2 . TRP A 1 78 ? 0.02897   -10.30051 -2.92407  1.000 47.14501  ? 72  TRP A CH2 1 
ATOM   608 N  N   . PRO A 1 79 ? 1.25363   -7.09328  -8.82700  1.000 34.77287  ? 73  PRO A N   1 
ATOM   609 C  CA  . PRO A 1 79 ? 1.21275   -7.31758  -10.27630 1.000 38.86189  ? 73  PRO A CA  1 
ATOM   610 C  C   . PRO A 1 79 ? -0.14881  -7.81425  -10.74788 1.000 42.20454  ? 73  PRO A C   1 
ATOM   611 O  O   . PRO A 1 79 ? -1.06792  -8.05665  -9.96742  1.000 43.07958  ? 73  PRO A O   1 
ATOM   612 C  CB  . PRO A 1 79 ? 2.30247   -8.36830  -10.49810 1.000 44.51725  ? 73  PRO A CB  1 
ATOM   613 C  CG  . PRO A 1 79 ? 3.25011   -8.14751  -9.34536  1.000 46.69335  ? 73  PRO A CG  1 
ATOM   614 C  CD  . PRO A 1 79 ? 2.37545   -7.79170  -8.18653  1.000 40.57341  ? 73  PRO A CD  1 
ATOM   615 N  N   . ARG A 1 80 ? -0.25599  -7.97092  -12.06029 1.000 41.95401  ? 74  ARG A N   1 
ATOM   616 C  CA  . ARG A 1 80 ? -1.51176  -8.27529  -12.72726 1.000 55.19844  ? 74  ARG A CA  1 
ATOM   617 C  C   . ARG A 1 80 ? -1.34931  -9.50489  -13.61054 1.000 63.12217  ? 74  ARG A C   1 
ATOM   618 O  O   . ARG A 1 80 ? -0.30477  -10.16140 -13.57993 1.000 64.75984  ? 74  ARG A O   1 
ATOM   619 C  CB  . ARG A 1 80 ? -1.97536  -7.08649  -13.57081 1.000 53.40988  ? 74  ARG A CB  1 
ATOM   620 N  N   . GLY B 2 2  ? 1.57010   -15.71764 -6.89462  1.000 65.36449  ? 4   GLY C N   1 
ATOM   621 C  CA  . GLY B 2 2  ? 2.91799   -16.19085 -7.14735  1.000 63.81998  ? 4   GLY C CA  1 
ATOM   622 C  C   . GLY B 2 2  ? 3.78045   -16.18308 -5.90113  1.000 55.84160  ? 4   GLY C C   1 
ATOM   623 O  O   . GLY B 2 2  ? 3.41347   -15.58627 -4.89317  1.000 51.53014  ? 4   GLY C O   1 
ATOM   624 N  N   . GLN B 2 3  ? 4.94752   -16.82548 -5.98223  1.000 63.69131  ? 5   GLN C N   1 
ATOM   625 C  CA  . GLN B 2 3  ? 5.79637   -16.99342 -4.80478  1.000 58.36593  ? 5   GLN C CA  1 
ATOM   626 C  C   . GLN B 2 3  ? 6.46646   -15.68360 -4.39266  1.000 48.78239  ? 5   GLN C C   1 
ATOM   627 O  O   . GLN B 2 3  ? 6.53760   -15.36440 -3.19875  1.000 42.55996  ? 5   GLN C O   1 
ATOM   628 C  CB  . GLN B 2 3  ? 6.84352   -18.07463 -5.07064  1.000 66.89021  ? 5   GLN C CB  1 
ATOM   629 N  N   . GLN B 2 4  ? 6.97954   -14.91545 -5.36325  1.000 38.90712  ? 6   GLN C N   1 
ATOM   630 C  CA  . GLN B 2 4  ? 7.63755   -13.64980 -5.03985  1.000 34.15033  ? 6   GLN C CA  1 
ATOM   631 C  C   . GLN B 2 4  ? 6.68212   -12.68794 -4.34605  1.000 31.65976  ? 6   GLN C C   1 
ATOM   632 O  O   . GLN B 2 4  ? 7.03074   -12.05927 -3.33838  1.000 32.38927  ? 6   GLN C O   1 
ATOM   633 C  CB  . GLN B 2 4  ? 8.18992   -12.99665 -6.31074  1.000 40.25800  ? 6   GLN C CB  1 
ATOM   634 C  CG  . GLN B 2 4  ? 9.68778   -13.13220 -6.49283  1.000 42.37201  ? 6   GLN C CG  1 
ATOM   635 C  CD  . GLN B 2 4  ? 10.20112  -12.30120 -7.66290  1.000 40.94292  ? 6   GLN C CD  1 
ATOM   636 O  OE1 . GLN B 2 4  ? 10.94736  -11.33578 -7.47727  1.000 46.18559  ? 6   GLN C OE1 1 
ATOM   637 N  NE2 . GLN B 2 4  ? 9.79692   -12.67106 -8.87195  1.000 39.52333  ? 6   GLN C NE2 1 
ATOM   638 N  N   . GLU B 2 5  ? 5.48048   -12.53001 -4.90014  1.000 32.79737  ? 7   GLU C N   1 
ATOM   639 C  CA  . GLU B 2 5  ? 4.51311   -11.59906 -4.32835  1.000 35.79051  ? 7   GLU C CA  1 
ATOM   640 C  C   . GLU B 2 5  ? 4.11501   -12.00306 -2.91063  1.000 34.91391  ? 7   GLU C C   1 
ATOM   641 O  O   . GLU B 2 5  ? 3.95227   -11.14440 -2.03463  1.000 30.13599  ? 7   GLU C O   1 
ATOM   642 C  CB  . GLU B 2 5  ? 3.28324   -11.51361 -5.23179  1.000 37.15582  ? 7   GLU C CB  1 
ATOM   643 N  N   . GLU B 2 6  ? 3.96015   -13.30024 -2.65513  1.000 32.43358  ? 8   GLU C N   1 
ATOM   644 C  CA  . GLU B 2 6  ? 3.58011   -13.70144 -1.30534  1.000 35.99334  ? 8   GLU C CA  1 
ATOM   645 C  C   . GLU B 2 6  ? 4.73169   -13.49209 -0.33340  1.000 27.18305  ? 8   GLU C C   1 
ATOM   646 O  O   . GLU B 2 6  ? 4.51981   -13.11089 0.82058   1.000 28.11764  ? 8   GLU C O   1 
ATOM   647 C  CB  . GLU B 2 6  ? 3.11731   -15.16250 -1.29014  1.000 50.31471  ? 8   GLU C CB  1 
ATOM   648 C  CG  . GLU B 2 6  ? 1.88203   -15.45819 -2.14149  1.000 61.41803  ? 8   GLU C CG  1 
ATOM   649 C  CD  . GLU B 2 6  ? 0.62658   -14.73291 -1.66742  1.000 70.31941  ? 8   GLU C CD  1 
ATOM   650 O  OE1 . GLU B 2 6  ? -0.05252  -14.10538 -2.50838  1.000 74.77412  ? 8   GLU C OE1 1 
ATOM   651 O  OE2 . GLU B 2 6  ? 0.31136   -14.79461 -0.45977  1.000 68.80489  ? 8   GLU C OE2 1 
ATOM   652 N  N   . GLU B 2 7  ? 5.96077   -13.73493 -0.77733  1.000 28.02513  ? 9   GLU C N   1 
ATOM   653 C  CA  . GLU B 2 7  ? 7.09748   -13.50871 0.10519   1.000 30.85463  ? 9   GLU C CA  1 
ATOM   654 C  C   . GLU B 2 7  ? 7.29312   -12.01603 0.38031   1.000 34.30129  ? 9   GLU C C   1 
ATOM   655 O  O   . GLU B 2 7  ? 7.63181   -11.62500 1.50382   1.000 32.60006  ? 9   GLU C O   1 
ATOM   656 C  CB  . GLU B 2 7  ? 8.35032   -14.12611 -0.51001  1.000 42.31249  ? 9   GLU C CB  1 
ATOM   657 C  CG  . GLU B 2 7  ? 9.63753   -13.76602 0.19686   1.000 49.19908  ? 9   GLU C CG  1 
ATOM   658 N  N   . ASP B 2 8  ? 7.07664   -11.16532 -0.63071  1.000 33.08323  ? 10  ASP C N   1 
ATOM   659 C  CA  . ASP B 2 8  ? 7.14143   -9.72201  -0.40047  1.000 30.93168  ? 10  ASP C CA  1 
ATOM   660 C  C   . ASP B 2 8  ? 6.01911   -9.26690  0.51314   1.000 25.31531  ? 10  ASP C C   1 
ATOM   661 O  O   . ASP B 2 8  ? 6.23443   -8.43966  1.40354   1.000 30.43749  ? 10  ASP C O   1 
ATOM   662 C  CB  . ASP B 2 8  ? 7.07236   -8.94976  -1.71655  1.000 32.62922  ? 10  ASP C CB  1 
ATOM   663 C  CG  . ASP B 2 8  ? 8.23828   -9.22637  -2.60690  1.000 47.19876  ? 10  ASP C CG  1 
ATOM   664 O  OD1 . ASP B 2 8  ? 9.29647   -9.62934  -2.08465  1.000 56.41682  ? 10  ASP C OD1 1 
ATOM   665 O  OD2 . ASP B 2 8  ? 8.10012   -9.02950  -3.83065  1.000 55.18143  ? 10  ASP C OD2 1 
ATOM   666 N  N   . LEU B 2 9  ? 4.80566   -9.77049  0.28963   1.000 25.49460  ? 11  LEU C N   1 
ATOM   667 C  CA  . LEU B 2 9  ? 3.69665   -9.43293  1.17707   1.000 25.14975  ? 11  LEU C CA  1 
ATOM   668 C  C   . LEU B 2 9  ? 4.03409   -9.75962  2.62300   1.000 22.03613  ? 11  LEU C C   1 
ATOM   669 O  O   . LEU B 2 9  ? 3.77802   -8.95977  3.52706   1.000 24.58150  ? 11  LEU C O   1 
ATOM   670 C  CB  . LEU B 2 9  ? 2.43684   -10.17075 0.74447   1.000 27.72094  ? 11  LEU C CB  1 
ATOM   671 C  CG  . LEU B 2 9  ? 1.21074   -9.98059  1.63712   1.000 27.52903  ? 11  LEU C CG  1 
ATOM   672 C  CD1 . LEU B 2 9  ? 0.89234   -8.51318  1.79508   1.000 29.33317  ? 11  LEU C CD1 1 
ATOM   673 C  CD2 . LEU B 2 9  ? 0.02619   -10.71440 1.06351   1.000 31.90047  ? 11  LEU C CD2 1 
ATOM   674 N  N   . GLN B 2 10 ? 4.58570   -10.95033 2.85320   1.000 26.42832  ? 12  GLN C N   1 
ATOM   675 C  CA  . GLN B 2 10 ? 4.99378   -11.35951 4.19155   1.000 24.70368  ? 12  GLN C CA  1 
ATOM   676 C  C   . GLN B 2 10 ? 6.04332   -10.40733 4.76106   1.000 23.26231  ? 12  GLN C C   1 
ATOM   677 O  O   . GLN B 2 10 ? 5.98509   -10.01818 5.93672   1.000 23.17001  ? 12  GLN C O   1 
ATOM   678 C  CB  . GLN B 2 10 ? 5.52656   -12.78915 4.11676   1.000 29.52471  ? 12  GLN C CB  1 
ATOM   679 C  CG  . GLN B 2 10 ? 5.26606   -13.65205 5.31359   1.000 41.37478  ? 12  GLN C CG  1 
ATOM   680 C  CD  . GLN B 2 10 ? 5.35564   -15.15988 4.98691   1.000 49.14173  ? 12  GLN C CD  1 
ATOM   681 O  OE1 . GLN B 2 10 ? 4.36623   -15.88935 5.07105   1.000 52.30946  ? 12  GLN C OE1 1 
ATOM   682 N  NE2 . GLN B 2 10 ? 6.54300   -15.61570 4.61933   1.000 50.00416  ? 12  GLN C NE2 1 
ATOM   683 N  N   . ARG B 2 11 ? 7.02063   -10.02597 3.93641   1.000 23.14407  ? 13  ARG C N   1 
ATOM   684 C  CA  . ARG B 2 11 ? 8.05612   -9.09925  4.38100   1.000 29.27438  ? 13  ARG C CA  1 
ATOM   685 C  C   . ARG B 2 11 ? 7.47337   -7.74910  4.78800   1.000 28.51958  ? 13  ARG C C   1 
ATOM   686 O  O   . ARG B 2 11 ? 7.86084   -7.17528  5.81169   1.000 27.76478  ? 13  ARG C O   1 
ATOM   687 C  CB  . ARG B 2 11 ? 9.08965   -8.91329  3.26644   1.000 34.42626  ? 13  ARG C CB  1 
ATOM   688 C  CG  . ARG B 2 11 ? 10.31866  -8.13578  3.68943   1.000 47.16246  ? 13  ARG C CG  1 
ATOM   689 C  CD  . ARG B 2 11 ? 11.46829  -8.31913  2.69572   1.000 55.88230  ? 13  ARG C CD  1 
ATOM   690 N  NE  . ARG B 2 11 ? 11.26307  -7.57235  1.45752   1.000 61.59865  ? 13  ARG C NE  1 
ATOM   691 N  N   . ILE B 2 12 ? 6.54507   -7.22420  4.00116   1.000 22.72377  ? 14  ILE C N   1 
ATOM   692 C  CA  . ILE B 2 12 ? 6.00374   -5.90335  4.29897   1.000 23.58039  ? 14  ILE C CA  1 
ATOM   693 C  C   . ILE B 2 12 ? 5.05470   -5.95086  5.48958   1.000 26.53634  ? 14  ILE C C   1 
ATOM   694 O  O   . ILE B 2 12 ? 5.04108   -5.02947  6.31471   1.000 30.37822  ? 14  ILE C O   1 
ATOM   695 C  CB  . ILE B 2 12 ? 5.33021   -5.31856  3.04835   1.000 24.19429  ? 14  ILE C CB  1 
ATOM   696 C  CG1 . ILE B 2 12 ? 6.33688   -5.25287  1.89367   1.000 28.99131  ? 14  ILE C CG1 1 
ATOM   697 C  CG2 . ILE B 2 12 ? 4.75112   -3.92168  3.34023   1.000 25.95829  ? 14  ILE C CG2 1 
ATOM   698 C  CD1 . ILE B 2 12 ? 7.67685   -4.58673  2.24492   1.000 30.79389  ? 14  ILE C CD1 1 
ATOM   699 N  N   . LEU B 2 13 ? 4.23363   -7.00743  5.60122   1.000 23.15947  ? 15  LEU C N   1 
ATOM   700 C  CA  . LEU B 2 13 ? 3.41650   -7.16089  6.80800   1.000 24.09003  ? 15  LEU C CA  1 
ATOM   701 C  C   . LEU B 2 13 ? 4.30390   -7.20396  8.04171   1.000 22.17304  ? 15  LEU C C   1 
ATOM   702 O  O   . LEU B 2 13 ? 4.03121   -6.55023  9.05095   1.000 23.12164  ? 15  LEU C O   1 
ATOM   703 C  CB  . LEU B 2 13 ? 2.57121   -8.44344  6.72991   1.000 20.84979  ? 15  LEU C CB  1 
ATOM   704 C  CG  . LEU B 2 13 ? 1.47556   -8.46761  5.67666   1.000 22.75973  ? 15  LEU C CG  1 
ATOM   705 C  CD1 . LEU B 2 13 ? 0.96725   -9.91210  5.47876   1.000 20.55635  ? 15  LEU C CD1 1 
ATOM   706 C  CD2 . LEU B 2 13 ? 0.35678   -7.56879  6.12611   1.000 23.26155  ? 15  LEU C CD2 1 
ATOM   707 N  N   . GLN B 2 14 ? 5.36496   -7.99969  7.97472   1.000 22.17518  ? 16  GLN C N   1 
ATOM   708 C  CA  . GLN B 2 14 ? 6.33729   -8.04755  9.05051   1.000 25.27552  ? 16  GLN C CA  1 
ATOM   709 C  C   . GLN B 2 14 ? 6.83772   -6.65107  9.40190   1.000 25.47897  ? 16  GLN C C   1 
ATOM   710 O  O   . GLN B 2 14 ? 6.82937   -6.24319  10.56964  1.000 27.02729  ? 16  GLN C O   1 
ATOM   711 C  CB  . GLN B 2 14 ? 7.49639   -8.93558  8.61970   1.000 25.19614  ? 16  GLN C CB  1 
ATOM   712 C  CG  . GLN B 2 14 ? 8.42116   -9.28119  9.73097   1.000 28.79074  ? 16  GLN C CG  1 
ATOM   713 C  CD  . GLN B 2 14 ? 7.68675   -10.05720 10.79115  1.000 33.62457  ? 16  GLN C CD  1 
ATOM   714 O  OE1 . GLN B 2 14 ? 6.90936   -10.96383 10.47460  1.000 36.09854  ? 16  GLN C OE1 1 
ATOM   715 N  NE2 . GLN B 2 14 ? 7.89902   -9.69701  12.05053  1.000 27.41241  ? 16  GLN C NE2 1 
ATOM   716 N  N   . LEU B 2 15 ? 7.26841   -5.90448  8.38593   1.000 26.59264  ? 17  LEU C N   1 
ATOM   717 C  CA  . LEU B 2 15 ? 7.80990   -4.56352  8.59342   1.000 30.63462  ? 17  LEU C CA  1 
ATOM   718 C  C   . LEU B 2 15 ? 6.79199   -3.64015  9.24692   1.000 34.32984  ? 17  LEU C C   1 
ATOM   719 O  O   . LEU B 2 15 ? 7.14864   -2.81207  10.09808  1.000 34.21538  ? 17  LEU C O   1 
ATOM   720 C  CB  . LEU B 2 15 ? 8.25487   -3.98436  7.25292   1.000 28.85565  ? 17  LEU C CB  1 
ATOM   721 C  CG  . LEU B 2 15 ? 8.72390   -2.53083  7.19492   1.000 33.29983  ? 17  LEU C CG  1 
ATOM   722 C  CD1 . LEU B 2 15 ? 10.06182  -2.37248  7.90513   1.000 35.54288  ? 17  LEU C CD1 1 
ATOM   723 C  CD2 . LEU B 2 15 ? 8.81186   -2.05802  5.74406   1.000 32.09760  ? 17  LEU C CD2 1 
ATOM   724 N  N   . SER B 2 16 ? 5.52626   -3.72784  8.82552   1.000 28.15810  ? 18  SER C N   1 
ATOM   725 C  CA  . SER B 2 16 ? 4.51256   -2.79955  9.32164   1.000 29.75962  ? 18  SER C CA  1 
ATOM   726 C  C   . SER B 2 16 ? 4.20345   -3.02899  10.79067  1.000 30.35755  ? 18  SER C C   1 
ATOM   727 O  O   . SER B 2 16 ? 3.58824   -2.17099  11.43340  1.000 33.80862  ? 18  SER C O   1 
ATOM   728 C  CB  . SER B 2 16 ? 3.23120   -2.95501  8.50821   1.000 39.97553  ? 18  SER C CB  1 
ATOM   729 O  OG  . SER B 2 16 ? 2.64415   -4.22259  8.79480   1.000 31.28433  ? 18  SER C OG  1 
ATOM   730 N  N   . LEU B 2 17 ? 4.60259   -4.17619  11.33089  1.000 28.86427  ? 19  LEU C N   1 
ATOM   731 C  CA  . LEU B 2 17 ? 4.33369   -4.45742  12.73799  1.000 37.50908  ? 19  LEU C CA  1 
ATOM   732 C  C   . LEU B 2 17 ? 5.04098   -3.46534  13.64017  1.000 38.07625  ? 19  LEU C C   1 
ATOM   733 O  O   . LEU B 2 17 ? 4.55459   -3.15549  14.73324  1.000 36.98002  ? 19  LEU C O   1 
ATOM   734 C  CB  . LEU B 2 17 ? 4.77136   -5.87549  13.09252  1.000 35.00204  ? 19  LEU C CB  1 
ATOM   735 C  CG  . LEU B 2 17 ? 3.83221   -7.01091  12.71305  1.000 33.88065  ? 19  LEU C CG  1 
ATOM   736 C  CD1 . LEU B 2 17 ? 4.44379   -8.29997  13.20078  1.000 34.59550  ? 19  LEU C CD1 1 
ATOM   737 C  CD2 . LEU B 2 17 ? 2.47262   -6.77083  13.33624  1.000 30.12246  ? 19  LEU C CD2 1 
ATOM   738 N  N   . THR B 2 18 ? 6.18988   -2.96977  13.20842  1.000 35.43268  ? 20  THR C N   1 
ATOM   739 C  CA  . THR B 2 18 ? 6.94024   -2.00802  13.99510  1.000 41.49800  ? 20  THR C CA  1 
ATOM   740 C  C   . THR B 2 18 ? 7.08256   -0.65402  13.31561  1.000 47.99729  ? 20  THR C C   1 
ATOM   741 O  O   . THR B 2 18 ? 7.50014   0.30528   13.97480  1.000 54.34691  ? 20  THR C O   1 
ATOM   742 C  CB  . THR B 2 18 ? 8.33070   -2.56550  14.32312  1.000 48.42484  ? 20  THR C CB  1 
ATOM   743 O  OG1 . THR B 2 18 ? 8.95798   -3.01067  13.11606  1.000 52.51109  ? 20  THR C OG1 1 
ATOM   744 C  CG2 . THR B 2 18 ? 8.21687   -3.73166  15.28190  1.000 53.50376  ? 20  THR C CG2 1 
ATOM   745 N  N   . GLU B 2 19 ? 6.74691   -0.54405  12.03108  1.000 48.20974  ? 21  GLU C N   1 
ATOM   746 C  CA  . GLU B 2 19 ? 6.79092   0.73183   11.30929  1.000 56.75208  ? 21  GLU C CA  1 
ATOM   747 C  C   . GLU B 2 19 ? 5.35745   1.11666   10.95291  1.000 54.01977  ? 21  GLU C C   1 
ATOM   748 O  O   . GLU B 2 19 ? 4.86813   0.84588   9.85420   1.000 47.53944  ? 21  GLU C O   1 
ATOM   749 C  CB  . GLU B 2 19 ? 7.68154   0.64785   10.06629  1.000 65.08537  ? 21  GLU C CB  1 
ATOM   750 C  CG  . GLU B 2 19 ? 9.10679   1.10953   10.30358  1.000 87.33315  ? 21  GLU C CG  1 
ATOM   751 C  CD  . GLU B 2 19 ? 10.09502  -0.03653  10.41266  1.000 100.17667 ? 21  GLU C CD  1 
ATOM   752 O  OE1 . GLU B 2 19 ? 11.16276  0.04335   9.76684   1.000 106.92055 ? 21  GLU C OE1 1 
ATOM   753 O  OE2 . GLU B 2 19 ? 9.80869   -1.01581  11.13525  1.000 103.62535 ? 21  GLU C OE2 1 
ATOM   754 N  N   . HIS B 2 20 ? 4.68316   1.74850   11.90729  1.000 55.85790  ? 22  HIS C N   1 
ATOM   755 C  CA  . HIS B 2 20 ? 3.29966   2.16690   11.74930  1.000 53.83698  ? 22  HIS C CA  1 
ATOM   756 C  C   . HIS B 2 20 ? 3.10056   3.53613   12.38182  1.000 58.73179  ? 22  HIS C C   1 
ATOM   757 O  O   . HIS B 2 20 ? 1.99939   4.08683   12.38232  1.000 57.50240  ? 22  HIS C O   1 
ATOM   758 C  CB  . HIS B 2 20 ? 2.34454   1.15156   12.38047  1.000 49.78949  ? 22  HIS C CB  1 
ATOM   759 C  CG  . HIS B 2 20 ? 2.58373   0.90824   13.84062  1.000 55.76824  ? 22  HIS C CG  1 
ATOM   760 N  ND1 . HIS B 2 20 ? 2.18929   1.79265   14.82264  1.000 62.90654  ? 22  HIS C ND1 1 
ATOM   761 C  CD2 . HIS B 2 20 ? 3.15682   -0.13603  14.48571  1.000 55.29253  ? 22  HIS C CD2 1 
ATOM   762 C  CE1 . HIS B 2 20 ? 2.52212   1.31049   16.00647  1.000 62.74990  ? 22  HIS C CE1 1 
ATOM   763 N  NE2 . HIS B 2 20 ? 3.11120   0.14109   15.82999  1.000 58.20034  ? 22  HIS C NE2 1 
ATOM   764 O  OXT . HIS B 2 20 ? 4.04643   4.10544   12.92298  1.000 63.16434  ? 22  HIS C OXT 1 
HETATM 765 S  S   . SO4 C 3 .  ? 5.64699   -14.28946 -8.63894  1.000 47.67730  ? 101 SO4 C S   1 
HETATM 766 O  O1  . SO4 C 3 .  ? 6.13560   -15.40340 -7.83898  1.000 44.57471  ? 101 SO4 C O1  1 
HETATM 767 O  O2  . SO4 C 3 .  ? 4.59858   -14.72745 -9.55258  1.000 49.70583  ? 101 SO4 C O2  1 
HETATM 768 O  O3  . SO4 C 3 .  ? 5.13521   -13.22624 -7.78301  1.000 50.80468  ? 101 SO4 C O3  1 
HETATM 769 O  O4  . SO4 C 3 .  ? 6.77206   -13.77328 -9.40744  1.000 53.92922  ? 101 SO4 C O4  1 
HETATM 770 NA NA  . NA  D 4 .  ? 11.11551  -7.15062  7.73613   1.000 64.73972  ? 102 NA  C NA  1 
HETATM 771 O  O   . HOH E 5 .  ? -10.74072 5.05212   14.26450  1.000 51.35236  ? 101 HOH A O   1 
HETATM 772 O  O   . HOH E 5 .  ? 11.81645  4.43086   -4.77453  1.000 38.26019  ? 102 HOH A O   1 
HETATM 773 O  O   . HOH E 5 .  ? 1.14773   15.39609  12.88959  1.000 54.32940  ? 103 HOH A O   1 
HETATM 774 O  O   . HOH E 5 .  ? 11.89759  -1.46109  -2.96305  0.50  62.32501  ? 104 HOH A O   1 
HETATM 775 O  O   . HOH E 5 .  ? 17.12917  -18.07175 -21.26690 1.000 41.35133  ? 105 HOH A O   1 
HETATM 776 O  O   . HOH E 5 .  ? -3.49761  3.87473   15.51431  1.000 56.39116  ? 106 HOH A O   1 
HETATM 777 O  O   . HOH E 5 .  ? -5.27547  -3.12088  0.19080   1.000 28.49642  ? 107 HOH A O   1 
HETATM 778 O  O   . HOH E 5 .  ? -8.62345  -5.98933  7.00655   1.000 42.60094  ? 108 HOH A O   1 
HETATM 779 O  O   . HOH E 5 .  ? 1.93886   0.14353   9.29167   1.000 31.18445  ? 109 HOH A O   1 
HETATM 780 O  O   . HOH E 5 .  ? 6.20772   -5.74821  -5.79693  1.000 49.61576  ? 110 HOH A O   1 
HETATM 781 O  O   . HOH E 5 .  ? -10.07919 -5.05508  -0.95576  1.000 49.37069  ? 111 HOH A O   1 
HETATM 782 O  O   . HOH E 5 .  ? -15.84193 6.64933   -2.74751  1.000 56.45959  ? 112 HOH A O   1 
HETATM 783 O  O   . HOH E 5 .  ? 11.76954  9.48559   4.21579   1.000 54.75894  ? 113 HOH A O   1 
HETATM 784 O  O   . HOH F 5 .  ? 8.55317   -15.68047 -9.13739  1.000 47.32733  ? 201 HOH C O   1 
HETATM 785 O  O   . HOH F 5 .  ? -0.31116  4.82072   13.95223  1.000 54.54717  ? 202 HOH C O   1 
HETATM 786 O  O   . HOH F 5 .  ? 1.31195   -3.91104  15.83580  1.000 66.78009  ? 203 HOH C O   1 
HETATM 787 O  O   . HOH F 5 .  ? 8.81104   -5.74731  -1.10175  1.000 43.79285  ? 204 HOH C O   1 
# 
loop_
_atom_site_anisotrop.id 
_atom_site_anisotrop.type_symbol 
_atom_site_anisotrop.pdbx_label_atom_id 
_atom_site_anisotrop.pdbx_label_alt_id 
_atom_site_anisotrop.pdbx_label_comp_id 
_atom_site_anisotrop.pdbx_label_asym_id 
_atom_site_anisotrop.pdbx_label_seq_id 
_atom_site_anisotrop.pdbx_PDB_ins_code 
_atom_site_anisotrop.U[1][1] 
_atom_site_anisotrop.U[2][2] 
_atom_site_anisotrop.U[3][3] 
_atom_site_anisotrop.U[1][2] 
_atom_site_anisotrop.U[1][3] 
_atom_site_anisotrop.U[2][3] 
_atom_site_anisotrop.pdbx_auth_seq_id 
_atom_site_anisotrop.pdbx_auth_comp_id 
_atom_site_anisotrop.pdbx_auth_asym_id 
_atom_site_anisotrop.pdbx_auth_atom_id 
1   N N   . ALA A 6  ? 1.25702 0.77138 0.90496 -0.25242 -0.01833 -0.21505 0  ALA A N   
2   C CA  . ALA A 6  ? 1.19385 0.75426 0.90054 -0.24299 -0.03108 -0.20851 0  ALA A CA  
3   C C   . ALA A 6  ? 1.13674 0.73179 0.87413 -0.24910 0.00961  -0.19727 0  ALA A C   
4   O O   . ALA A 6  ? 1.11750 0.73436 0.89688 -0.25670 0.04241  -0.19854 0  ALA A O   
5   C CB  . ALA A 6  ? 1.16489 0.76059 0.95326 -0.23977 -0.05005 -0.21688 0  ALA A CB  
6   N N   . MET A 7  ? 1.09061 0.69260 0.81142 -0.24334 0.00508  -0.18730 1  MET A N   
7   C CA  . MET A 7  ? 0.99334 0.62599 0.74039 -0.24656 0.03921  -0.17780 1  MET A CA  
8   C C   . MET A 7  ? 0.86046 0.54298 0.67693 -0.24092 0.03031  -0.16970 1  MET A C   
9   O O   . MET A 7  ? 0.82064 0.50606 0.63661 -0.23401 -0.00367 -0.17023 1  MET A O   
10  C CB  . MET A 7  ? 1.15193 0.75345 0.82481 -0.24672 0.04632  -0.17142 1  MET A CB  
11  C CG  . MET A 7  ? 1.22617 0.84208 0.91041 -0.25456 0.09138  -0.17021 1  MET A CG  
12  S SD  . MET A 7  ? 1.35765 0.93354 0.95436 -0.25827 0.10033  -0.16237 1  MET A SD  
13  C CE  . MET A 7  ? 1.35004 0.94414 0.95093 -0.24142 0.06333  -0.14925 1  MET A CE  
14  N N   . GLN A 8  ? 0.72788 0.45137 0.60813 -0.24255 0.05985  -0.16236 2  GLN A N   
15  C CA  . GLN A 8  ? 0.69151 0.46681 0.63882 -0.23497 0.05818  -0.14768 2  GLN A CA  
16  C C   . GLN A 8  ? 0.66401 0.45256 0.60217 -0.22824 0.07162  -0.13461 2  GLN A C   
17  O O   . GLN A 8  ? 0.79019 0.56975 0.72510 -0.23411 0.09863  -0.13887 2  GLN A O   
18  C CB  . GLN A 8  ? 0.71783 0.52662 0.74305 -0.23617 0.07555  -0.14359 2  GLN A CB  
19  C CG  . GLN A 8  ? 0.61913 0.47479 0.70089 -0.22416 0.08173  -0.12162 2  GLN A CG  
20  C CD  . GLN A 8  ? 0.58951 0.46294 0.73003 -0.22322 0.09480  -0.11621 2  GLN A CD  
21  O OE1 . GLN A 8  ? 0.57784 0.44007 0.72439 -0.22687 0.09532  -0.12689 2  GLN A OE1 
22  N NE2 . GLN A 8  ? 0.58383 0.48129 0.75903 -0.21399 0.10100  -0.09736 2  GLN A NE2 
23  N N   . ILE A 9  ? 0.56359 0.37731 0.50487 -0.21406 0.05267  -0.12058 3  ILE A N   
24  C CA  . ILE A 9  ? 0.53753 0.36896 0.47603 -0.20542 0.06232  -0.10622 3  ILE A CA  
25  C C   . ILE A 9  ? 0.55155 0.43435 0.54656 -0.19135 0.05444  -0.08739 3  ILE A C   
26  O O   . ILE A 9  ? 0.51679 0.41876 0.54630 -0.18959 0.04112  -0.08842 3  ILE A O   
27  C CB  . ILE A 9  ? 0.64046 0.43543 0.49985 -0.20532 0.04905  -0.11024 3  ILE A CB  
28  C CG1 . ILE A 9  ? 0.60720 0.40726 0.45656 -0.19411 0.01033  -0.10922 3  ILE A CG1 
29  C CG2 . ILE A 9  ? 0.75214 0.48166 0.53842 -0.22465 0.05941  -0.13061 3  ILE A CG2 
30  C CD1 . ILE A 9  ? 0.66168 0.42310 0.43359 -0.19143 -0.00944 -0.11133 3  ILE A CD1 
31  N N   . PHE A 10 ? 0.45459 0.35690 0.45888 -0.18310 0.06496  -0.07228 4  PHE A N   
32  C CA  . PHE A 10 ? 0.53261 0.47438 0.57577 -0.17233 0.06103  -0.05412 4  PHE A CA  
33  C C   . PHE A 10 ? 0.48217 0.42997 0.49253 -0.16230 0.04737  -0.04871 4  PHE A C   
34  O O   . PHE A 10 ? 0.49430 0.42049 0.46084 -0.16190 0.05051  -0.05087 4  PHE A O   
35  C CB  . PHE A 10 ? 0.39181 0.34575 0.47083 -0.16957 0.07944  -0.03948 4  PHE A CB  
36  C CG  . PHE A 10 ? 0.41549 0.36105 0.52951 -0.17810 0.09015  -0.04495 4  PHE A CG  
37  C CD1 . PHE A 10 ? 0.42724 0.38511 0.57666 -0.18219 0.08860  -0.04051 4  PHE A CD1 
38  C CD2 . PHE A 10 ? 0.47457 0.39944 0.58949 -0.18340 0.10354  -0.05737 4  PHE A CD2 
39  C CE1 . PHE A 10 ? 0.44250 0.38979 0.62274 -0.18995 0.09689  -0.04528 4  PHE A CE1 
40  C CE2 . PHE A 10 ? 0.47514 0.39275 0.62694 -0.19043 0.11159  -0.06462 4  PHE A CE2 
41  C CZ  . PHE A 10 ? 0.41200 0.33973 0.59400 -0.19286 0.10657  -0.05693 4  PHE A CZ  
42  N N   . VAL A 11 ? 0.39504 0.37142 0.42871 -0.15562 0.03422  -0.04426 5  VAL A N   
43  C CA  . VAL A 11 ? 0.38419 0.37323 0.39857 -0.14464 0.02257  -0.03799 5  VAL A CA  
44  C C   . VAL A 11 ? 0.35331 0.37745 0.40697 -0.14015 0.03549  -0.02069 5  VAL A C   
45  O O   . VAL A 11 ? 0.36013 0.40495 0.45571 -0.14485 0.03943  -0.02198 5  VAL A O   
46  C CB  . VAL A 11 ? 0.46320 0.44883 0.46499 -0.14028 -0.00884 -0.05406 5  VAL A CB  
47  C CG1 . VAL A 11 ? 0.39125 0.39155 0.37809 -0.12812 -0.02067 -0.04777 5  VAL A CG1 
48  C CG2 . VAL A 11 ? 0.45554 0.38924 0.39922 -0.14651 -0.02479 -0.07002 5  VAL A CG2 
49  N N   . ARG A 12 ? 0.33619 0.36189 0.37325 -0.13303 0.04376  -0.00588 6  ARG A N   
50  C CA  . ARG A 12 ? 0.31522 0.36335 0.37164 -0.12851 0.05301  0.01143  6  ARG A CA  
51  C C   . ARG A 12 ? 0.36020 0.42852 0.40705 -0.11995 0.03972  0.00966  6  ARG A C   
52  O O   . ARG A 12 ? 0.40323 0.46242 0.41437 -0.11204 0.02905  0.00877  6  ARG A O   
53  C CB  . ARG A 12 ? 0.33671 0.37193 0.38315 -0.12355 0.06396  0.02635  6  ARG A CB  
54  C CG  . ARG A 12 ? 0.48474 0.52852 0.53813 -0.11956 0.07063  0.04575  6  ARG A CG  
55  C CD  . ARG A 12 ? 0.49954 0.53400 0.57671 -0.13000 0.08151  0.05258  6  ARG A CD  
56  N NE  . ARG A 12 ? 0.58426 0.61367 0.65289 -0.13046 0.08875  0.07111  6  ARG A NE  
57  C CZ  . ARG A 12 ? 0.68417 0.70168 0.76085 -0.14365 0.10115  0.07751  6  ARG A CZ  
58  N NH1 . ARG A 12 ? 0.61725 0.63424 0.71965 -0.15529 0.10653  0.06647  6  ARG A NH1 
59  N NH2 . ARG A 12 ? 0.80075 0.80176 0.85462 -0.14704 0.10925  0.09424  6  ARG A NH2 
60  N N   . THR A 13 ? 0.31650 0.41065 0.39677 -0.12295 0.04167  0.00638  7  THR A N   
61  C CA  . THR A 13 ? 0.30889 0.42631 0.39280 -0.11513 0.02872  -0.00063 7  THR A CA  
62  C C   . THR A 13 ? 0.34388 0.47214 0.41896 -0.11093 0.04312  0.01847  7  THR A C   
63  O O   . THR A 13 ? 0.38953 0.51261 0.47083 -0.11852 0.06397  0.03281  7  THR A O   
64  C CB  . THR A 13 ? 0.36417 0.50662 0.49981 -0.12175 0.02461  -0.02218 7  THR A CB  
65  O OG1 . THR A 13 ? 0.45462 0.58168 0.59384 -0.12351 0.00525  -0.04045 7  THR A OG1 
66  C CG2 . THR A 13 ? 0.48401 0.65377 0.63651 -0.11315 0.00985  -0.03517 7  THR A CG2 
67  N N   . HIS A 14 ? 0.30649 0.44299 0.36076 -0.09908 0.02971  0.01882  8  HIS A N   
68  C CA  . HIS A 14 ? 0.32052 0.46638 0.36275 -0.09366 0.04012  0.03543  8  HIS A CA  
69  C C   . HIS A 14 ? 0.28570 0.46053 0.34316 -0.08761 0.02910  0.02290  8  HIS A C   
70  O O   . HIS A 14 ? 0.29941 0.47541 0.35129 -0.07911 0.00301  0.00780  8  HIS A O   
71  C CB  . HIS A 14 ? 0.35429 0.48027 0.35521 -0.08307 0.03636  0.05016  8  HIS A CB  
72  C CG  . HIS A 14 ? 0.30651 0.40568 0.30060 -0.08702 0.04459  0.05642  8  HIS A CG  
73  N ND1 . HIS A 14 ? 0.28818 0.37428 0.28557 -0.08871 0.05758  0.07267  8  HIS A ND1 
74  C CD2 . HIS A 14 ? 0.28044 0.35956 0.26450 -0.09009 0.04057  0.04616  8  HIS A CD2 
75  C CE1 . HIS A 14 ? 0.27861 0.34344 0.27860 -0.09082 0.05957  0.07030  8  HIS A CE1 
76  N NE2 . HIS A 14 ? 0.30408 0.36613 0.29649 -0.09300 0.05280  0.05388  8  HIS A NE2 
77  N N   . ALA A 15 ? 0.27321 0.46486 0.34466 -0.09254 0.04804  0.02858  9  ALA A N   
78  C CA  . ALA A 15 ? 0.33682 0.55654 0.42196 -0.08642 0.04265  0.01866  9  ALA A CA  
79  C C   . ALA A 15 ? 0.41418 0.63098 0.48349 -0.09292 0.06967  0.03709  9  ALA A C   
80  O O   . ALA A 15 ? 0.56122 0.76635 0.63618 -0.10963 0.09521  0.04221  9  ALA A O   
81  C CB  . ALA A 15 ? 0.35212 0.60236 0.49788 -0.09239 0.03715  -0.01359 9  ALA A CB  
82  N N   . MET A 16 ? 0.49648 0.33349 0.62393 -0.11103 0.02598  -0.12950 10 MET A N   
83  C CA  . MET A 16 ? 0.57049 0.38664 0.68242 -0.07785 0.02623  -0.13951 10 MET A CA  
84  C C   . MET A 16 ? 0.60913 0.40216 0.74911 -0.06476 0.04667  -0.13168 10 MET A C   
85  O O   . MET A 16 ? 0.73324 0.52538 0.86434 -0.05491 0.04751  -0.14178 10 MET A O   
86  C CB  . MET A 16 ? 0.58438 0.40970 0.65241 -0.06452 0.00997  -0.15260 10 MET A CB  
87  N N   . ARG A 17 ? 0.47040 0.25801 0.63766 -0.06018 0.05912  -0.09848 11 ARG A N   
88  C CA  . ARG A 17 ? 0.43676 0.20489 0.62767 -0.04350 0.07660  -0.08309 11 ARG A CA  
89  C C   . ARG A 17 ? 0.44209 0.20358 0.64119 -0.01712 0.08405  -0.05815 11 ARG A C   
90  O O   . ARG A 17 ? 0.45802 0.24043 0.65134 -0.01734 0.07761  -0.03915 11 ARG A O   
91  C CB  . ARG A 17 ? 0.54097 0.32991 0.74844 -0.06157 0.08205  -0.05069 11 ARG A CB  
92  C CG  . ARG A 17 ? 0.61530 0.44354 0.82096 -0.07675 0.07228  -0.01185 11 ARG A CG  
93  C CD  . ARG A 17 ? 0.60415 0.44444 0.82369 -0.08985 0.07767  0.02226  11 ARG A CD  
94  N NE  . ARG A 17 ? 0.46934 0.29187 0.71423 -0.06818 0.09123  0.04522  11 ARG A NE  
95  C CZ  . ARG A 17 ? 0.61872 0.41536 0.87535 -0.06441 0.10332  0.03851  11 ARG A CZ  
96  N NH1 . ARG A 17 ? 0.67865 0.46585 0.92635 -0.08204 0.10547  0.00983  11 ARG A NH1 
97  N NH2 . ARG A 17 ? 0.58564 0.36629 0.86493 -0.04316 0.11324  0.06014  11 ARG A NH2 
98  N N   . THR A 18 ? 0.45764 0.18976 0.67180 0.00572  0.09823  -0.05873 12 THR A N   
99  C CA  . THR A 18 ? 0.46735 0.19287 0.69075 0.03327  0.10853  -0.03580 12 THR A CA  
100 C C   . THR A 18 ? 0.51953 0.25658 0.77515 0.03557  0.11871  0.00507  12 THR A C   
101 O O   . THR A 18 ? 0.52317 0.24887 0.79042 0.02921  0.12266  0.00306  12 THR A O   
102 C CB  . THR A 18 ? 0.53902 0.26008 0.72212 0.05353  0.09911  -0.05956 12 THR A CB  
103 O OG1 . THR A 18 ? 0.47691 0.20090 0.61478 0.04934  0.07921  -0.08759 12 THR A OG1 
104 C CG2 . THR A 18 ? 0.50239 0.22159 0.68598 0.07799  0.10733  -0.04043 12 THR A CG2 
105 N N   . ASP A 19 ? 0.47693 0.23754 0.74702 0.04405  0.12183  0.04198  13 ASP A N   
106 C CA  . ASP A 19 ? 0.52873 0.30203 0.82995 0.05006  0.12892  0.08208  13 ASP A CA  
107 C C   . ASP A 19 ? 0.49947 0.26193 0.81586 0.08357  0.14303  0.09425  13 ASP A C   
108 O O   . ASP A 19 ? 0.49516 0.25736 0.79900 0.09504  0.14572  0.08647  13 ASP A O   
109 C CB  . ASP A 19 ? 0.50655 0.32466 0.81740 0.02736  0.11737  0.11873  13 ASP A CB  
110 C CG  . ASP A 19 ? 0.59964 0.42753 0.89652 -0.00454 0.10597  0.11293  13 ASP A CG  
111 O OD1 . ASP A 19 ? 0.59624 0.40137 0.89285 -0.00839 0.11143  0.09945  13 ASP A OD1 
112 O OD2 . ASP A 19 ? 0.61936 0.47745 0.90562 -0.02590 0.09189  0.12212  13 ASP A OD2 
113 N N   A VAL A 20 ? 0.51655 0.27483 0.85339 0.09702  0.15029  0.11088  14 VAL A N   
114 N N   B VAL A 20 ? 0.51653 0.27490 0.85352 0.09699  0.15029  0.11107  14 VAL A N   
115 C CA  A VAL A 20 ? 0.53013 0.29783 0.86933 0.12099  0.15813  0.11869  14 VAL A CA  
116 C CA  B VAL A 20 ? 0.53028 0.29781 0.86941 0.12103  0.15813  0.11853  14 VAL A CA  
117 C C   A VAL A 20 ? 0.60996 0.40819 0.99050 0.12299  0.16096  0.16632  14 VAL A C   
118 C C   B VAL A 20 ? 0.62285 0.42086 1.00328 0.12317  0.16102  0.16611  14 VAL A C   
119 O O   A VAL A 20 ? 0.53192 0.33629 0.93376 0.11010  0.15484  0.19129  14 VAL A O   
120 O O   B VAL A 20 ? 0.53283 0.33661 0.93463 0.11088  0.15515  0.19078  14 VAL A O   
121 C CB  A VAL A 20 ? 0.55303 0.30115 0.87783 0.13199  0.15779  0.09915  14 VAL A CB  
122 C CB  B VAL A 20 ? 0.55313 0.30105 0.87837 0.13172  0.15772  0.09934  14 VAL A CB  
123 C CG1 A VAL A 20 ? 0.55511 0.28170 0.83445 0.13133  0.14787  0.05434  14 VAL A CG1 
124 C CG1 B VAL A 20 ? 0.57070 0.32193 0.88636 0.15403  0.16310  0.09875  14 VAL A CG1 
125 C CG2 A VAL A 20 ? 0.56096 0.30264 0.90912 0.12128  0.15619  0.11417  14 VAL A CG2 
126 C CG2 B VAL A 20 ? 0.55272 0.27725 0.84181 0.12346  0.14752  0.05726  14 VAL A CG2 
127 N N   . LEU A 21 ? 0.52861 0.34760 0.91751 0.13680  0.16833  0.17897  15 LEU A N   
128 C CA  . LEU A 21 ? 0.52841 0.38295 0.95815 0.13995  0.16946  0.22098  15 LEU A CA  
129 C C   . LEU A 21 ? 0.57469 0.43403 1.00975 0.16307  0.18278  0.22067  15 LEU A C   
130 O O   . LEU A 21 ? 0.55626 0.40299 0.96344 0.17465  0.19164  0.19757  15 LEU A O   
131 C CB  . LEU A 21 ? 0.54936 0.43303 0.99352 0.12940  0.16445  0.24375  15 LEU A CB  
132 C CG  . LEU A 21 ? 0.49081 0.38498 0.91353 0.09516  0.14434  0.23846  15 LEU A CG  
133 C CD1 . LEU A 21 ? 0.50495 0.43965 0.93373 0.07939  0.13369  0.25593  15 LEU A CD1 
134 C CD2 . LEU A 21 ? 0.51799 0.41490 0.95003 0.07931  0.13312  0.25514  15 LEU A CD2 
135 N N   . GLU A 22 ? 0.56100 0.43599 1.02801 0.16831  0.18216  0.24591  16 GLU A N   
136 C CA  . GLU A 22 ? 0.58108 0.46635 1.06205 0.18836  0.19387  0.25274  16 GLU A CA  
137 C C   . GLU A 22 ? 0.56912 0.49801 1.09074 0.18749  0.19654  0.28690  16 GLU A C   
138 O O   . GLU A 22 ? 0.56133 0.51541 1.11597 0.17638  0.18394  0.31638  16 GLU A O   
139 C CB  . GLU A 22 ? 0.60488 0.47948 1.09745 0.19529  0.18978  0.25779  16 GLU A CB  
140 C CG  . GLU A 22 ? 0.62115 0.45452 1.07630 0.19864  0.18710  0.22367  16 GLU A CG  
141 C CD  . GLU A 22 ? 0.64056 0.45736 1.06528 0.21684  0.19514  0.19714  16 GLU A CD  
142 O OE1 . GLU A 22 ? 0.63821 0.43240 1.02273 0.21467  0.19205  0.16576  16 GLU A OE1 
143 O OE2 . GLU A 22 ? 0.66033 0.48685 1.10044 0.23299  0.20237  0.20753  16 GLU A OE2 
144 N N   . VAL A 23 ? 0.59537 0.53298 1.11297 0.19776  0.21117  0.28319  17 VAL A N   
145 C CA  . VAL A 23 ? 0.58098 0.56047 1.13721 0.19549  0.21491  0.31321  17 VAL A CA  
146 C C   . VAL A 23 ? 0.63372 0.61976 1.19738 0.21557  0.23599  0.31424  17 VAL A C   
147 O O   . VAL A 23 ? 0.60526 0.56197 1.13859 0.23031  0.24507  0.29074  17 VAL A O   
148 C CB  . VAL A 23 ? 0.54821 0.53362 1.09257 0.18193  0.21069  0.31148  17 VAL A CB  
149 C CG1 . VAL A 23 ? 0.54597 0.52736 1.08463 0.15970  0.18777  0.31473  17 VAL A CG1 
150 C CG2 . VAL A 23 ? 0.57004 0.51981 1.06344 0.19070  0.22322  0.27582  17 VAL A CG2 
151 N N   . GLU A 24 ? 0.61170 0.63707 1.21610 0.21508  0.24211  0.34208  18 GLU A N   
152 C CA  . GLU A 24 ? 0.64732 0.68151 1.26218 0.23266  0.26439  0.34619  18 GLU A CA  
153 C C   . GLU A 24 ? 0.60484 0.64962 1.21476 0.23020  0.27724  0.34911  18 GLU A C   
154 O O   . GLU A 24 ? 0.57284 0.63936 1.19907 0.21363  0.26558  0.36311  18 GLU A O   
155 C CB  . GLU A 24 ? 0.68028 0.75220 1.35369 0.23671  0.26336  0.37740  18 GLU A CB  
156 C CG  . GLU A 24 ? 0.79352 0.84953 1.46860 0.24713  0.25726  0.37213  18 GLU A CG  
157 C CD  . GLU A 24 ? 0.90768 0.93773 1.55626 0.26973  0.27562  0.35074  18 GLU A CD  
158 O OE1 . GLU A 24 ? 0.95548 1.00499 1.62851 0.28248  0.29224  0.36224  18 GLU A OE1 
159 O OE2 . GLU A 24 ? 0.94689 0.93762 1.55050 0.27431  0.27205  0.32221  18 GLU A OE2 
160 N N   . PRO A 25 ? 0.64612 0.67436 1.23142 0.24627  0.29978  0.33624  19 PRO A N   
161 C CA  . PRO A 25 ? 0.63718 0.67275 1.21655 0.24497  0.31434  0.34066  19 PRO A CA  
162 C C   . PRO A 25 ? 0.61704 0.70584 1.25955 0.23508  0.31365  0.37842  19 PRO A C   
163 O O   . PRO A 25 ? 0.57126 0.67372 1.21772 0.22445  0.31315  0.38602  19 PRO A O   
164 C CB  . PRO A 25 ? 0.68730 0.69908 1.23652 0.26618  0.33906  0.32619  19 PRO A CB  
165 C CG  . PRO A 25 ? 0.72249 0.70160 1.24088 0.27534  0.33049  0.30120  19 PRO A CG  
166 C CD  . PRO A 25 ? 0.68300 0.68338 1.24201 0.26605  0.31110  0.31698  19 PRO A CD  
167 N N   . SER A 26 ? 0.59410 0.71332 1.28639 0.23743  0.31055  0.40120  20 SER A N   
168 C CA  . SER A 26 ? 0.57919 0.74961 1.33342 0.22582  0.30354  0.43579  20 SER A CA  
169 C C   . SER A 26 ? 0.54290 0.73516 1.31579 0.20169  0.27220  0.44917  20 SER A C   
170 O O   . SER A 26 ? 0.52947 0.76299 1.34747 0.18774  0.26034  0.47562  20 SER A O   
171 C CB  . SER A 26 ? 0.60117 0.79180 1.39868 0.23677  0.30650  0.45162  20 SER A CB  
172 O OG  . SER A 26 ? 0.60903 0.77646 1.39099 0.24246  0.29529  0.43852  20 SER A OG  
173 N N   . ASP A 27 ? 0.53041 0.69508 1.26786 0.19538  0.25649  0.43083  21 ASP A N   
174 C CA  . ASP A 27 ? 0.50099 0.68375 1.25098 0.17246  0.22534  0.44332  21 ASP A CA  
175 C C   . ASP A 27 ? 0.47633 0.67473 1.22445 0.15792  0.21866  0.44756  21 ASP A C   
176 O O   . ASP A 27 ? 0.48071 0.65311 1.18884 0.16293  0.23415  0.42594  21 ASP A O   
177 C CB  . ASP A 27 ? 0.64468 0.78890 1.35239 0.16912  0.21178  0.42105  21 ASP A CB  
178 C CG  . ASP A 27 ? 0.67857 0.81875 1.39979 0.17536  0.20643  0.42538  21 ASP A CG  
179 O OD1 . ASP A 27 ? 0.74410 0.84594 1.43080 0.18701  0.21432  0.40083  21 ASP A OD1 
180 O OD2 . ASP A 27 ? 0.67434 0.84858 1.44011 0.16828  0.19249  0.45272  21 ASP A OD2 
181 N N   . THR A 28 ? 0.45792 0.69362 1.23509 0.13362  0.19183  0.46963  22 THR A N   
182 C CA  . THR A 28 ? 0.44348 0.68623 1.19400 0.10565  0.17651  0.46328  22 THR A CA  
183 C C   . THR A 28 ? 0.51149 0.71532 1.19560 0.08901  0.15822  0.43382  22 THR A C   
184 O O   . THR A 28 ? 0.44166 0.62159 1.10843 0.09254  0.15146  0.42459  22 THR A O   
185 C CB  . THR A 28 ? 0.46897 0.76156 1.26819 0.08374  0.15052  0.49377  22 THR A CB  
186 O OG1 . THR A 28 ? 0.44079 0.73641 1.24995 0.07737  0.12535  0.50490  22 THR A OG1 
187 C CG2 . THR A 28 ? 0.47418 0.79858 1.32935 0.09710  0.16636  0.51703  22 THR A CG2 
188 N N   . ILE A 29 ? 0.45446 0.54100 0.92022 0.09650  0.03066  0.33670  23 ILE A N   
189 C CA  . ILE A 29 ? 0.42541 0.51025 0.90795 0.07250  0.02175  0.32935  23 ILE A CA  
190 C C   . ILE A 29 ? 0.41072 0.53586 0.91930 0.06597  0.01162  0.34422  23 ILE A C   
191 O O   . ILE A 29 ? 0.40404 0.51681 0.89950 0.05390  0.00105  0.34092  23 ILE A O   
192 C CB  . ILE A 29 ? 0.37089 0.46903 0.91352 0.05886  0.03979  0.32651  23 ILE A CB  
193 C CG1 . ILE A 29 ? 0.45210 0.50146 0.94750 0.07012  0.04790  0.31107  23 ILE A CG1 
194 C CG2 . ILE A 29 ? 0.36705 0.46871 0.93162 0.04100  0.03401  0.31977  23 ILE A CG2 
195 C CD1 . ILE A 29 ? 0.42906 0.41332 0.83196 0.07410  0.02487  0.29174  23 ILE A CD1 
196 N N   . GLU A 30 ? 0.37076 0.54780 0.91238 0.07677  0.01241  0.36062  24 GLU A N   
197 C CA  . GLU A 30 ? 0.51404 0.73069 1.06210 0.07741  -0.00277 0.37083  24 GLU A CA  
198 C C   . GLU A 30 ? 0.54034 0.71645 1.00857 0.09205  -0.01560 0.36939  24 GLU A C   
199 O O   . GLU A 30 ? 0.60541 0.77354 1.05900 0.08327  -0.02381 0.37381  24 GLU A O   
200 C CB  . GLU A 30 ? 0.51063 0.81087 1.10475 0.08794  -0.00771 0.37361  24 GLU A CB  
201 C CG  . GLU A 30 ? 0.51363 0.86752 1.17942 0.06005  -0.00190 0.35754  24 GLU A CG  
202 C CD  . GLU A 30 ? 0.49723 0.87191 1.16987 0.04341  -0.01103 0.35396  24 GLU A CD  
203 O OE1 . GLU A 30 ? 0.53403 0.92688 1.17391 0.05935  -0.03022 0.36591  24 GLU A OE1 
204 O OE2 . GLU A 30 ? 0.45512 0.81711 1.15172 0.01568  0.00520  0.33775  24 GLU A OE2 
205 N N   . ASN A 31 ? 0.51209 0.65659 0.92605 0.11628  -0.01540 0.36409  25 ASN A N   
206 C CA  . ASN A 31 ? 0.60367 0.68789 0.93098 0.13100  -0.02739 0.35877  25 ASN A CA  
207 C C   . ASN A 31 ? 0.63347 0.65653 0.92673 0.10818  -0.03333 0.34605  25 ASN A C   
208 O O   . ASN A 31 ? 0.68117 0.67057 0.93000 0.10606  -0.04282 0.34850  25 ASN A O   
209 C CB  . ASN A 31 ? 0.65202 0.69914 0.92496 0.16104  -0.02535 0.35365  25 ASN A CB  
210 C CG  . ASN A 31 ? 0.73893 0.86354 1.05709 0.18637  -0.01844 0.36929  25 ASN A CG  
211 O OD1 . ASN A 31 ? 0.76039 0.89913 1.09968 0.19864  -0.00357 0.37171  25 ASN A OD1 
212 N ND2 . ASN A 31 ? 0.80184 0.98199 1.13500 0.19516  -0.03014 0.38009  25 ASN A ND2 
213 N N   . VAL A 32 ? 0.49619 0.50793 0.81132 0.09175  -0.02807 0.33407  26 VAL A N   
214 C CA  . VAL A 32 ? 0.57391 0.55337 0.87804 0.06992  -0.03605 0.32546  26 VAL A CA  
215 C C   . VAL A 32 ? 0.51753 0.54781 0.88686 0.04970  -0.03375 0.33962  26 VAL A C   
216 O O   . VAL A 32 ? 0.54021 0.55312 0.89418 0.03862  -0.04111 0.34461  26 VAL A O   
217 C CB  . VAL A 32 ? 0.58068 0.54239 0.89052 0.06312  -0.03335 0.31026  26 VAL A CB  
218 C CG1 . VAL A 32 ? 0.55398 0.48915 0.85307 0.04510  -0.04607 0.30532  26 VAL A CG1 
219 C CG2 . VAL A 32 ? 0.53323 0.44225 0.77604 0.08602  -0.03282 0.29965  26 VAL A CG2 
220 N N   . LYS A 33 ? 0.41013 0.49826 0.85067 0.04508  -0.02212 0.34879  27 LYS A N   
221 C CA  . LYS A 33 ? 0.40303 0.52933 0.89522 0.03077  -0.01804 0.36364  27 LYS A CA  
222 C C   . LYS A 33 ? 0.41943 0.54543 0.87515 0.03886  -0.02535 0.37918  27 LYS A C   
223 O O   . LYS A 33 ? 0.42163 0.55324 0.88961 0.02736  -0.02242 0.39086  27 LYS A O   
224 C CB  . LYS A 33 ? 0.34758 0.51978 0.90797 0.02790  -0.00570 0.37171  27 LYS A CB  
225 C CG  . LYS A 33 ? 0.31851 0.48695 0.92159 0.01722  0.00723  0.35903  27 LYS A CG  
226 C CD  . LYS A 33 ? 0.29936 0.49481 0.96451 0.01491  0.02235  0.36666  27 LYS A CD  
227 C CE  . LYS A 33 ? 0.28837 0.46169 0.96982 0.01771  0.03459  0.34521  27 LYS A CE  
228 N NZ  . LYS A 33 ? 0.47024 0.64146 1.15636 0.00360  0.05434  0.32388  27 LYS A NZ  
229 N N   . ALA A 34 ? 0.45380 0.57048 0.85952 0.06227  -0.03264 0.37994  28 ALA A N   
230 C CA  . ALA A 34 ? 0.54145 0.64958 0.89686 0.07662  -0.04028 0.39277  28 ALA A CA  
231 C C   . ALA A 34 ? 0.58120 0.61784 0.87203 0.07009  -0.04375 0.38843  28 ALA A C   
232 O O   . ALA A 34 ? 0.63066 0.65536 0.89882 0.06589  -0.04258 0.40229  28 ALA A O   
233 C CB  . ALA A 34 ? 0.55377 0.67947 0.87782 0.10986  -0.04786 0.39349  28 ALA A CB  
234 N N   . LYS A 35 ? 0.61634 0.59983 0.86992 0.06921  -0.04804 0.37096  29 LYS A N   
235 C CA  . LYS A 35 ? 0.62389 0.53904 0.82128 0.05739  -0.05404 0.36824  29 LYS A CA  
236 C C   . LYS A 35 ? 0.61091 0.55540 0.87147 0.02586  -0.05041 0.37704  29 LYS A C   
237 O O   . LYS A 35 ? 0.62885 0.54735 0.86784 0.01304  -0.04952 0.38896  29 LYS A O   
238 C CB  . LYS A 35 ? 0.65723 0.51005 0.80022 0.06313  -0.06111 0.34900  29 LYS A CB  
239 C CG  . LYS A 35 ? 0.71393 0.52254 0.78286 0.09699  -0.06460 0.34124  29 LYS A CG  
240 C CD  . LYS A 35 ? 0.86049 0.58393 0.82764 0.10946  -0.07230 0.34541  29 LYS A CD  
241 C CE  . LYS A 35 ? 0.91644 0.64199 0.85270 0.14192  -0.07980 0.34976  29 LYS A CE  
242 N NZ  . LYS A 35 ? 0.93928 0.58326 0.78624 0.14934  -0.09300 0.35972  29 LYS A NZ  
243 N N   . ILE A 36 ? 0.53781 0.53355 0.87556 0.01460  -0.04638 0.37237  30 ILE A N   
244 C CA  . ILE A 36 ? 0.49207 0.52377 0.89778 -0.00753 -0.04155 0.38169  30 ILE A CA  
245 C C   . ILE A 36 ? 0.51547 0.57153 0.93530 -0.00961 -0.02732 0.40208  30 ILE A C   
246 O O   . ILE A 36 ? 0.51890 0.57095 0.94721 -0.02487 -0.02144 0.41410  30 ILE A O   
247 C CB  . ILE A 36 ? 0.43193 0.50633 0.90604 -0.00929 -0.03629 0.37250  30 ILE A CB  
248 C CG1 . ILE A 36 ? 0.44195 0.48544 0.89675 -0.01123 -0.04981 0.35586  30 ILE A CG1 
249 C CG2 . ILE A 36 ? 0.40281 0.52049 0.94709 -0.01882 -0.02404 0.38475  30 ILE A CG2 
250 C CD1 . ILE A 36 ? 0.39658 0.46385 0.89021 -0.00581 -0.04141 0.34354  30 ILE A CD1 
251 N N   . GLN A 37 ? 0.48846 0.56953 0.90828 0.00554  -0.02081 0.40847  31 GLN A N   
252 C CA  . GLN A 37 ? 0.56762 0.66456 0.98379 0.00633  -0.00725 0.42960  31 GLN A CA  
253 C C   . GLN A 37 ? 0.63602 0.68428 0.98046 0.00703  -0.00714 0.44003  31 GLN A C   
254 O O   . GLN A 37 ? 0.60456 0.65178 0.94492 -0.00248 0.01081  0.45581  31 GLN A O   
255 C CB  . GLN A 37 ? 0.49967 0.63039 0.91481 0.02597  -0.01102 0.43787  31 GLN A CB  
256 C CG  . GLN A 37 ? 0.56328 0.70553 0.95040 0.03097  -0.00186 0.45959  31 GLN A CG  
257 C CD  . GLN A 37 ? 0.59776 0.79377 0.97526 0.04632  -0.01461 0.43515  31 GLN A CD  
258 O OE1 . GLN A 37 ? 0.65761 0.87130 1.03198 0.06786  -0.03532 0.43538  31 GLN A OE1 
259 N NE2 . GLN A 37 ? 0.56226 0.78510 0.93447 0.03486  -0.00205 0.41426  31 GLN A NE2 
260 N N   . ASP A 38 ? 0.71438 0.71174 0.99290 0.01861  -0.02194 0.43054  32 ASP A N   
261 C CA  . ASP A 38 ? 0.82535 0.75746 1.02449 0.01850  -0.02023 0.43929  32 ASP A CA  
262 C C   . ASP A 38 ? 0.84798 0.76384 1.07104 -0.01489 -0.01176 0.44463  32 ASP A C   
263 O O   . ASP A 38 ? 0.80630 0.69383 0.99682 -0.02518 0.00330  0.46029  32 ASP A O   
264 C CB  . ASP A 38 ? 0.95139 0.81807 1.06835 0.03913  -0.03538 0.42544  32 ASP A CB  
265 C CG  . ASP A 38 ? 1.04914 0.93612 1.13973 0.07634  -0.04322 0.42346  32 ASP A CG  
266 O OD1 . ASP A 38 ? 1.04130 0.98693 1.16269 0.08539  -0.03954 0.43667  32 ASP A OD1 
267 O OD2 . ASP A 38 ? 1.11637 0.96192 1.15417 0.09740  -0.05385 0.40991  32 ASP A OD2 
268 N N   . LYS A 39 ? 0.76400 0.69874 1.04235 -0.03118 -0.02142 0.43303  33 LYS A N   
269 C CA  . LYS A 39 ? 0.71281 0.64785 1.02755 -0.06144 -0.01946 0.44053  33 LYS A CA  
270 C C   . LYS A 39 ? 0.70550 0.70244 1.09560 -0.07098 0.00349  0.45280  33 LYS A C   
271 O O   . LYS A 39 ? 0.77219 0.76032 1.15792 -0.08719 0.02270  0.46753  33 LYS A O   
272 C CB  . LYS A 39 ? 0.70974 0.64772 1.05527 -0.07045 -0.04213 0.42738  33 LYS A CB  
273 C CG  . LYS A 39 ? 0.84666 0.70331 1.11158 -0.07568 -0.05809 0.42121  33 LYS A CG  
274 C CD  . LYS A 39 ? 0.97096 0.77880 1.15319 -0.04298 -0.06062 0.40475  33 LYS A CD  
275 C CE  . LYS A 39 ? 1.12886 0.83733 1.21117 -0.04154 -0.06608 0.40077  33 LYS A CE  
276 N NZ  . LYS A 39 ? 1.20695 0.90625 1.31410 -0.06544 -0.08395 0.39797  33 LYS A NZ  
277 N N   . GLU A 40 ? 0.57837 0.63022 1.03030 -0.06009 0.00691  0.44563  34 GLU A N   
278 C CA  . GLU A 40 ? 0.57409 0.67469 1.09418 -0.06506 0.03000  0.45165  34 GLU A CA  
279 C C   . GLU A 40 ? 0.57477 0.69143 1.08633 -0.05348 0.05815  0.45588  34 GLU A C   
280 O O   . GLU A 40 ? 0.63593 0.77996 1.18505 -0.05539 0.08565  0.45761  34 GLU A O   
281 C CB  . GLU A 40 ? 0.57933 0.71561 1.16640 -0.06010 0.01745  0.44095  34 GLU A CB  
282 C CG  . GLU A 40 ? 0.71077 0.83627 1.31165 -0.07470 -0.01044 0.44261  34 GLU A CG  
283 C CD  . GLU A 40 ? 0.77855 0.93814 1.44383 -0.06653 -0.02239 0.43896  34 GLU A CD  
284 O OE1 . GLU A 40 ? 0.80806 0.95782 1.46149 -0.05789 -0.03934 0.42383  34 GLU A OE1 
285 O OE2 . GLU A 40 ? 0.83510 1.02723 1.55753 -0.06720 -0.01120 0.45175  34 GLU A OE2 
286 N N   . GLY A 41 ? 0.48959 0.57726 0.56755 0.09355  0.09945  0.30671  35 GLY A N   
287 C CA  . GLY A 41 ? 0.69230 0.83786 0.74045 0.09200  0.08105  0.32304  35 GLY A CA  
288 C C   . GLY A 41 ? 0.69921 0.86899 0.71078 0.07511  0.05967  0.30623  35 GLY A C   
289 O O   . GLY A 41 ? 0.79792 1.01259 0.77077 0.06475  0.04221  0.31231  35 GLY A O   
290 N N   . ILE A 42 ? 0.59996 0.73657 0.61768 0.06724  0.05943  0.27599  36 ILE A N   
291 C CA  . ILE A 42 ? 0.59927 0.74124 0.58244 0.04613  0.04030  0.24295  36 ILE A CA  
292 C C   . ILE A 42 ? 0.52970 0.72182 0.53011 0.04044  0.02217  0.25859  36 ILE A C   
293 O O   . ILE A 42 ? 0.56743 0.75981 0.61568 0.05574  0.03056  0.27231  36 ILE A O   
294 C CB  . ILE A 42 ? 0.51343 0.60143 0.49913 0.04193  0.04707  0.20577  36 ILE A CB  
295 C CG1 . ILE A 42 ? 0.53016 0.59093 0.51498 0.04897  0.06418  0.19785  36 ILE A CG1 
296 C CG2 . ILE A 42 ? 0.55880 0.63473 0.49989 0.02139  0.03249  0.17394  36 ILE A CG2 
297 C CD1 . ILE A 42 ? 0.52197 0.54527 0.53295 0.05025  0.07176  0.17829  36 ILE A CD1 
298 N N   . PRO A 43 ? 0.52102 0.75828 0.48316 0.01730  -0.00063 0.25676  37 PRO A N   
299 C CA  . PRO A 43 ? 0.51133 0.81392 0.49555 0.00435  -0.02077 0.27213  37 PRO A CA  
300 C C   . PRO A 43 ? 0.40943 0.67990 0.41448 -0.00478 -0.01661 0.24609  37 PRO A C   
301 O O   . PRO A 43 ? 0.45671 0.65862 0.42989 -0.01548 -0.00991 0.20774  37 PRO A O   
302 C CB  . PRO A 43 ? 0.56888 0.90701 0.48772 -0.03384 -0.04677 0.25932  37 PRO A CB  
303 C CG  . PRO A 43 ? 0.58890 0.90083 0.46250 -0.02434 -0.03648 0.25864  37 PRO A CG  
304 C CD  . PRO A 43 ? 0.51659 0.75165 0.41027 -0.00042 -0.00758 0.24146  37 PRO A CD  
305 N N   . PRO A 44 ? 0.44487 0.76391 0.50482 0.00509  -0.01650 0.27022  38 PRO A N   
306 C CA  . PRO A 44 ? 0.49000 0.77998 0.56838 -0.00235 -0.00813 0.24835  38 PRO A CA  
307 C C   . PRO A 44 ? 0.45802 0.73143 0.48871 -0.04751 -0.02437 0.21323  38 PRO A C   
308 O O   . PRO A 44 ? 0.43847 0.65104 0.45844 -0.05381 -0.01401 0.18585  38 PRO A O   
309 C CB  . PRO A 44 ? 0.48017 0.85009 0.62432 0.01662  -0.00515 0.28823  38 PRO A CB  
310 C CG  . PRO A 44 ? 0.53029 0.92813 0.69844 0.05375  0.00187  0.33031  38 PRO A CG  
311 C CD  . PRO A 44 ? 0.53131 0.92631 0.64287 0.03459  -0.01589 0.32326  38 PRO A CD  
312 N N   . ASP A 45 ? 0.49854 0.82086 0.49449 -0.08148 -0.04910 0.21415  39 ASP A N   
313 C CA  . ASP A 45 ? 0.64880 0.93768 0.58561 -0.13098 -0.06177 0.17760  39 ASP A CA  
314 C C   . ASP A 45 ? 0.68722 0.87176 0.55402 -0.13069 -0.05055 0.13913  39 ASP A C   
315 O O   . ASP A 45 ? 0.75042 0.88083 0.55596 -0.16613 -0.05424 0.10631  39 ASP A O   
316 C CB  . ASP A 45 ? 0.68790 1.06532 0.60505 -0.17486 -0.09287 0.18923  39 ASP A CB  
317 C CG  . ASP A 45 ? 0.67286 1.16531 0.66590 -0.18013 -0.10402 0.22668  39 ASP A CG  
318 O OD1 . ASP A 45 ? 0.65199 1.13200 0.69214 -0.16487 -0.08554 0.22885  39 ASP A OD1 
319 O OD2 . ASP A 45 ? 0.67677 1.27878 0.68313 -0.19764 -0.13027 0.25617  39 ASP A OD2 
320 N N   . GLN A 46 ? 0.59833 0.75234 0.47477 -0.09083 -0.03381 0.14417  40 GLN A N   
321 C CA  . GLN A 46 ? 0.58343 0.65342 0.41307 -0.07933 -0.01819 0.11463  40 GLN A CA  
322 C C   . GLN A 46 ? 0.51275 0.54145 0.38192 -0.04775 0.00068  0.11242  40 GLN A C   
323 O O   . GLN A 46 ? 0.57422 0.55336 0.42295 -0.03066 0.01376  0.09663  40 GLN A O   
324 C CB  . GLN A 46 ? 0.69561 0.77713 0.49692 -0.06704 -0.01508 0.12177  40 GLN A CB  
325 C CG  . GLN A 46 ? 0.85225 0.98374 0.60749 -0.09987 -0.03662 0.12625  40 GLN A CG  
326 C CD  . GLN A 46 ? 1.00510 1.08553 0.67375 -0.10912 -0.02888 0.09741  40 GLN A CD  
327 O OE1 . GLN A 46 ? 1.06794 1.06932 0.70786 -0.09477 -0.00782 0.06958  40 GLN A OE1 
328 N NE2 . GLN A 46 ? 1.06542 1.19341 0.68941 -0.13029 -0.04435 0.10569  40 GLN A NE2 
329 N N   . GLN A 47 ? 0.48781 0.54090 0.41147 -0.03984 0.00308  0.12832  41 GLN A N   
330 C CA  . GLN A 47 ? 0.43393 0.44655 0.38361 -0.01936 0.01836  0.12167  41 GLN A CA  
331 C C   . GLN A 47 ? 0.50374 0.48521 0.43896 -0.03686 0.01757  0.10453  41 GLN A C   
332 O O   . GLN A 47 ? 0.60385 0.62189 0.55078 -0.05785 0.01048  0.11253  41 GLN A O   
333 C CB  . GLN A 47 ? 0.43850 0.48272 0.44676 0.00266  0.02870  0.14811  41 GLN A CB  
334 C CG  . GLN A 47 ? 0.40956 0.48895 0.43484 0.01820  0.03058  0.17547  41 GLN A CG  
335 C CD  . GLN A 47 ? 0.38933 0.48084 0.46614 0.04327  0.04680  0.20266  41 GLN A CD  
336 O OE1 . GLN A 47 ? 0.39092 0.45194 0.48537 0.05015  0.06022  0.19360  41 GLN A OE1 
337 N NE2 . GLN A 47 ? 0.40590 0.53552 0.50045 0.05889  0.04843  0.23711  41 GLN A NE2 
338 N N   A ARG A 48 ? 0.47721 0.39867 0.38909 -0.02821 0.02508  0.08515  42 ARG A N   
339 N N   B ARG A 48 ? 0.47507 0.39665 0.38748 -0.02812 0.02517  0.08525  42 ARG A N   
340 C CA  A ARG A 48 ? 0.49645 0.38302 0.39767 -0.03696 0.02860  0.07501  42 ARG A CA  
341 C CA  B ARG A 48 ? 0.49724 0.38383 0.39807 -0.03756 0.02848  0.07495  42 ARG A CA  
342 C C   A ARG A 48 ? 0.45215 0.33425 0.38629 -0.01475 0.03897  0.07864  42 ARG A C   
343 C C   B ARG A 48 ? 0.45518 0.33572 0.38779 -0.01533 0.03887  0.07809  42 ARG A C   
344 O O   A ARG A 48 ? 0.43482 0.29702 0.36636 0.00251  0.04158  0.07268  42 ARG A O   
345 O O   B ARG A 48 ? 0.42292 0.28133 0.35085 0.00173  0.04135  0.07143  42 ARG A O   
346 C CB  A ARG A 48 ? 0.57001 0.38783 0.41196 -0.04134 0.02971  0.05442  42 ARG A CB  
347 C CB  B ARG A 48 ? 0.57027 0.38833 0.41089 -0.04292 0.02934  0.05426  42 ARG A CB  
348 C CG  A ARG A 48 ? 0.62953 0.40582 0.45032 -0.05462 0.03367  0.04861  42 ARG A CG  
349 C CG  B ARG A 48 ? 0.64587 0.42098 0.46089 -0.06034 0.03264  0.04754  42 ARG A CG  
350 C CD  A ARG A 48 ? 0.66569 0.46784 0.48630 -0.09448 0.02846  0.05243  42 ARG A CD  
351 C CD  B ARG A 48 ? 0.67715 0.47524 0.48479 -0.10318 0.02581  0.04923  42 ARG A CD  
352 N NE  A ARG A 48 ? 0.69305 0.47970 0.46792 -0.12440 0.02000  0.04066  42 ARG A NE  
353 N NE  B ARG A 48 ? 0.70879 0.43554 0.46021 -0.12929 0.03048  0.03594  42 ARG A NE  
354 C CZ  A ARG A 48 ? 0.68720 0.53571 0.47523 -0.13975 0.00722  0.04761  42 ARG A CZ  
355 C CZ  B ARG A 48 ? 0.78732 0.46653 0.47968 -0.15959 0.02799  0.01954  42 ARG A CZ  
356 N NH1 A ARG A 48 ? 0.71499 0.54129 0.44676 -0.17287 -0.00094 0.03173  42 ARG A NH1 
357 N NH1 B ARG A 48 ? 0.80182 0.50633 0.48178 -0.16836 0.01851  0.01334  42 ARG A NH1 
358 N NH2 A ARG A 48 ? 0.66826 0.59606 0.51938 -0.12193 0.00376  0.07108  42 ARG A NH2 
359 N NH2 B ARG A 48 ? 0.90191 0.50077 0.53971 -0.18345 0.03693  0.00893  42 ARG A NH2 
360 N N   . LEU A 49 ? 0.38965 0.29401 0.35344 -0.01688 0.04609  0.08808  43 LEU A N   
361 C CA  . LEU A 49 ? 0.40984 0.29773 0.39026 -0.00112 0.05882  0.08582  43 LEU A CA  
362 C C   . LEU A 49 ? 0.45908 0.30899 0.40807 -0.00891 0.06132  0.07328  43 LEU A C   
363 O O   . LEU A 49 ? 0.47339 0.32286 0.40798 -0.02720 0.06123  0.07453  43 LEU A O   
364 C CB  . LEU A 49 ? 0.41675 0.33928 0.44100 0.00938  0.07351  0.10318  43 LEU A CB  
365 C CG  . LEU A 49 ? 0.46469 0.41396 0.52086 0.02572  0.07691  0.12189  43 LEU A CG  
366 C CD1 . LEU A 49 ? 0.56441 0.54643 0.66180 0.04231  0.09497  0.14438  43 LEU A CD1 
367 C CD2 . LEU A 49 ? 0.50215 0.41304 0.55384 0.03472  0.08248  0.11227  43 LEU A CD2 
368 N N   . ILE A 50 ? 0.38024 0.20202 0.31690 0.00147  0.06281  0.06321  44 ILE A N   
369 C CA  . ILE A 50 ? 0.40809 0.19517 0.30786 -0.00175 0.06245  0.05493  44 ILE A CA  
370 C C   . ILE A 50 ? 0.48123 0.26224 0.38359 0.00236  0.07207  0.04798  44 ILE A C   
371 O O   . ILE A 50 ? 0.44096 0.22900 0.36399 0.00775  0.07425  0.04462  44 ILE A O   
372 C CB  . ILE A 50 ? 0.46498 0.22744 0.33477 0.00767  0.04968  0.05079  44 ILE A CB  
373 C CG1 . ILE A 50 ? 0.48745 0.23210 0.33534 0.00056  0.04684  0.05185  44 ILE A CG1 
374 C CG2 . ILE A 50 ? 0.49645 0.23147 0.33116 0.01216  0.04698  0.04864  44 ILE A CG2 
375 C CD1 . ILE A 50 ? 0.52288 0.25141 0.35357 0.01909  0.04188  0.04912  44 ILE A CD1 
376 N N   . PHE A 51 ? 0.44648 0.20905 0.32174 -0.00389 0.08036  0.04497  45 PHE A N   
377 C CA  . PHE A 51 ? 0.49459 0.24105 0.35188 -0.00385 0.08931  0.03311  45 PHE A CA  
378 C C   . PHE A 51 ? 0.54763 0.27030 0.35454 -0.00962 0.08649  0.03213  45 PHE A C   
379 O O   . PHE A 51 ? 0.51919 0.23625 0.31525 -0.01665 0.09550  0.04122  45 PHE A O   
380 C CB  . PHE A 51 ? 0.56045 0.31166 0.44049 -0.00027 0.11667  0.03297  45 PHE A CB  
381 C CG  . PHE A 51 ? 0.63124 0.35033 0.47646 -0.00292 0.13290  0.01550  45 PHE A CG  
382 C CD1 . PHE A 51 ? 0.62918 0.32726 0.45936 -0.00916 0.12670  -0.00175 45 PHE A CD1 
383 C CD2 . PHE A 51 ? 0.55310 0.26396 0.37721 -0.00335 0.15631  0.01520  45 PHE A CD2 
384 C CE1 . PHE A 51 ? 0.63816 0.29975 0.42372 -0.01877 0.14135  -0.02312 45 PHE A CE1 
385 C CE2 . PHE A 51 ? 0.66516 0.34007 0.44570 -0.00636 0.17473  -0.00442 45 PHE A CE2 
386 C CZ  . PHE A 51 ? 0.65327 0.29943 0.41008 -0.01553 0.16629  -0.02569 45 PHE A CZ  
387 N N   . ALA A 52 ? 0.52917 0.24338 0.30567 -0.00919 0.07269  0.02421  46 ALA A N   
388 C CA  . ALA A 52 ? 0.57758 0.27247 0.29955 -0.01270 0.06968  0.02584  46 ALA A CA  
389 C C   . ALA A 52 ? 0.60941 0.28405 0.31083 -0.00957 0.06843  0.04406  46 ALA A C   
390 O O   . ALA A 52 ? 0.64619 0.30047 0.31532 -0.01800 0.08212  0.05031  46 ALA A O   
391 C CB  . ALA A 52 ? 0.66977 0.34979 0.36731 -0.02256 0.09432  0.01401  46 ALA A CB  
392 N N   . GLY A 53 ? 0.61864 0.29234 0.33499 0.00088  0.05591  0.05193  47 GLY A N   
393 C CA  . GLY A 53 ? 0.61772 0.25245 0.30409 0.00283  0.05706  0.06601  47 GLY A CA  
394 C C   . GLY A 53 ? 0.64834 0.27314 0.34724 -0.01805 0.07145  0.06730  47 GLY A C   
395 O O   . GLY A 53 ? 0.71809 0.29844 0.38539 -0.02507 0.07439  0.07554  47 GLY A O   
396 N N   . LYS A 54 ? 0.58622 0.25073 0.32844 -0.02909 0.08099  0.06127  48 LYS A N   
397 C CA  . LYS A 54 ? 0.59216 0.27280 0.35597 -0.05168 0.09094  0.06641  48 LYS A CA  
398 C C   . LYS A 54 ? 0.58712 0.30182 0.39266 -0.05008 0.08165  0.06374  48 LYS A C   
399 O O   . LYS A 54 ? 0.48154 0.22082 0.31633 -0.03273 0.07804  0.05936  48 LYS A O   
400 C CB  . LYS A 54 ? 0.61359 0.32824 0.39882 -0.06003 0.11242  0.06983  48 LYS A CB  
401 C CG  . LYS A 54 ? 0.77396 0.45741 0.51104 -0.06090 0.12417  0.07143  48 LYS A CG  
402 C CD  . LYS A 54 ? 0.74714 0.45899 0.49744 -0.07545 0.15165  0.07917  48 LYS A CD  
403 C CE  . LYS A 54 ? 0.70057 0.44891 0.48873 -0.05726 0.16834  0.07155  48 LYS A CE  
404 N NZ  . LYS A 54 ? 0.83252 0.55031 0.59238 -0.03972 0.15960  0.05381  48 LYS A NZ  
405 N N   . GLN A 55 ? 0.57574 0.28923 0.37806 -0.07236 0.07816  0.06642  49 GLN A N   
406 C CA  . GLN A 55 ? 0.58640 0.34505 0.42505 -0.07694 0.06975  0.06711  49 GLN A CA  
407 C C   . GLN A 55 ? 0.50568 0.33477 0.39544 -0.08777 0.07918  0.08009  49 GLN A C   
408 O O   . GLN A 55 ? 0.49944 0.34105 0.38844 -0.11146 0.08914  0.08733  49 GLN A O   
409 C CB  . GLN A 55 ? 0.72301 0.44908 0.52556 -0.10043 0.06060  0.06102  49 GLN A CB  
410 C CG  . GLN A 55 ? 0.84216 0.48948 0.58975 -0.08382 0.05941  0.05209  49 GLN A CG  
411 C CD  . GLN A 55 ? 0.95330 0.55326 0.65600 -0.10517 0.05681  0.04132  49 GLN A CD  
412 O OE1 . GLN A 55 ? 0.94288 0.57275 0.65632 -0.11047 0.04859  0.03545  49 GLN A OE1 
413 N NE2 . GLN A 55 ? 1.10020 0.61848 0.74444 -0.11888 0.06595  0.03856  49 GLN A NE2 
414 N N   . LEU A 56 ? 0.44619 0.32324 0.38181 -0.06866 0.07858  0.08681  50 LEU A N   
415 C CA  . LEU A 56 ? 0.46917 0.41399 0.45923 -0.06297 0.09263  0.10464  50 LEU A CA  
416 C C   . LEU A 56 ? 0.48624 0.50177 0.50616 -0.08603 0.07968  0.12070  50 LEU A C   
417 O O   . LEU A 56 ? 0.52885 0.54429 0.53490 -0.09470 0.06030  0.11700  50 LEU A O   
418 C CB  . LEU A 56 ? 0.38654 0.33546 0.40605 -0.02701 0.10327  0.10742  50 LEU A CB  
419 C CG  . LEU A 56 ? 0.41364 0.29807 0.39859 -0.01343 0.10944  0.08786  50 LEU A CG  
420 C CD1 . LEU A 56 ? 0.42218 0.29984 0.43004 0.01200  0.12466  0.08756  50 LEU A CD1 
421 C CD2 . LEU A 56 ? 0.49558 0.35312 0.44771 -0.02304 0.12233  0.08093  50 LEU A CD2 
422 N N   . GLU A 57 ? 0.40568 0.48875 0.46559 -0.09712 0.09076  0.13934  51 GLU A N   
423 C CA  . GLU A 57 ? 0.50867 0.67857 0.60034 -0.12752 0.07500  0.15754  51 GLU A CA  
424 C C   . GLU A 57 ? 0.39944 0.65917 0.55981 -0.09456 0.07844  0.18767  51 GLU A C   
425 O O   . GLU A 57 ? 0.37910 0.65222 0.57643 -0.05607 0.10564  0.20057  51 GLU A O   
426 C CB  . GLU A 57 ? 0.55024 0.75734 0.65025 -0.16664 0.08340  0.16509  51 GLU A CB  
427 C CG  . GLU A 57 ? 0.69644 0.81483 0.72412 -0.20674 0.07799  0.14157  51 GLU A CG  
428 C CD  . GLU A 57 ? 0.82516 0.97415 0.85959 -0.24861 0.09080  0.15140  51 GLU A CD  
429 O OE1 . GLU A 57 ? 0.85380 0.97364 0.88111 -0.23384 0.11646  0.15261  51 GLU A OE1 
430 O OE2 . GLU A 57 ? 0.91875 1.12590 0.96423 -0.29984 0.07528  0.15843  51 GLU A OE2 
431 N N   . ASP A 58 ? 0.39054 0.70905 0.56223 -0.10947 0.05271  0.20017  52 ASP A N   
432 C CA  . ASP A 58 ? 0.39870 0.79245 0.62672 -0.07148 0.05321  0.23328  52 ASP A CA  
433 C C   . ASP A 58 ? 0.42012 0.90849 0.72317 -0.04778 0.07582  0.26846  52 ASP A C   
434 O O   . ASP A 58 ? 0.46942 0.96396 0.81058 0.00646  0.09998  0.28917  52 ASP A O   
435 C CB  . ASP A 58 ? 0.56921 1.02176 0.78865 -0.09900 0.01830  0.24296  52 ASP A CB  
436 C CG  . ASP A 58 ? 0.66704 1.02587 0.81381 -0.11040 0.00422  0.21056  52 ASP A CG  
437 O OD1 . ASP A 58 ? 0.76988 1.13462 0.87375 -0.15435 -0.02064 0.19764  52 ASP A OD1 
438 O OD2 . ASP A 58 ? 0.70376 0.98287 0.83415 -0.07699 0.01994  0.19691  52 ASP A OD2 
439 N N   . GLY A 59 ? 0.35038 0.91014 0.67505 -0.08699 0.07255  0.27664  53 GLY A N   
440 C CA  . GLY A 59 ? 0.35356 1.00816 0.74785 -0.05938 0.09194  0.30946  53 GLY A CA  
441 C C   . GLY A 59 ? 0.40609 1.00673 0.80581 -0.02025 0.13699  0.30242  53 GLY A C   
442 O O   . GLY A 59 ? 0.39589 1.04846 0.83928 0.01506  0.15565  0.32426  53 GLY A O   
443 N N   . ARG A 60 ? 0.41650 0.90651 0.76161 -0.02500 0.15305  0.27091  54 ARG A N   
444 C CA  . ARG A 60 ? 0.47388 0.91111 0.80987 0.00350  0.19541  0.26082  54 ARG A CA  
445 C C   . ARG A 60 ? 0.43055 0.79030 0.75476 0.05869  0.21750  0.25301  54 ARG A C   
446 O O   . ARG A 60 ? 0.39794 0.72573 0.71006 0.06808  0.19786  0.24993  54 ARG A O   
447 C CB  . ARG A 60 ? 0.54217 0.89309 0.80660 -0.03714 0.19267  0.22663  54 ARG A CB  
448 C CG  . ARG A 60 ? 0.56827 0.98521 0.84235 -0.09534 0.18069  0.23607  54 ARG A CG  
449 C CD  . ARG A 60 ? 0.69847 1.02620 0.90141 -0.13142 0.18499  0.21038  54 ARG A CD  
450 N NE  . ARG A 60 ? 0.74654 1.04816 0.94094 -0.10523 0.22606  0.20854  54 ARG A NE  
451 C CZ  . ARG A 60 ? 0.74658 1.12363 0.99122 -0.08779 0.25327  0.22576  54 ARG A CZ  
452 N N   . THR A 61 ? 0.47250 0.79893 0.79575 0.09271  0.26015  0.24891  55 THR A N   
453 C CA  . THR A 61 ? 0.54690 0.79776 0.85838 0.14195  0.28622  0.24245  55 THR A CA  
454 C C   . THR A 61 ? 0.54947 0.67561 0.78212 0.12924  0.28982  0.19820  55 THR A C   
455 O O   . THR A 61 ? 0.47240 0.57023 0.65935 0.09377  0.27887  0.17578  55 THR A O   
456 C CB  . THR A 61 ? 0.65001 0.90832 0.98185 0.18452  0.32043  0.25550  55 THR A CB  
457 O OG1 . THR A 61 ? 0.71102 0.93747 1.00784 0.17309  0.34585  0.23263  55 THR A OG1 
458 C CG2 . THR A 61 ? 0.67763 1.06056 1.07693 0.19206  0.30553  0.29748  55 THR A CG2 
459 N N   . LEU A 62 ? 0.49541 0.54563 0.70889 0.15650  0.30239  0.18712  56 LEU A N   
460 C CA  . LEU A 62 ? 0.52614 0.46686 0.66565 0.14166  0.30301  0.14497  56 LEU A CA  
461 C C   . LEU A 62 ? 0.59118 0.49734 0.69132 0.14209  0.33680  0.12551  56 LEU A C   
462 O O   . LEU A 62 ? 0.68091 0.53423 0.71815 0.11325  0.32425  0.09567  56 LEU A O   
463 C CB  . LEU A 62 ? 0.56008 0.42813 0.68902 0.16560  0.31683  0.13816  56 LEU A CB  
464 C CG  . LEU A 62 ? 0.58983 0.47381 0.74292 0.16390  0.28670  0.15430  56 LEU A CG  
465 C CD1 . LEU A 62 ? 0.72891 0.53888 0.87341 0.18886  0.31226  0.15389  56 LEU A CD1 
466 C CD2 . LEU A 62 ? 0.54163 0.41223 0.65916 0.12229  0.24269  0.13190  56 LEU A CD2 
467 N N   . SER A 63 ? 0.61134 0.55200 0.74595 0.17582  0.37734  0.14489  57 SER A N   
468 C CA  . SER A 63 ? 0.72209 0.63208 0.81471 0.17516  0.40543  0.12703  57 SER A CA  
469 C C   . SER A 63 ? 0.70168 0.65615 0.78087 0.13661  0.39316  0.12627  57 SER A C   
470 O O   . SER A 63 ? 0.71899 0.62311 0.73387 0.12131  0.40579  0.10211  57 SER A O   
471 C CB  . SER A 63 ? 0.74620 0.69227 0.88033 0.21436  0.43357  0.15196  57 SER A CB  
472 O OG  . SER A 63 ? 0.81006 0.74157 0.91016 0.21396  0.46208  0.13799  57 SER A OG  
473 N N   . ASP A 64 ? 0.66146 0.70340 0.79189 0.11491  0.36498  0.15289  58 ASP A N   
474 C CA  . ASP A 64 ? 0.64366 0.71047 0.75316 0.06956  0.34623  0.15231  58 ASP A CA  
475 C C   . ASP A 64 ? 0.68636 0.66574 0.71659 0.03911  0.31456  0.12128  58 ASP A C   
476 O O   . ASP A 64 ? 0.67751 0.64569 0.66863 0.00897  0.30957  0.11766  58 ASP A O   
477 C CB  . ASP A 64 ? 0.63654 0.80380 0.80799 0.04382  0.31664  0.18196  58 ASP A CB  
478 C CG  . ASP A 64 ? 0.71288 0.98330 0.96043 0.06750  0.32924  0.21182  58 ASP A CG  
479 O OD1 . ASP A 64 ? 0.68489 1.04007 0.98584 0.05583  0.30122  0.23574  58 ASP A OD1 
480 O OD2 . ASP A 64 ? 0.79484 1.05797 1.04212 0.09769  0.36390  0.20999  58 ASP A OD2 
481 N N   . TYR A 65 ? 0.63570 0.55795 0.64375 0.04673  0.29396  0.10312  59 TYR A N   
482 C CA  . TYR A 65 ? 0.56859 0.42510 0.51095 0.02332  0.26408  0.07892  59 TYR A CA  
483 C C   . TYR A 65 ? 0.62241 0.40444 0.50439 0.03209  0.27921  0.04982  59 TYR A C   
484 O O   . TYR A 65 ? 0.81721 0.55712 0.65164 0.01623  0.25193  0.03236  59 TYR A O   
485 C CB  . TYR A 65 ? 0.52092 0.37851 0.47875 0.01622  0.22479  0.07970  59 TYR A CB  
486 C CG  . TYR A 65 ? 0.48553 0.39985 0.47613 -0.00514 0.20307  0.09976  59 TYR A CG  
487 C CD1 . TYR A 65 ? 0.52442 0.41895 0.47638 -0.03579 0.18489  0.09669  59 TYR A CD1 
488 C CD2 . TYR A 65 ? 0.54415 0.52779 0.59817 0.00376  0.20129  0.12239  59 TYR A CD2 
489 C CE1 . TYR A 65 ? 0.55871 0.49077 0.52888 -0.06330 0.16729  0.10959  59 TYR A CE1 
490 C CE2 . TYR A 65 ? 0.48748 0.52524 0.56292 -0.02453 0.17869  0.13707  59 TYR A CE2 
491 C CZ  . TYR A 65 ? 0.50602 0.51238 0.53659 -0.06099 0.16251  0.12741  59 TYR A CZ  
492 O OH  . TYR A 65 ? 0.53374 0.58022 0.57471 -0.09633 0.14225  0.13676  59 TYR A OH  
493 N N   . ASN A 66 ? 0.67108 0.43733 0.55107 0.05635  0.32275  0.04422  60 ASN A N   
494 C CA  . ASN A 66 ? 0.77552 0.46092 0.58978 0.05962  0.33984  0.01090  60 ASN A CA  
495 C C   . ASN A 66 ? 0.76387 0.41010 0.57672 0.05585  0.31527  -0.00365 60 ASN A C   
496 O O   . ASN A 66 ? 0.76938 0.36123 0.52203 0.03652  0.30326  -0.03222 60 ASN A O   
497 C CB  . ASN A 66 ? 0.84461 0.49647 0.57731 0.03344  0.33094  -0.00807 60 ASN A CB  
498 C CG  . ASN A 66 ? 0.90591 0.59090 0.63184 0.03224  0.35793  0.00739  60 ASN A CG  
499 O OD1 . ASN A 66 ? 0.92994 0.65253 0.70057 0.05521  0.39732  0.02312  60 ASN A OD1 
500 N ND2 . ASN A 66 ? 0.93605 0.61096 0.60731 0.00687  0.33849  0.00689  60 ASN A ND2 
501 N N   . ILE A 67 ? 0.67618 0.35762 0.55454 0.07033  0.30580  0.01798  61 ILE A N   
502 C CA  . ILE A 67 ? 0.67475 0.31894 0.55641 0.06940  0.29261  0.00856  61 ILE A CA  
503 C C   . ILE A 67 ? 0.75830 0.33062 0.61730 0.08936  0.33804  -0.00774 61 ILE A C   
504 O O   . ILE A 67 ? 0.77747 0.36453 0.67335 0.12353  0.37305  0.01290  61 ILE A O   
505 C CB  . ILE A 67 ? 0.66460 0.36552 0.61561 0.08124  0.27406  0.03953  61 ILE A CB  
506 C CG1 . ILE A 67 ? 0.57170 0.33584 0.53979 0.06267  0.23900  0.05453  61 ILE A CG1 
507 C CG2 . ILE A 67 ? 0.60625 0.27074 0.55619 0.07485  0.25897  0.03162  61 ILE A CG2 
508 C CD1 . ILE A 67 ? 0.53162 0.28088 0.47178 0.03906  0.20129  0.04140  61 ILE A CD1 
509 N N   . ARG A 68 ? 0.83486 0.33726 0.63335 0.06405  0.33292  -0.04153 62 ARG A N   
510 C CA  . ARG A 68 ? 0.90198 0.34957 0.67459 0.06699  0.36050  -0.05304 62 ARG A CA  
511 C C   . ARG A 68 ? 0.92297 0.33414 0.68795 0.04483  0.34461  -0.06489 62 ARG A C   
512 O O   . ARG A 68 ? 0.86017 0.29936 0.65256 0.03201  0.31202  -0.05838 62 ARG A O   
513 C CB  . ARG A 68 ? 1.07810 0.48344 0.77486 0.04995  0.37512  -0.08281 62 ARG A CB  
514 C CG  . ARG A 68 ? 1.09367 0.50062 0.73548 0.01194  0.33952  -0.10690 62 ARG A CG  
515 C CD  . ARG A 68 ? 1.11083 0.48036 0.71403 -0.02693 0.31416  -0.13384 62 ARG A CD  
516 N NE  . ARG A 68 ? 1.15554 0.53366 0.69903 -0.06239 0.28032  -0.15475 62 ARG A NE  
517 C CZ  . ARG A 68 ? 1.15772 0.53652 0.68012 -0.09993 0.24463  -0.17168 62 ARG A CZ  
518 N NH1 . ARG A 68 ? 1.15616 0.52192 0.71257 -0.10925 0.24135  -0.17180 62 ARG A NH1 
519 N NH2 . ARG A 68 ? 1.11544 0.51630 0.58398 -0.12825 0.21163  -0.18442 62 ARG A NH2 
520 N N   . GLN A 69 ? 1.02042 0.36733 0.74639 0.03922  0.37006  -0.08198 63 GLN A N   
521 C CA  . GLN A 69 ? 1.06565 0.37231 0.78139 0.01579  0.36231  -0.09358 63 GLN A CA  
522 C C   . GLN A 69 ? 1.03163 0.35004 0.72327 -0.03105 0.31819  -0.11654 63 GLN A C   
523 O O   . GLN A 69 ? 1.07185 0.38062 0.70778 -0.05888 0.30565  -0.14300 63 GLN A O   
524 C CB  . GLN A 69 ? 1.19135 0.41388 0.85104 0.01043  0.39921  -0.11522 63 GLN A CB  
525 C CG  . GLN A 69 ? 1.35449 0.52396 1.00011 -0.01423 0.39973  -0.12647 63 GLN A CG  
526 C CD  . GLN A 69 ? 1.36057 0.52849 1.05896 0.02384  0.42227  -0.09154 63 GLN A CD  
527 O OE1 . GLN A 69 ? 1.31892 0.53838 1.07082 0.06722  0.43176  -0.05669 63 GLN A OE1 
528 N NE2 . GLN A 69 ? 1.43549 0.54649 1.11730 0.00574  0.43056  -0.09919 63 GLN A NE2 
529 N N   . GLU A 70 ? 1.00828 0.35463 0.74331 -0.03828 0.29436  -0.10265 64 GLU A N   
530 C CA  . GLU A 70 ? 0.94648 0.31407 0.67486 -0.07983 0.25373  -0.11634 64 GLU A CA  
531 C C   . GLU A 70 ? 0.88059 0.30165 0.61672 -0.08026 0.22369  -0.11097 64 GLU A C   
532 O O   . GLU A 70 ? 0.86514 0.30202 0.57834 -0.11636 0.19151  -0.12668 64 GLU A O   
533 C CB  . GLU A 70 ? 1.14505 0.46813 0.80655 -0.12897 0.24780  -0.15428 64 GLU A CB  
534 C CG  . GLU A 70 ? 1.28512 0.55827 0.94375 -0.14664 0.26326  -0.16007 64 GLU A CG  
535 C CD  . GLU A 70 ? 1.35349 0.58979 0.94679 -0.20370 0.25334  -0.19777 64 GLU A CD  
536 O OE1 . GLU A 70 ? 1.28989 0.56380 0.85336 -0.23510 0.22102  -0.21484 64 GLU A OE1 
537 O OE2 . GLU A 70 ? 1.51993 0.69112 1.08893 -0.21832 0.27725  -0.20914 64 GLU A OE2 
538 N N   . SER A 71 ? 0.81528 0.26584 0.58160 -0.04303 0.23353  -0.08787 65 SER A N   
539 C CA  . SER A 71 ? 0.73684 0.25470 0.52112 -0.04044 0.20018  -0.07278 65 SER A CA  
540 C C   . SER A 71 ? 0.73780 0.30657 0.57328 -0.04280 0.17068  -0.05245 65 SER A C   
541 O O   . SER A 71 ? 0.67399 0.23361 0.54667 -0.03144 0.18374  -0.03761 65 SER A O   
542 C CB  . SER A 71 ? 0.79786 0.34611 0.60792 -0.00667 0.21660  -0.04996 65 SER A CB  
543 O OG  . SER A 71 ? 0.83278 0.34822 0.59575 -0.00340 0.24391  -0.06582 65 SER A OG  
544 N N   . ILE A 72 ? 0.62431 0.24608 0.45899 -0.05317 0.13392  -0.04874 66 ILE A N   
545 C CA  . ILE A 72 ? 0.58014 0.25325 0.45672 -0.05207 0.10859  -0.03102 66 ILE A CA  
546 C C   . ILE A 72 ? 0.54472 0.25599 0.44345 -0.02674 0.10039  -0.00852 66 ILE A C   
547 O O   . ILE A 72 ? 0.53769 0.26103 0.41162 -0.02496 0.08758  -0.00843 66 ILE A O   
548 C CB  . ILE A 72 ? 0.57149 0.27907 0.43320 -0.07754 0.07681  -0.04067 66 ILE A CB  
549 C CG1 . ILE A 72 ? 0.68023 0.35185 0.51704 -0.11570 0.08260  -0.06605 66 ILE A CG1 
550 C CG2 . ILE A 72 ? 0.51337 0.27795 0.42048 -0.06750 0.05766  -0.01970 66 ILE A CG2 
551 C CD1 . ILE A 72 ? 0.71376 0.42465 0.52137 -0.14826 0.05046  -0.07988 66 ILE A CD1 
552 N N   . LEU A 73 ? 0.48749 0.21291 0.42638 -0.01006 0.10877  0.01093  67 LEU A N   
553 C CA  . LEU A 73 ? 0.45206 0.21336 0.40819 0.00447  0.09880  0.02930  67 LEU A CA  
554 C C   . LEU A 73 ? 0.51138 0.30330 0.48057 0.00412  0.07788  0.03595  67 LEU A C   
555 O O   . LEU A 73 ? 0.46248 0.25955 0.44643 -0.00354 0.07643  0.03487  67 LEU A O   
556 C CB  . LEU A 73 ? 0.44548 0.21818 0.43460 0.02101  0.11687  0.04872  67 LEU A CB  
557 C CG  . LEU A 73 ? 0.53103 0.29884 0.51834 0.03007  0.13838  0.05146  67 LEU A CG  
558 C CD1 . LEU A 73 ? 0.60186 0.31753 0.55830 0.02671  0.16057  0.03048  67 LEU A CD1 
559 C CD2 . LEU A 73 ? 0.51577 0.31642 0.54803 0.05054  0.15299  0.07850  67 LEU A CD2 
560 N N   . HIS A 74 ? 0.38366 0.35965 0.31235 0.01885  0.04277  0.09187  68 HIS A N   
561 C CA  . HIS A 74 ? 0.34089 0.31374 0.28969 0.01409  0.03209  0.07746  68 HIS A CA  
562 C C   . HIS A 74 ? 0.34436 0.34005 0.28855 0.01060  0.03615  0.09854  68 HIS A C   
563 O O   . HIS A 74 ? 0.33344 0.34786 0.26212 0.00714  0.02749  0.11898  68 HIS A O   
564 C CB  . HIS A 74 ? 0.30565 0.26493 0.25557 0.00702  -0.00236 0.06083  68 HIS A CB  
565 C CG  . HIS A 74 ? 0.30095 0.24189 0.25176 0.01107  -0.01491 0.03855  68 HIS A CG  
566 N ND1 . HIS A 74 ? 0.31435 0.24479 0.30478 0.01297  -0.01792 0.00543  68 HIS A ND1 
567 C CD2 . HIS A 74 ? 0.32959 0.26274 0.24510 0.01239  -0.02466 0.04215  68 HIS A CD2 
568 C CE1 . HIS A 74 ? 0.36057 0.28170 0.34219 0.01613  -0.03479 -0.01140 68 HIS A CE1 
569 N NE2 . HIS A 74 ? 0.36442 0.28554 0.29397 0.01543  -0.03891 0.01120  68 HIS A NE2 
570 N N   . LEU A 75 ? 0.29317 0.28744 0.25028 0.01010  0.05004  0.09116  69 LEU A N   
571 C CA  . LEU A 75 ? 0.29927 0.31550 0.24286 0.00596  0.05318  0.10775  69 LEU A CA  
572 C C   . LEU A 75 ? 0.35547 0.36556 0.30841 -0.00848 0.04273  0.08298  69 LEU A C   
573 O O   . LEU A 75 ? 0.38227 0.37040 0.35727 -0.01031 0.05498  0.05810  69 LEU A O   
574 C CB  . LEU A 75 ? 0.29274 0.30851 0.23277 0.01717  0.08374  0.12424  69 LEU A CB  
575 C CG  . LEU A 75 ? 0.47163 0.49872 0.39162 0.01206  0.08652  0.13008  69 LEU A CG  
576 C CD1 . LEU A 75 ? 0.36826 0.42657 0.27361 0.00681  0.06013  0.13886  69 LEU A CD1 
577 C CD2 . LEU A 75 ? 0.54163 0.55690 0.46592 0.02426  0.10611  0.13700  69 LEU A CD2 
578 N N   . LEU A 76 ? 0.33338 0.36355 0.27721 -0.01985 0.02431  0.08681  70 LEU A N   
579 C CA  . LEU A 76 ? 0.31381 0.34150 0.27023 -0.03601 0.01815  0.06193  70 LEU A CA  
580 C C   . LEU A 76 ? 0.35309 0.40640 0.28038 -0.04358 0.02759  0.07043  70 LEU A C   
581 O O   . LEU A 76 ? 0.34909 0.43352 0.25552 -0.04113 0.01892  0.09493  70 LEU A O   
582 C CB  . LEU A 76 ? 0.33178 0.36073 0.30382 -0.04545 -0.00834 0.05621  70 LEU A CB  
583 C CG  . LEU A 76 ? 0.39182 0.41721 0.39018 -0.06307 -0.01339 0.02780  70 LEU A CG  
584 C CD1 . LEU A 76 ? 0.42705 0.42563 0.45706 -0.06319 -0.00066 -0.00199 70 LEU A CD1 
585 C CD2 . LEU A 76 ? 0.38938 0.40772 0.41071 -0.06886 -0.03692 0.02696  70 LEU A CD2 
586 N N   . LEU A 77 ? 0.32126 0.36270 0.24686 -0.05321 0.04522  0.04922  71 LEU A N   
587 C CA  . LEU A 77 ? 0.40681 0.47116 0.29137 -0.06304 0.05253  0.05498  71 LEU A CA  
588 C C   . LEU A 77 ? 0.43152 0.52079 0.32198 -0.08274 0.03130  0.03805  71 LEU A C   
589 O O   . LEU A 77 ? 0.44096 0.51386 0.37102 -0.09456 0.02682  0.00839  71 LEU A O   
590 C CB  . LEU A 77 ? 0.52475 0.56322 0.39870 -0.07038 0.08490  0.03555  71 LEU A CB  
591 C CG  . LEU A 77 ? 0.66048 0.71491 0.46968 -0.07330 0.09830  0.05502  71 LEU A CG  
592 C CD1 . LEU A 77 ? 0.76725 0.78430 0.56162 -0.06777 0.13954  0.05721  71 LEU A CD1 
593 C CD2 . LEU A 77 ? 0.73087 0.80616 0.51759 -0.09921 0.09148  0.02892  71 LEU A CD2 
594 N N   . TRP A 78 ? 0.41597 0.54571 0.27488 -0.08584 0.01783  0.05570  72 TRP A N   
595 C CA  . TRP A 78 ? 0.50694 0.66529 0.37853 -0.10550 -0.00154 0.03784  72 TRP A CA  
596 C C   . TRP A 78 ? 0.48132 0.66616 0.31060 -0.12363 0.00185  0.02289  72 TRP A C   
597 O O   . TRP A 78 ? 0.62982 0.84564 0.41335 -0.11613 -0.00536 0.04869  72 TRP A O   
598 C CB  . TRP A 78 ? 0.47766 0.66744 0.35984 -0.09759 -0.02334 0.06329  72 TRP A CB  
599 C CG  . TRP A 78 ? 0.50731 0.70906 0.42611 -0.11569 -0.03774 0.04319  72 TRP A CG  
600 C CD1 . TRP A 78 ? 0.53570 0.78102 0.45647 -0.13271 -0.05115 0.03204  72 TRP A CD1 
601 C CD2 . TRP A 78 ? 0.50721 0.67570 0.46905 -0.11848 -0.03986 0.03226  72 TRP A CD2 
602 N NE1 . TRP A 78 ? 0.54747 0.78543 0.51543 -0.14704 -0.05594 0.01369  72 TRP A NE1 
603 C CE2 . TRP A 78 ? 0.57085 0.75974 0.56142 -0.13736 -0.04976 0.01714  72 TRP A CE2 
604 C CE3 . TRP A 78 ? 0.56841 0.69264 0.54779 -0.10650 -0.03621 0.03393  72 TRP A CE3 
605 C CZ2 . TRP A 78 ? 0.56867 0.72891 0.60287 -0.14301 -0.05297 0.00951  72 TRP A CZ2 
606 C CZ3 . TRP A 78 ? 0.54759 0.64769 0.56469 -0.11118 -0.04584 0.02672  72 TRP A CZ3 
607 C CH2 . TRP A 78 ? 0.54437 0.65950 0.58743 -0.12855 -0.05253 0.01741  72 TRP A CH2 
608 N N   . PRO A 79 ? 0.43464 0.60962 0.27696 -0.14742 0.01180  -0.01827 73 PRO A N   
609 C CA  . PRO A 79 ? 0.49601 0.69283 0.28773 -0.16841 0.01976  -0.03847 73 PRO A CA  
610 C C   . PRO A 79 ? 0.52558 0.78102 0.29699 -0.17738 -0.00924 -0.03390 73 PRO A C   
611 O O   . PRO A 79 ? 0.51769 0.79595 0.32318 -0.16897 -0.03182 -0.01735 73 PRO A O   
612 C CB  . PRO A 79 ? 0.56226 0.73336 0.39582 -0.19327 0.03872  -0.08997 73 PRO A CB  
613 C CG  . PRO A 79 ? 0.58549 0.71120 0.47744 -0.17708 0.04632  -0.08778 73 PRO A CG  
614 C CD  . PRO A 79 ? 0.50094 0.63713 0.40353 -0.15406 0.02106  -0.04832 73 PRO A CD  
615 N N   . ARG A 80 ? 0.53300 0.81327 0.24778 -0.19642 -0.00705 -0.05188 74 ARG A N   
616 C CA  . ARG A 80 ? 0.68798 1.02214 0.38718 -0.19954 -0.03557 -0.04744 74 ARG A CA  
617 C C   . ARG A 80 ? 0.78157 1.13173 0.48506 -0.23372 -0.03010 -0.10017 74 ARG A C   
618 O O   . ARG A 80 ? 0.80461 1.12516 0.53080 -0.25589 -0.00479 -0.14082 74 ARG A O   
619 C CB  . ARG A 80 ? 0.68339 1.01737 0.32857 -0.17356 -0.04081 -0.00832 74 ARG A CB  
620 N N   . GLY B 2  ? 0.95331 0.93602 0.59423 -0.25266 0.10720  -0.19976 4  GLY C N   
621 C CA  . GLY B 2  ? 0.95840 0.87249 0.59398 -0.23638 0.13697  -0.21190 4  GLY C CA  
622 C C   . GLY B 2  ? 0.88305 0.70718 0.53149 -0.19176 0.14872  -0.19515 4  GLY C C   
623 O O   . GLY B 2  ? 0.82449 0.64472 0.48870 -0.17082 0.12588  -0.17014 4  GLY C O   
624 N N   . GLN B 3  ? 1.00153 0.76475 0.65370 -0.17262 0.18339  -0.19970 5  GLN C N   
625 C CA  . GLN B 3  ? 0.95006 0.64330 0.62428 -0.12792 0.20074  -0.17625 5  GLN C CA  
626 C C   . GLN B 3  ? 0.80941 0.53944 0.50465 -0.09305 0.16254  -0.13077 5  GLN C C   
627 O O   . GLN B 3  ? 0.72483 0.44283 0.44942 -0.06631 0.14799  -0.10196 5  GLN C O   
628 C CB  . GLN B 3  ? 1.07287 0.71234 0.75632 -0.11278 0.24890  -0.17927 5  GLN C CB  
629 N N   . GLN B 4  ? 0.67129 0.45143 0.35557 -0.09554 0.14654  -0.12205 6  GLN C N   
630 C CA  . GLN B 4  ? 0.59272 0.40458 0.30026 -0.06920 0.11394  -0.07906 6  GLN C CA  
631 C C   . GLN B 4  ? 0.54873 0.38345 0.27075 -0.06803 0.07797  -0.05930 6  GLN C C   
632 O O   . GLN B 4  ? 0.55473 0.37641 0.29950 -0.04674 0.06389  -0.03354 6  GLN C O   
633 C CB  . GLN B 4  ? 0.65765 0.52136 0.35060 -0.07598 0.10593  -0.07265 6  GLN C CB  
634 C CG  . GLN B 4  ? 0.68622 0.53784 0.38588 -0.05366 0.12505  -0.05857 6  GLN C CG  
635 C CD  . GLN B 4  ? 0.65203 0.56162 0.34199 -0.05877 0.11185  -0.04510 6  GLN C CD  
636 O OE1 . GLN B 4  ? 0.70505 0.63485 0.41494 -0.04357 0.09352  -0.01031 6  GLN C OE1 
637 N NE2 . GLN B 4  ? 0.63413 0.57551 0.29207 -0.08460 0.12287  -0.07357 6  GLN C NE2 
638 N N   . GLU B 5  ? 0.55386 0.43100 0.26129 -0.09222 0.06540  -0.06993 7  GLU C N   
639 C CA  . GLU B 5  ? 0.57863 0.48083 0.30042 -0.08522 0.03789  -0.04525 7  GLU C CA  
640 C C   . GLU B 5  ? 0.57836 0.43129 0.31692 -0.07343 0.03970  -0.04665 7  GLU C C   
641 O O   . GLU B 5  ? 0.51475 0.35994 0.27035 -0.05435 0.02326  -0.02226 7  GLU C O   
642 C CB  . GLU B 5  ? 0.57617 0.55425 0.28132 -0.11220 0.02819  -0.05024 7  GLU C CB  
643 N N   . GLU B 6  ? 0.56120 0.37689 0.29424 -0.08510 0.06438  -0.07522 8  GLU C N   
644 C CA  . GLU B 6  ? 0.61301 0.38940 0.36517 -0.07139 0.06747  -0.07094 8  GLU C CA  
645 C C   . GLU B 6  ? 0.50377 0.25127 0.27780 -0.03912 0.06981  -0.04762 8  GLU C C   
646 O O   . GLU B 6  ? 0.51183 0.25396 0.30256 -0.02378 0.05705  -0.03109 8  GLU C O   
647 C CB  . GLU B 6  ? 0.81003 0.54846 0.55324 -0.09273 0.10067  -0.10416 8  GLU C CB  
648 C CG  . GLU B 6  ? 0.94463 0.72596 0.66302 -0.13773 0.09849  -0.13272 8  GLU C CG  
649 C CD  . GLU B 6  ? 1.03637 0.87016 0.76528 -0.13824 0.06601  -0.11209 8  GLU C CD  
650 O OE1 . GLU B 6  ? 1.07052 0.98315 0.78741 -0.15599 0.04613  -0.10539 8  GLU C OE1 
651 O OE2 . GLU B 6  ? 1.02002 0.82399 0.77028 -0.11825 0.06292  -0.09830 8  GLU C OE2 
652 N N   . GLU B 7  ? 0.51732 0.25707 0.29045 -0.03032 0.08688  -0.04497 9  GLU C N   
653 C CA  . GLU B 7  ? 0.54621 0.28521 0.34091 -0.00385 0.08746  -0.01762 9  GLU C CA  
654 C C   . GLU B 7  ? 0.57870 0.34765 0.37695 -0.00378 0.05427  0.00195  9  GLU C C   
655 O O   . GLU B 7  ? 0.55054 0.32523 0.36289 0.00593  0.04556  0.01771  9  GLU C O   
656 C CB  . GLU B 7  ? 0.69303 0.42732 0.48732 0.00743  0.11667  -0.01392 9  GLU C CB  
657 C CG  . GLU B 7  ? 0.76295 0.52711 0.57928 0.03053  0.11398  0.02086  9  GLU C CG  
658 N N   . ASP B 8  ? 0.56101 0.35051 0.34550 -0.01666 0.03999  0.00132  10 ASP C N   
659 C CA  . ASP B 8  ? 0.52923 0.32928 0.31675 -0.01708 0.01912  0.01978  10 ASP C CA  
660 C C   . ASP B 8  ? 0.46183 0.24726 0.25278 -0.01433 0.00844  0.02146  10 ASP C C   
661 O O   . ASP B 8  ? 0.52939 0.30225 0.32485 -0.01222 0.00214  0.03008  10 ASP C O   
662 C CB  . ASP B 8  ? 0.54537 0.37213 0.32226 -0.02523 0.01309  0.02752  10 ASP C CB  
663 C CG  . ASP B 8  ? 0.72543 0.56988 0.49802 -0.02714 0.02294  0.02811  10 ASP C CG  
664 O OD1 . ASP B 8  ? 0.84114 0.67937 0.62306 -0.01942 0.03199  0.03199  10 ASP C OD1 
665 O OD2 . ASP B 8  ? 0.82016 0.69550 0.58099 -0.03481 0.02259  0.02888  10 ASP C OD2 
666 N N   . LEU B 9  ? 0.46388 0.25462 0.25018 -0.01799 0.00851  0.01178  11 LEU C N   
667 C CA  . LEU B 9  ? 0.46067 0.24291 0.25200 -0.01149 0.00071  0.01677  11 LEU C CA  
668 C C   . LEU B 9  ? 0.42579 0.18335 0.22814 -0.00221 0.00327  0.01474  11 LEU C C   
669 O O   . LEU B 9  ? 0.46162 0.20699 0.26538 0.00351  -0.00285 0.02161  11 LEU C O   
670 C CB  . LEU B 9  ? 0.48706 0.29282 0.27339 -0.02196 0.00157  0.00633  11 LEU C CB  
671 C CG  . LEU B 9  ? 0.48195 0.28840 0.27563 -0.01359 -0.00503 0.01443  11 LEU C CG  
672 C CD1 . LEU B 9  ? 0.50394 0.31082 0.29976 0.00323  -0.01110 0.04093  11 LEU C CD1 
673 C CD2 . LEU B 9  ? 0.52539 0.37323 0.31345 -0.03240 -0.00500 0.00502  11 LEU C CD2 
674 N N   . GLN B 10 ? 0.48066 0.23305 0.29045 0.00042  0.01725  0.00713  12 GLN C N   
675 C CA  . GLN B 10 ? 0.45481 0.20421 0.27961 0.01305  0.02225  0.01453  12 GLN C CA  
676 C C   . GLN B 10 ? 0.43030 0.19796 0.25561 0.01137  0.01311  0.02602  12 GLN C C   
677 O O   . GLN B 10 ? 0.42570 0.20128 0.25338 0.01190  0.00692  0.02912  12 GLN C O   
678 C CB  . GLN B 10 ? 0.51469 0.25619 0.35093 0.02239  0.04904  0.01418  12 GLN C CB  
679 C CG  . GLN B 10 ? 0.65995 0.39659 0.51551 0.03826  0.06243  0.02365  12 GLN C CG  
680 C CD  . GLN B 10 ? 0.76617 0.47008 0.63092 0.04611  0.10166  0.01984  12 GLN C CD  
681 O OE1 . GLN B 10 ? 0.81584 0.49046 0.68122 0.03873  0.11458  0.00625  12 GLN C OE1 
682 N NE2 . GLN B 10 ? 0.77410 0.48024 0.64560 0.06016  0.12554  0.03246  12 GLN C NE2 
683 N N   . ARG B 11 ? 0.42624 0.20613 0.24700 0.00435  0.01346  0.03022  13 ARG C N   
684 C CA  . ARG B 11 ? 0.49675 0.29966 0.31587 -0.00746 0.00615  0.03838  13 ARG C CA  
685 C C   . ARG B 11 ? 0.50068 0.27738 0.30556 -0.02173 -0.00301 0.03065  13 ARG C C   
686 O O   . ARG B 11 ? 0.48940 0.27628 0.28924 -0.03605 -0.00533 0.02680  13 ARG C O   
687 C CB  . ARG B 11 ? 0.55706 0.37670 0.37427 -0.01334 0.00922  0.04560  13 ARG C CB  
688 C CG  . ARG B 11 ? 0.70594 0.56242 0.52360 -0.03145 0.00403  0.05529  13 ARG C CG  
689 C CD  . ARG B 11 ? 0.80434 0.69205 0.62688 -0.03043 0.01029  0.06921  13 ARG C CD  
690 N NE  . ARG B 11 ? 0.88903 0.75151 0.69993 -0.03882 0.00732  0.06535  13 ARG C NE  
691 N N   . ILE B 12 ? 0.43968 0.18675 0.23697 -0.01861 -0.00352 0.02966  14 ILE C N   
692 C CA  . ILE B 12 ? 0.46623 0.17752 0.25221 -0.02443 -0.00047 0.02922  14 ILE C CA  
693 C C   . ILE B 12 ? 0.50985 0.20465 0.29376 -0.01651 0.00037  0.02178  14 ILE C C   
694 O O   . ILE B 12 ? 0.57208 0.23896 0.34319 -0.02738 0.00812  0.01304  14 ILE C O   
695 C CB  . ILE B 12 ? 0.47801 0.17875 0.26252 -0.01536 0.00361  0.04401  14 ILE C CB  
696 C CG1 . ILE B 12 ? 0.53097 0.25394 0.31663 -0.02387 0.00304  0.05172  14 ILE C CG1 
697 C CG2 . ILE B 12 ? 0.51885 0.17195 0.29550 -0.01240 0.01901  0.05227  14 ILE C CG2 
698 C CD1 . ILE B 12 ? 0.55653 0.27495 0.33855 -0.04620 0.00623  0.04868  14 ILE C CD1 
699 N N   . LEU B 13 ? 0.45906 0.16782 0.25308 -0.00079 -0.00385 0.02265  15 LEU C N   
700 C CA  . LEU B 13 ? 0.47289 0.17478 0.26764 0.00765  -0.00365 0.01817  15 LEU C CA  
701 C C   . LEU B 13 ? 0.44269 0.16435 0.23544 -0.00408 -0.00432 0.01007  15 LEU C C   
702 O O   . LEU B 13 ? 0.46323 0.17199 0.24331 -0.01051 -0.00054 0.00021  15 LEU C O   
703 C CB  . LEU B 13 ? 0.42162 0.14028 0.23029 0.02045  -0.00599 0.02050  15 LEU C CB  
704 C CG  . LEU B 13 ? 0.44428 0.16803 0.25246 0.02446  -0.00728 0.02702  15 LEU C CG  
705 C CD1 . LEU B 13 ? 0.40736 0.14856 0.22512 0.02136  -0.00533 0.01976  15 LEU C CD1 
706 C CD2 . LEU B 13 ? 0.45599 0.16749 0.26035 0.03765  -0.00496 0.03805  15 LEU C CD2 
707 N N   . GLN B 14 ? 0.42534 0.18713 0.23008 -0.00657 -0.00609 0.01629  16 GLN C N   
708 C CA  . GLN B 14 ? 0.44778 0.25874 0.25383 -0.01868 -0.00744 0.01785  16 GLN C CA  
709 C C   . GLN B 14 ? 0.46174 0.26341 0.24293 -0.05197 -0.00696 0.00074  16 GLN C C   
710 O O   . GLN B 14 ? 0.48047 0.29858 0.24786 -0.06888 -0.00587 -0.01255 16 GLN C O   
711 C CB  . GLN B 14 ? 0.42452 0.28356 0.24926 -0.01194 -0.00390 0.03680  16 GLN C CB  
712 C CG  . GLN B 14 ? 0.43995 0.37854 0.27543 -0.01536 -0.00363 0.05259  16 GLN C CG  
713 C CD  . GLN B 14 ? 0.49139 0.44589 0.34029 0.00532  0.00016  0.06128  16 GLN C CD  
714 O OE1 . GLN B 14 ? 0.53014 0.44795 0.39349 0.03035  0.00969  0.06677  16 GLN C OE1 
715 N NE2 . GLN B 14 ? 0.39584 0.40778 0.23793 -0.00963 -0.00570 0.06045  16 GLN C NE2 
716 N N   . LEU B 15 ? 0.48779 0.26156 0.26106 -0.06503 -0.00400 -0.00102 17 LEU C N   
717 C CA  . LEU B 15 ? 0.55442 0.30578 0.30378 -0.10222 0.00443  -0.01880 17 LEU C CA  
718 C C   . LEU B 15 ? 0.63069 0.31565 0.35803 -0.10624 0.02005  -0.03828 17 LEU C C   
719 O O   . LEU B 15 ? 0.64102 0.31609 0.34292 -0.14259 0.03172  -0.06358 17 LEU C O   
720 C CB  . LEU B 15 ? 0.54077 0.26476 0.29086 -0.10731 0.00914  -0.01031 17 LEU C CB  
721 C CG  . LEU B 15 ? 0.61963 0.29818 0.34743 -0.14493 0.02657  -0.02576 17 LEU C CG  
722 C CD1 . LEU B 15 ? 0.63010 0.37254 0.34783 -0.19164 0.02186  -0.03924 17 LEU C CD1 
723 C CD2 . LEU B 15 ? 0.61242 0.25914 0.34801 -0.13509 0.03359  -0.00696 17 LEU C CD2 
724 N N   . SER B 16 ? 0.56468 0.20599 0.29921 -0.07195 0.02447  -0.02720 18 SER C N   
725 C CA  . SER B 16 ? 0.61312 0.18792 0.32969 -0.06635 0.04640  -0.03709 18 SER C CA  
726 C C   . SER B 16 ? 0.61872 0.21147 0.32326 -0.07273 0.04611  -0.05599 18 SER C C   
727 O O   . SER B 16 ? 0.68851 0.22568 0.37038 -0.07651 0.06982  -0.07253 18 SER C O   
728 C CB  . SER B 16 ? 0.74179 0.30039 0.47672 -0.02488 0.04839  -0.01061 18 SER C CB  
729 O OG  . SER B 16 ? 0.61255 0.21350 0.36261 -0.00531 0.02939  -0.00346 18 SER C OG  
730 N N   . LEU B 17 ? 0.56900 0.23858 0.28913 -0.07069 0.02462  -0.05063 19 LEU C N   
731 C CA  . LEU B 17 ? 0.66969 0.37387 0.38163 -0.07470 0.02328  -0.06249 19 LEU C CA  
732 C C   . LEU B 17 ? 0.68797 0.39506 0.36369 -0.12392 0.03653  -0.09698 19 LEU C C   
733 O O   . LEU B 17 ? 0.68319 0.38506 0.33682 -0.13312 0.04735  -0.11806 19 LEU C O   
734 C CB  . LEU B 17 ? 0.59869 0.39168 0.33955 -0.06040 0.00400  -0.04059 19 LEU C CB  
735 C CG  . LEU B 17 ? 0.57607 0.36492 0.34632 -0.01907 -0.00166 -0.01682 19 LEU C CG  
736 C CD1 . LEU B 17 ? 0.55043 0.41631 0.34774 -0.00734 -0.00790 0.00547  19 LEU C CD1 
737 C CD2 . LEU B 17 ? 0.54269 0.29666 0.30517 -0.00272 0.00488  -0.02233 19 LEU C CD2 
738 N N   . THR B 18 ? 0.65326 0.37300 0.32003 -0.16054 0.03745  -0.10564 20 THR C N   
739 C CA  . THR B 18 ? 0.74024 0.46805 0.36846 -0.22126 0.05217  -0.14424 20 THR C CA  
740 C C   . THR B 18 ? 0.85347 0.49661 0.47360 -0.23860 0.08152  -0.15529 20 THR C C   
741 O O   . THR B 18 ? 0.93973 0.58288 0.54233 -0.27795 0.10309  -0.18046 20 THR C O   
742 C CB  . THR B 18 ? 0.78179 0.63946 0.41868 -0.25355 0.02996  -0.13618 20 THR C CB  
743 O OG1 . THR B 18 ? 0.81855 0.69114 0.48550 -0.23500 0.01752  -0.10474 20 THR C OG1 
744 C CG2 . THR B 18 ? 0.80452 0.76651 0.46186 -0.22997 0.01119  -0.11444 20 THR C CG2 
745 N N   . GLU B 19 ? 0.86989 0.45430 0.50756 -0.20636 0.08518  -0.13113 21 GLU C N   
746 C CA  . GLU B 19 ? 0.99854 0.51934 0.63845 -0.20846 0.11483  -0.12879 21 GLU C CA  
747 C C   . GLU B 19 ? 0.97869 0.43944 0.63437 -0.15578 0.13382  -0.10782 21 GLU C C   
748 O O   . GLU B 19 ? 0.89032 0.34492 0.57104 -0.11770 0.12650  -0.07598 21 GLU C O   
749 C CB  . GLU B 19 ? 1.09657 0.62767 0.74870 -0.21572 0.10390  -0.11127 21 GLU C CB  
750 C CG  . GLU B 19 ? 1.36956 0.94345 1.00525 -0.27547 0.10526  -0.13195 21 GLU C CG  
751 C CD  . GLU B 19 ? 1.49716 1.17297 1.13613 -0.29920 0.06895  -0.12648 21 GLU C CD  
752 O OE1 . GLU B 19 ? 1.56868 1.28124 1.21258 -0.32555 0.06163  -0.11829 21 GLU C OE1 
753 O OE2 . GLU B 19 ? 1.51874 1.25460 1.16395 -0.28245 0.04886  -0.12185 21 GLU C OE2 
754 N N   . HIS B 20 ? 1.01714 0.44703 0.65816 -0.15618 0.15874  -0.12419 22 HIS C N   
755 C CA  . HIS B 20 ? 1.00173 0.38815 0.65567 -0.10939 0.17995  -0.10270 22 HIS C CA  
756 C C   . HIS B 20 ? 1.09223 0.41659 0.72272 -0.12600 0.22738  -0.12289 22 HIS C C   
757 O O   . HIS B 20 ? 1.08846 0.37230 0.72407 -0.09140 0.25521  -0.10616 22 HIS C O   
758 C CB  . HIS B 20 ? 0.93827 0.35443 0.59906 -0.08042 0.15996  -0.09515 22 HIS C CB  
759 C CG  . HIS B 20 ? 1.01571 0.45348 0.64975 -0.11146 0.15736  -0.12958 22 HIS C CG  
760 N ND1 . HIS B 20 ? 1.12556 0.52744 0.73718 -0.12466 0.18967  -0.15208 22 HIS C ND1 
761 C CD2 . HIS B 20 ? 0.99117 0.49283 0.61687 -0.13145 0.12759  -0.14358 22 HIS C CD2 
762 C CE1 . HIS B 20 ? 1.11394 0.56377 0.70650 -0.15361 0.17676  -0.17998 22 HIS C CE1 
763 N NE2 . HIS B 20 ? 1.03071 0.54804 0.63261 -0.15691 0.13875  -0.17329 22 HIS C NE2 
764 O OXT . HIS B 20 ? 1.15944 0.47693 0.76359 -0.17696 0.24155  -0.15615 22 HIS C OXT 
# 
loop_
_pdbx_poly_seq_scheme.asym_id 
_pdbx_poly_seq_scheme.entity_id 
_pdbx_poly_seq_scheme.seq_id 
_pdbx_poly_seq_scheme.mon_id 
_pdbx_poly_seq_scheme.ndb_seq_num 
_pdbx_poly_seq_scheme.pdb_seq_num 
_pdbx_poly_seq_scheme.auth_seq_num 
_pdbx_poly_seq_scheme.pdb_mon_id 
_pdbx_poly_seq_scheme.auth_mon_id 
_pdbx_poly_seq_scheme.pdb_strand_id 
_pdbx_poly_seq_scheme.pdb_ins_code 
_pdbx_poly_seq_scheme.hetero 
A 1 1  GLY 1  -5 ?  ?   ?   A . n 
A 1 2  ALA 2  -4 ?  ?   ?   A . n 
A 1 3  ALA 3  -3 ?  ?   ?   A . n 
A 1 4  GLN 4  -2 ?  ?   ?   A . n 
A 1 5  PRO 5  -1 ?  ?   ?   A . n 
A 1 6  ALA 6  0  0  ALA ALA A . n 
A 1 7  MET 7  1  1  MET MET A . n 
A 1 8  GLN 8  2  2  GLN GLN A . n 
A 1 9  ILE 9  3  3  ILE ILE A . n 
A 1 10 PHE 10 4  4  PHE PHE A . n 
A 1 11 VAL 11 5  5  VAL VAL A . n 
A 1 12 ARG 12 6  6  ARG ARG A . n 
A 1 13 THR 13 7  7  THR THR A . n 
A 1 14 HIS 14 8  8  HIS HIS A . n 
A 1 15 ALA 15 9  9  ALA ALA A . n 
A 1 16 MET 16 10 10 MET MET A . n 
A 1 17 ARG 17 11 11 ARG ARG A . n 
A 1 18 THR 18 12 12 THR THR A . n 
A 1 19 ASP 19 13 13 ASP ASP A . n 
A 1 20 VAL 20 14 14 VAL VAL A . n 
A 1 21 LEU 21 15 15 LEU LEU A . n 
A 1 22 GLU 22 16 16 GLU GLU A . n 
A 1 23 VAL 23 17 17 VAL VAL A . n 
A 1 24 GLU 24 18 18 GLU GLU A . n 
A 1 25 PRO 25 19 19 PRO PRO A . n 
A 1 26 SER 26 20 20 SER SER A . n 
A 1 27 ASP 27 21 21 ASP ASP A . n 
A 1 28 THR 28 22 22 THR THR A . n 
A 1 29 ILE 29 23 23 ILE ILE A . n 
A 1 30 GLU 30 24 24 GLU GLU A . n 
A 1 31 ASN 31 25 25 ASN ASN A . n 
A 1 32 VAL 32 26 26 VAL VAL A . n 
A 1 33 LYS 33 27 27 LYS LYS A . n 
A 1 34 ALA 34 28 28 ALA ALA A . n 
A 1 35 LYS 35 29 29 LYS LYS A . n 
A 1 36 ILE 36 30 30 ILE ILE A . n 
A 1 37 GLN 37 31 31 GLN GLN A . n 
A 1 38 ASP 38 32 32 ASP ASP A . n 
A 1 39 LYS 39 33 33 LYS LYS A . n 
A 1 40 GLU 40 34 34 GLU GLU A . n 
A 1 41 GLY 41 35 35 GLY GLY A . n 
A 1 42 ILE 42 36 36 ILE ILE A . n 
A 1 43 PRO 43 37 37 PRO PRO A . n 
A 1 44 PRO 44 38 38 PRO PRO A . n 
A 1 45 ASP 45 39 39 ASP ASP A . n 
A 1 46 GLN 46 40 40 GLN GLN A . n 
A 1 47 GLN 47 41 41 GLN GLN A . n 
A 1 48 ARG 48 42 42 ARG ARG A . n 
A 1 49 LEU 49 43 43 LEU LEU A . n 
A 1 50 ILE 50 44 44 ILE ILE A . n 
A 1 51 PHE 51 45 45 PHE PHE A . n 
A 1 52 ALA 52 46 46 ALA ALA A . n 
A 1 53 GLY 53 47 47 GLY GLY A . n 
A 1 54 LYS 54 48 48 LYS LYS A . n 
A 1 55 GLN 55 49 49 GLN GLN A . n 
A 1 56 LEU 56 50 50 LEU LEU A . n 
A 1 57 GLU 57 51 51 GLU GLU A . n 
A 1 58 ASP 58 52 52 ASP ASP A . n 
A 1 59 GLY 59 53 53 GLY GLY A . n 
A 1 60 ARG 60 54 54 ARG ARG A . n 
A 1 61 THR 61 55 55 THR THR A . n 
A 1 62 LEU 62 56 56 LEU LEU A . n 
A 1 63 SER 63 57 57 SER SER A . n 
A 1 64 ASP 64 58 58 ASP ASP A . n 
A 1 65 TYR 65 59 59 TYR TYR A . n 
A 1 66 ASN 66 60 60 ASN ASN A . n 
A 1 67 ILE 67 61 61 ILE ILE A . n 
A 1 68 ARG 68 62 62 ARG ARG A . n 
A 1 69 GLN 69 63 63 GLN GLN A . n 
A 1 70 GLU 70 64 64 GLU GLU A . n 
A 1 71 SER 71 65 65 SER SER A . n 
A 1 72 ILE 72 66 66 ILE ILE A . n 
A 1 73 LEU 73 67 67 LEU LEU A . n 
A 1 74 HIS 74 68 68 HIS HIS A . n 
A 1 75 LEU 75 69 69 LEU LEU A . n 
A 1 76 LEU 76 70 70 LEU LEU A . n 
A 1 77 LEU 77 71 71 LEU LEU A . n 
A 1 78 TRP 78 72 72 TRP TRP A . n 
A 1 79 PRO 79 73 73 PRO PRO A . n 
A 1 80 ARG 80 74 74 ARG ARG A . n 
A 1 81 SER 81 75 ?  ?   ?   A . n 
A 1 82 LEU 82 76 ?  ?   ?   A . n 
A 1 83 ARG 83 77 ?  ?   ?   A . n 
A 1 84 ALA 84 78 ?  ?   ?   A . n 
A 1 85 GLY 85 79 ?  ?   ?   A . n 
A 1 86 ALA 86 80 ?  ?   ?   A . n 
A 1 87 ALA 87 81 ?  ?   ?   A . n 
A 1 88 ALA 88 82 ?  ?   ?   A . n 
B 2 1  ARG 1  3  ?  ?   ?   C . n 
B 2 2  GLY 2  4  4  GLY GLY C . n 
B 2 3  GLN 3  5  5  GLN GLN C . n 
B 2 4  GLN 4  6  6  GLN GLN C . n 
B 2 5  GLU 5  7  7  GLU GLU C . n 
B 2 6  GLU 6  8  8  GLU GLU C . n 
B 2 7  GLU 7  9  9  GLU GLU C . n 
B 2 8  ASP 8  10 10 ASP ASP C . n 
B 2 9  LEU 9  11 11 LEU LEU C . n 
B 2 10 GLN 10 12 12 GLN GLN C . n 
B 2 11 ARG 11 13 13 ARG ARG C . n 
B 2 12 ILE 12 14 14 ILE ILE C . n 
B 2 13 LEU 13 15 15 LEU LEU C . n 
B 2 14 GLN 14 16 16 GLN GLN C . n 
B 2 15 LEU 15 17 17 LEU LEU C . n 
B 2 16 SER 16 18 18 SER SER C . n 
B 2 17 LEU 17 19 19 LEU LEU C . n 
B 2 18 THR 18 20 20 THR THR C . n 
B 2 19 GLU 19 21 21 GLU GLU C . n 
B 2 20 HIS 20 22 22 HIS HIS C . n 
# 
loop_
_pdbx_nonpoly_scheme.asym_id 
_pdbx_nonpoly_scheme.entity_id 
_pdbx_nonpoly_scheme.mon_id 
_pdbx_nonpoly_scheme.ndb_seq_num 
_pdbx_nonpoly_scheme.pdb_seq_num 
_pdbx_nonpoly_scheme.auth_seq_num 
_pdbx_nonpoly_scheme.pdb_mon_id 
_pdbx_nonpoly_scheme.auth_mon_id 
_pdbx_nonpoly_scheme.pdb_strand_id 
_pdbx_nonpoly_scheme.pdb_ins_code 
C 3 SO4 1  101 1  SO4 SO4 C . 
D 4 NA  1  102 1  NA  NA  C . 
E 5 HOH 1  101 13 HOH HOH A . 
E 5 HOH 2  102 5  HOH HOH A . 
E 5 HOH 3  103 12 HOH HOH A . 
E 5 HOH 4  104 3  HOH HOH A . 
E 5 HOH 5  105 4  HOH HOH A . 
E 5 HOH 6  106 14 HOH HOH A . 
E 5 HOH 7  107 2  HOH HOH A . 
E 5 HOH 8  108 6  HOH HOH A . 
E 5 HOH 9  109 1  HOH HOH A . 
E 5 HOH 10 110 9  HOH HOH A . 
E 5 HOH 11 111 17 HOH HOH A . 
E 5 HOH 12 112 20 HOH HOH A . 
E 5 HOH 13 113 18 HOH HOH A . 
F 5 HOH 1  201 7  HOH HOH C . 
F 5 HOH 2  202 11 HOH HOH C . 
F 5 HOH 3  203 22 HOH HOH C . 
F 5 HOH 4  204 21 HOH HOH C . 
# 
_pdbx_struct_assembly.id                   1 
_pdbx_struct_assembly.details              author_and_software_defined_assembly 
_pdbx_struct_assembly.method_details       PISA 
_pdbx_struct_assembly.oligomeric_details   tetrameric 
_pdbx_struct_assembly.oligomeric_count     4 
# 
_pdbx_struct_assembly_gen.assembly_id       1 
_pdbx_struct_assembly_gen.oper_expression   1,2 
_pdbx_struct_assembly_gen.asym_id_list      A,B,C,D,E,F 
# 
loop_
_pdbx_struct_assembly_prop.biol_id 
_pdbx_struct_assembly_prop.type 
_pdbx_struct_assembly_prop.value 
_pdbx_struct_assembly_prop.details 
1 'ABSA (A^2)' 7810 ? 
1 MORE         -79  ? 
1 'SSA (A^2)'  9100 ? 
# 
loop_
_pdbx_struct_oper_list.id 
_pdbx_struct_oper_list.type 
_pdbx_struct_oper_list.name 
_pdbx_struct_oper_list.symmetry_operation 
_pdbx_struct_oper_list.matrix[1][1] 
_pdbx_struct_oper_list.matrix[1][2] 
_pdbx_struct_oper_list.matrix[1][3] 
_pdbx_struct_oper_list.vector[1] 
_pdbx_struct_oper_list.matrix[2][1] 
_pdbx_struct_oper_list.matrix[2][2] 
_pdbx_struct_oper_list.matrix[2][3] 
_pdbx_struct_oper_list.vector[2] 
_pdbx_struct_oper_list.matrix[3][1] 
_pdbx_struct_oper_list.matrix[3][2] 
_pdbx_struct_oper_list.matrix[3][3] 
_pdbx_struct_oper_list.vector[3] 
1 'identity operation'         1_555 x,y,z        1.0000000000 0.0000000000  0.0000000000 0.0000000000  0.0000000000  1.0000000000  0.0000000000  0.0000000000 0.0000000000 0.0000000000  1.0000000000  0.0000000000   
2 'crystal symmetry operation' 8_555 -y,-x,-z+1/2 0.1080785882 -0.3692848242 0.9230101502 12.8070770130 -0.3692848242 -0.8769299553 -0.3076078219 0.7397814141 0.9230101502 -0.3076078219 -0.2311486329 -15.0789866864 
# 
_pdbx_struct_special_symmetry.id              1 
_pdbx_struct_special_symmetry.PDB_model_num   1 
_pdbx_struct_special_symmetry.auth_asym_id    A 
_pdbx_struct_special_symmetry.auth_comp_id    HOH 
_pdbx_struct_special_symmetry.auth_seq_id     104 
_pdbx_struct_special_symmetry.PDB_ins_code    ? 
_pdbx_struct_special_symmetry.label_asym_id   E 
_pdbx_struct_special_symmetry.label_comp_id   HOH 
_pdbx_struct_special_symmetry.label_seq_id    . 
# 
loop_
_pdbx_audit_revision_history.ordinal 
_pdbx_audit_revision_history.data_content_type 
_pdbx_audit_revision_history.major_revision 
_pdbx_audit_revision_history.minor_revision 
_pdbx_audit_revision_history.revision_date 
1 'Structure model' 1 0 2022-05-11 
2 'Structure model' 1 1 2023-10-18 
# 
_pdbx_audit_revision_details.ordinal             1 
_pdbx_audit_revision_details.revision_ordinal    1 
_pdbx_audit_revision_details.data_content_type   'Structure model' 
_pdbx_audit_revision_details.provider            repository 
_pdbx_audit_revision_details.type                'Initial release' 
_pdbx_audit_revision_details.description         ? 
_pdbx_audit_revision_details.details             ? 
# 
loop_
_pdbx_audit_revision_group.ordinal 
_pdbx_audit_revision_group.revision_ordinal 
_pdbx_audit_revision_group.data_content_type 
_pdbx_audit_revision_group.group 
1 2 'Structure model' 'Data collection'        
2 2 'Structure model' 'Refinement description' 
# 
loop_
_pdbx_audit_revision_category.ordinal 
_pdbx_audit_revision_category.revision_ordinal 
_pdbx_audit_revision_category.data_content_type 
_pdbx_audit_revision_category.category 
1 2 'Structure model' chem_comp_atom                
2 2 'Structure model' chem_comp_bond                
3 2 'Structure model' pdbx_initial_refinement_model 
# 
loop_
_space_group_symop.id 
_space_group_symop.operation_xyz 
1 x,y,z               
2 -y+1/2,x+1/2,z+1/4  
3 y+1/2,-x+1/2,z+3/4  
4 x+1/2,-y+1/2,-z+3/4 
5 -x+1/2,y+1/2,-z+1/4 
6 -x,-y,z+1/2         
7 y,x,-z              
8 -y,-x,-z+1/2        
# 
loop_
_pdbx_refine_tls.id 
_pdbx_refine_tls.pdbx_refine_id 
_pdbx_refine_tls.details 
_pdbx_refine_tls.method 
_pdbx_refine_tls.origin_x 
_pdbx_refine_tls.origin_y 
_pdbx_refine_tls.origin_z 
_pdbx_refine_tls.T[1][1] 
_pdbx_refine_tls.T[1][1]_esd 
_pdbx_refine_tls.T[1][2] 
_pdbx_refine_tls.T[1][2]_esd 
_pdbx_refine_tls.T[1][3] 
_pdbx_refine_tls.T[1][3]_esd 
_pdbx_refine_tls.T[2][2] 
_pdbx_refine_tls.T[2][2]_esd 
_pdbx_refine_tls.T[2][3] 
_pdbx_refine_tls.T[2][3]_esd 
_pdbx_refine_tls.T[3][3] 
_pdbx_refine_tls.T[3][3]_esd 
_pdbx_refine_tls.L[1][1] 
_pdbx_refine_tls.L[1][1]_esd 
_pdbx_refine_tls.L[1][2] 
_pdbx_refine_tls.L[1][2]_esd 
_pdbx_refine_tls.L[1][3] 
_pdbx_refine_tls.L[1][3]_esd 
_pdbx_refine_tls.L[2][2] 
_pdbx_refine_tls.L[2][2]_esd 
_pdbx_refine_tls.L[2][3] 
_pdbx_refine_tls.L[2][3]_esd 
_pdbx_refine_tls.L[3][3] 
_pdbx_refine_tls.L[3][3]_esd 
_pdbx_refine_tls.S[1][1] 
_pdbx_refine_tls.S[1][1]_esd 
_pdbx_refine_tls.S[1][2] 
_pdbx_refine_tls.S[1][2]_esd 
_pdbx_refine_tls.S[1][3] 
_pdbx_refine_tls.S[1][3]_esd 
_pdbx_refine_tls.S[2][1] 
_pdbx_refine_tls.S[2][1]_esd 
_pdbx_refine_tls.S[2][2] 
_pdbx_refine_tls.S[2][2]_esd 
_pdbx_refine_tls.S[2][3] 
_pdbx_refine_tls.S[2][3]_esd 
_pdbx_refine_tls.S[3][1] 
_pdbx_refine_tls.S[3][1]_esd 
_pdbx_refine_tls.S[3][2] 
_pdbx_refine_tls.S[3][2]_esd 
_pdbx_refine_tls.S[3][3] 
_pdbx_refine_tls.S[3][3]_esd 
1 'X-RAY DIFFRACTION' ? refined 14.0234527430  -7.73212933698 -15.8453402006 0.400152392452 ? -0.157242262595 ? 0.038466253312  ? 0.366675515909 ? -0.044832082181 ? 0.42355191893  ? 0.90393065608 ? 1.29124830461   ? 0.82924983774   ? 7.13873452634 ? 3.37316187623  ? 1.64579780597  ? -0.290832292192 ? 0.02710705096  ? -0.722186925547 ? -0.773536395730 ? -0.020268792384 ? 0.413675735004  ? -0.054969245832 ? -0.325415227880 ? 0.25578559340   ? 
2 'X-RAY DIFFRACTION' ? refined -2.2929521725  10.2570558253  2.6366796697   0.504140890653 ? 0.141942755537  ? 0.174896182345  ? 0.39099009469  ? 0.241036043537  ? 0.946537478536 ? 1.14247421742 ? -0.460532311788 ? 1.00179593356   ? 3.07816875917 ? 0.670693807270 ? 1.28036191021  ? -0.393387397861 ? 0.120267368225 ? 0.852153062458  ? 0.059551887281  ? 0.626901476293  ? 0.911145906261  ? -0.273743019458 ? -0.62411768570  ? -0.641921251119 ? 
3 'X-RAY DIFFRACTION' ? refined -4.74071894748 6.94222169294  -4.169796620   0.465266234963 ? 0.055897172075  ? -0.052868722657 ? 0.49016468515  ? 0.487007829761  ? 0.910542137851 ? 1.67377807375 ? -1.40043219554  ? -1.74527898374  ? 7.4412807693  ? -1.40092420100 ? 8.41330259507  ? -0.485906450439 ? 0.638316907139 ? -0.06919006640  ? -0.411092181795 ? -0.455827056078 ? -0.177595381293 ? -1.054733573532 ? -0.300855887748 ? 0.195003882553  ? 
4 'X-RAY DIFFRACTION' ? refined -4.75002816236 0.8547034922   4.1933051966   0.373997943106 ? 0.020683455718  ? 0.119382211282  ? 0.283887438949 ? 0.102204175364  ? 0.414626715403 ? 5.66778117284 ? 0.844919156731  ? -2.728932496707 ? 5.13225801074 ? -2.31618139146 ? 10.01162174595 ? 0.238701301266  ? 0.236270461069 ? 0.626447159462  ? 0.463213641655  ? 0.20143132758   ? 0.656621623976  ? -0.041534925290 ? -0.96802462226  ? -0.518670852541 ? 
5 'X-RAY DIFFRACTION' ? refined 1.71927524897  -4.26804155437 -4.047909729   0.290526272128 ? -0.062822104403 ? 0.009935662675  ? 0.37649850955  ? 0.064494009641  ? 0.209419394939 ? 6.4270634273  ? 0.83960046686   ? -2.233781541824 ? 7.18302596537 ? 1.81487528216  ? 1.86077690678  ? -0.004445515464 ? 0.73079231941  ? -0.216602198583 ? -0.637578759530 ? 0.352610259574  ? -0.339926575239 ? -0.07950613302  ? -0.639650579998 ? -0.636438951141 ? 
6 'X-RAY DIFFRACTION' ? refined 5.68523741070  -7.7579932971  4.7254756762   0.430608855297 ? -0.008330019683 ? -0.004094688029 ? 0.171985268397 ? 0.025215858018  ? 0.231856245080 ? 8.58626461683 ? 1.22889862670   ? -5.97547469362  ? 1.2285635122  ? -3.05831919    ? 8.71032395552  ? -0.016333193544 ? 0.042569173633 ? 0.172109164653  ? -0.032734776781 ? -0.024246698825 ? -0.042853969256 ? -0.424816201600 ? 0.421703073623  ? 0.054050616441  ? 
# 
loop_
_pdbx_refine_tls_group.id 
_pdbx_refine_tls_group.pdbx_refine_id 
_pdbx_refine_tls_group.refine_tls_id 
_pdbx_refine_tls_group.beg_label_asym_id 
_pdbx_refine_tls_group.beg_label_seq_id 
_pdbx_refine_tls_group.beg_auth_asym_id 
_pdbx_refine_tls_group.beg_auth_seq_id 
_pdbx_refine_tls_group.beg_PDB_ins_code 
_pdbx_refine_tls_group.end_label_asym_id 
_pdbx_refine_tls_group.end_label_seq_id 
_pdbx_refine_tls_group.end_auth_asym_id 
_pdbx_refine_tls_group.end_auth_seq_id 
_pdbx_refine_tls_group.end_PDB_ins_code 
_pdbx_refine_tls_group.selection 
_pdbx_refine_tls_group.selection_details 
1 'X-RAY DIFFRACTION' 1 ? ? ? ? ? ? ? ? ? ? ? 
;chain 'A' and (resid    0  through    9 )
;
2 'X-RAY DIFFRACTION' 2 ? ? ? ? ? ? ? ? ? ? ? 
;chain 'A' and (resid   10  through   22 )
;
3 'X-RAY DIFFRACTION' 3 ? ? ? ? ? ? ? ? ? ? ? 
;chain 'A' and (resid   23  through   34 )
;
4 'X-RAY DIFFRACTION' 4 ? ? ? ? ? ? ? ? ? ? ? 
;chain 'A' and (resid   35  through   67 )
;
5 'X-RAY DIFFRACTION' 5 ? ? ? ? ? ? ? ? ? ? ? 
;chain 'A' and (resid   68  through   74 )
;
6 'X-RAY DIFFRACTION' 6 ? ? ? ? ? ? ? ? ? ? ? 
;chain 'C' and (resid    4  through   22 )
;
# 
loop_
_software.citation_id 
_software.classification 
_software.compiler_name 
_software.compiler_version 
_software.contact_author 
_software.contact_author_email 
_software.date 
_software.description 
_software.dependencies 
_software.hardware 
_software.language 
_software.location 
_software.mods 
_software.name 
_software.os 
_software.os_version 
_software.type 
_software.version 
_software.pdbx_ordinal 
? refinement       ? ? ? ? ? ? ? ? ? ? ? PHENIX  ? ? ? 1.13_2998 1 
? 'data reduction' ? ? ? ? ? ? ? ? ? ? ? MOSFLM  ? ? ? .         2 
? 'data scaling'   ? ? ? ? ? ? ? ? ? ? ? Aimless ? ? ? .         3 
? phasing          ? ? ? ? ? ? ? ? ? ? ? PHASER  ? ? ? .         4 
# 
_pdbx_entry_details.entry_id                 7RMA 
_pdbx_entry_details.has_ligand_of_interest   N 
_pdbx_entry_details.compound_details         ? 
_pdbx_entry_details.source_details           ? 
_pdbx_entry_details.nonpolymer_details       ? 
_pdbx_entry_details.sequence_details         ? 
# 
_pdbx_validate_torsion.id              1 
_pdbx_validate_torsion.PDB_model_num   1 
_pdbx_validate_torsion.auth_comp_id    MET 
_pdbx_validate_torsion.auth_asym_id    A 
_pdbx_validate_torsion.auth_seq_id     10 
_pdbx_validate_torsion.PDB_ins_code    ? 
_pdbx_validate_torsion.label_alt_id    ? 
_pdbx_validate_torsion.phi             -152.07 
_pdbx_validate_torsion.psi             74.95 
# 
loop_
_pdbx_unobs_or_zero_occ_atoms.id 
_pdbx_unobs_or_zero_occ_atoms.PDB_model_num 
_pdbx_unobs_or_zero_occ_atoms.polymer_flag 
_pdbx_unobs_or_zero_occ_atoms.occupancy_flag 
_pdbx_unobs_or_zero_occ_atoms.auth_asym_id 
_pdbx_unobs_or_zero_occ_atoms.auth_comp_id 
_pdbx_unobs_or_zero_occ_atoms.auth_seq_id 
_pdbx_unobs_or_zero_occ_atoms.PDB_ins_code 
_pdbx_unobs_or_zero_occ_atoms.auth_atom_id 
_pdbx_unobs_or_zero_occ_atoms.label_alt_id 
_pdbx_unobs_or_zero_occ_atoms.label_asym_id 
_pdbx_unobs_or_zero_occ_atoms.label_comp_id 
_pdbx_unobs_or_zero_occ_atoms.label_seq_id 
_pdbx_unobs_or_zero_occ_atoms.label_atom_id 
1  1 Y 1 A MET 10 ? CG  ? A MET 16 CG  
2  1 Y 1 A MET 10 ? SD  ? A MET 16 SD  
3  1 Y 1 A MET 10 ? CE  ? A MET 16 CE  
4  1 Y 1 A ARG 54 ? NH1 ? A ARG 60 NH1 
5  1 Y 1 A ARG 54 ? NH2 ? A ARG 60 NH2 
6  1 Y 1 A ARG 74 ? CG  ? A ARG 80 CG  
7  1 Y 1 A ARG 74 ? CD  ? A ARG 80 CD  
8  1 Y 1 A ARG 74 ? NE  ? A ARG 80 NE  
9  1 Y 1 A ARG 74 ? CZ  ? A ARG 80 CZ  
10 1 Y 1 A ARG 74 ? NH1 ? A ARG 80 NH1 
11 1 Y 1 A ARG 74 ? NH2 ? A ARG 80 NH2 
12 1 Y 1 C GLN 5  ? CG  ? B GLN 3  CG  
13 1 Y 1 C GLN 5  ? CD  ? B GLN 3  CD  
14 1 Y 1 C GLN 5  ? OE1 ? B GLN 3  OE1 
15 1 Y 1 C GLN 5  ? NE2 ? B GLN 3  NE2 
16 1 Y 1 C GLU 7  ? CG  ? B GLU 5  CG  
17 1 Y 1 C GLU 7  ? CD  ? B GLU 5  CD  
18 1 Y 1 C GLU 7  ? OE1 ? B GLU 5  OE1 
19 1 Y 1 C GLU 7  ? OE2 ? B GLU 5  OE2 
20 1 Y 1 C GLU 9  ? CD  ? B GLU 7  CD  
21 1 Y 1 C GLU 9  ? OE1 ? B GLU 7  OE1 
22 1 Y 1 C GLU 9  ? OE2 ? B GLU 7  OE2 
23 1 Y 1 C ARG 13 ? CZ  ? B ARG 11 CZ  
24 1 Y 1 C ARG 13 ? NH1 ? B ARG 11 NH1 
25 1 Y 1 C ARG 13 ? NH2 ? B ARG 11 NH2 
# 
loop_
_pdbx_unobs_or_zero_occ_residues.id 
_pdbx_unobs_or_zero_occ_residues.PDB_model_num 
_pdbx_unobs_or_zero_occ_residues.polymer_flag 
_pdbx_unobs_or_zero_occ_residues.occupancy_flag 
_pdbx_unobs_or_zero_occ_residues.auth_asym_id 
_pdbx_unobs_or_zero_occ_residues.auth_comp_id 
_pdbx_unobs_or_zero_occ_residues.auth_seq_id 
_pdbx_unobs_or_zero_occ_residues.PDB_ins_code 
_pdbx_unobs_or_zero_occ_residues.label_asym_id 
_pdbx_unobs_or_zero_occ_residues.label_comp_id 
_pdbx_unobs_or_zero_occ_residues.label_seq_id 
1  1 Y 1 A GLY -5 ? A GLY 1  
2  1 Y 1 A ALA -4 ? A ALA 2  
3  1 Y 1 A ALA -3 ? A ALA 3  
4  1 Y 1 A GLN -2 ? A GLN 4  
5  1 Y 1 A PRO -1 ? A PRO 5  
6  1 Y 1 A SER 75 ? A SER 81 
7  1 Y 1 A LEU 76 ? A LEU 82 
8  1 Y 1 A ARG 77 ? A ARG 83 
9  1 Y 1 A ALA 78 ? A ALA 84 
10 1 Y 1 A GLY 79 ? A GLY 85 
11 1 Y 1 A ALA 80 ? A ALA 86 
12 1 Y 1 A ALA 81 ? A ALA 87 
13 1 Y 1 A ALA 82 ? A ALA 88 
14 1 Y 1 C ARG 3  ? B ARG 1  
# 
loop_
_chem_comp_atom.comp_id 
_chem_comp_atom.atom_id 
_chem_comp_atom.type_symbol 
_chem_comp_atom.pdbx_aromatic_flag 
_chem_comp_atom.pdbx_stereo_config 
_chem_comp_atom.pdbx_ordinal 
ALA N    N  N N 1   
ALA CA   C  N S 2   
ALA C    C  N N 3   
ALA O    O  N N 4   
ALA CB   C  N N 5   
ALA OXT  O  N N 6   
ALA H    H  N N 7   
ALA H2   H  N N 8   
ALA HA   H  N N 9   
ALA HB1  H  N N 10  
ALA HB2  H  N N 11  
ALA HB3  H  N N 12  
ALA HXT  H  N N 13  
ARG N    N  N N 14  
ARG CA   C  N S 15  
ARG C    C  N N 16  
ARG O    O  N N 17  
ARG CB   C  N N 18  
ARG CG   C  N N 19  
ARG CD   C  N N 20  
ARG NE   N  N N 21  
ARG CZ   C  N N 22  
ARG NH1  N  N N 23  
ARG NH2  N  N N 24  
ARG OXT  O  N N 25  
ARG H    H  N N 26  
ARG H2   H  N N 27  
ARG HA   H  N N 28  
ARG HB2  H  N N 29  
ARG HB3  H  N N 30  
ARG HG2  H  N N 31  
ARG HG3  H  N N 32  
ARG HD2  H  N N 33  
ARG HD3  H  N N 34  
ARG HE   H  N N 35  
ARG HH11 H  N N 36  
ARG HH12 H  N N 37  
ARG HH21 H  N N 38  
ARG HH22 H  N N 39  
ARG HXT  H  N N 40  
ASN N    N  N N 41  
ASN CA   C  N S 42  
ASN C    C  N N 43  
ASN O    O  N N 44  
ASN CB   C  N N 45  
ASN CG   C  N N 46  
ASN OD1  O  N N 47  
ASN ND2  N  N N 48  
ASN OXT  O  N N 49  
ASN H    H  N N 50  
ASN H2   H  N N 51  
ASN HA   H  N N 52  
ASN HB2  H  N N 53  
ASN HB3  H  N N 54  
ASN HD21 H  N N 55  
ASN HD22 H  N N 56  
ASN HXT  H  N N 57  
ASP N    N  N N 58  
ASP CA   C  N S 59  
ASP C    C  N N 60  
ASP O    O  N N 61  
ASP CB   C  N N 62  
ASP CG   C  N N 63  
ASP OD1  O  N N 64  
ASP OD2  O  N N 65  
ASP OXT  O  N N 66  
ASP H    H  N N 67  
ASP H2   H  N N 68  
ASP HA   H  N N 69  
ASP HB2  H  N N 70  
ASP HB3  H  N N 71  
ASP HD2  H  N N 72  
ASP HXT  H  N N 73  
GLN N    N  N N 74  
GLN CA   C  N S 75  
GLN C    C  N N 76  
GLN O    O  N N 77  
GLN CB   C  N N 78  
GLN CG   C  N N 79  
GLN CD   C  N N 80  
GLN OE1  O  N N 81  
GLN NE2  N  N N 82  
GLN OXT  O  N N 83  
GLN H    H  N N 84  
GLN H2   H  N N 85  
GLN HA   H  N N 86  
GLN HB2  H  N N 87  
GLN HB3  H  N N 88  
GLN HG2  H  N N 89  
GLN HG3  H  N N 90  
GLN HE21 H  N N 91  
GLN HE22 H  N N 92  
GLN HXT  H  N N 93  
GLU N    N  N N 94  
GLU CA   C  N S 95  
GLU C    C  N N 96  
GLU O    O  N N 97  
GLU CB   C  N N 98  
GLU CG   C  N N 99  
GLU CD   C  N N 100 
GLU OE1  O  N N 101 
GLU OE2  O  N N 102 
GLU OXT  O  N N 103 
GLU H    H  N N 104 
GLU H2   H  N N 105 
GLU HA   H  N N 106 
GLU HB2  H  N N 107 
GLU HB3  H  N N 108 
GLU HG2  H  N N 109 
GLU HG3  H  N N 110 
GLU HE2  H  N N 111 
GLU HXT  H  N N 112 
GLY N    N  N N 113 
GLY CA   C  N N 114 
GLY C    C  N N 115 
GLY O    O  N N 116 
GLY OXT  O  N N 117 
GLY H    H  N N 118 
GLY H2   H  N N 119 
GLY HA2  H  N N 120 
GLY HA3  H  N N 121 
GLY HXT  H  N N 122 
HIS N    N  N N 123 
HIS CA   C  N S 124 
HIS C    C  N N 125 
HIS O    O  N N 126 
HIS CB   C  N N 127 
HIS CG   C  Y N 128 
HIS ND1  N  Y N 129 
HIS CD2  C  Y N 130 
HIS CE1  C  Y N 131 
HIS NE2  N  Y N 132 
HIS OXT  O  N N 133 
HIS H    H  N N 134 
HIS H2   H  N N 135 
HIS HA   H  N N 136 
HIS HB2  H  N N 137 
HIS HB3  H  N N 138 
HIS HD1  H  N N 139 
HIS HD2  H  N N 140 
HIS HE1  H  N N 141 
HIS HE2  H  N N 142 
HIS HXT  H  N N 143 
HOH O    O  N N 144 
HOH H1   H  N N 145 
HOH H2   H  N N 146 
ILE N    N  N N 147 
ILE CA   C  N S 148 
ILE C    C  N N 149 
ILE O    O  N N 150 
ILE CB   C  N S 151 
ILE CG1  C  N N 152 
ILE CG2  C  N N 153 
ILE CD1  C  N N 154 
ILE OXT  O  N N 155 
ILE H    H  N N 156 
ILE H2   H  N N 157 
ILE HA   H  N N 158 
ILE HB   H  N N 159 
ILE HG12 H  N N 160 
ILE HG13 H  N N 161 
ILE HG21 H  N N 162 
ILE HG22 H  N N 163 
ILE HG23 H  N N 164 
ILE HD11 H  N N 165 
ILE HD12 H  N N 166 
ILE HD13 H  N N 167 
ILE HXT  H  N N 168 
LEU N    N  N N 169 
LEU CA   C  N S 170 
LEU C    C  N N 171 
LEU O    O  N N 172 
LEU CB   C  N N 173 
LEU CG   C  N N 174 
LEU CD1  C  N N 175 
LEU CD2  C  N N 176 
LEU OXT  O  N N 177 
LEU H    H  N N 178 
LEU H2   H  N N 179 
LEU HA   H  N N 180 
LEU HB2  H  N N 181 
LEU HB3  H  N N 182 
LEU HG   H  N N 183 
LEU HD11 H  N N 184 
LEU HD12 H  N N 185 
LEU HD13 H  N N 186 
LEU HD21 H  N N 187 
LEU HD22 H  N N 188 
LEU HD23 H  N N 189 
LEU HXT  H  N N 190 
LYS N    N  N N 191 
LYS CA   C  N S 192 
LYS C    C  N N 193 
LYS O    O  N N 194 
LYS CB   C  N N 195 
LYS CG   C  N N 196 
LYS CD   C  N N 197 
LYS CE   C  N N 198 
LYS NZ   N  N N 199 
LYS OXT  O  N N 200 
LYS H    H  N N 201 
LYS H2   H  N N 202 
LYS HA   H  N N 203 
LYS HB2  H  N N 204 
LYS HB3  H  N N 205 
LYS HG2  H  N N 206 
LYS HG3  H  N N 207 
LYS HD2  H  N N 208 
LYS HD3  H  N N 209 
LYS HE2  H  N N 210 
LYS HE3  H  N N 211 
LYS HZ1  H  N N 212 
LYS HZ2  H  N N 213 
LYS HZ3  H  N N 214 
LYS HXT  H  N N 215 
MET N    N  N N 216 
MET CA   C  N S 217 
MET C    C  N N 218 
MET O    O  N N 219 
MET CB   C  N N 220 
MET CG   C  N N 221 
MET SD   S  N N 222 
MET CE   C  N N 223 
MET OXT  O  N N 224 
MET H    H  N N 225 
MET H2   H  N N 226 
MET HA   H  N N 227 
MET HB2  H  N N 228 
MET HB3  H  N N 229 
MET HG2  H  N N 230 
MET HG3  H  N N 231 
MET HE1  H  N N 232 
MET HE2  H  N N 233 
MET HE3  H  N N 234 
MET HXT  H  N N 235 
NA  NA   NA N N 236 
PHE N    N  N N 237 
PHE CA   C  N S 238 
PHE C    C  N N 239 
PHE O    O  N N 240 
PHE CB   C  N N 241 
PHE CG   C  Y N 242 
PHE CD1  C  Y N 243 
PHE CD2  C  Y N 244 
PHE CE1  C  Y N 245 
PHE CE2  C  Y N 246 
PHE CZ   C  Y N 247 
PHE OXT  O  N N 248 
PHE H    H  N N 249 
PHE H2   H  N N 250 
PHE HA   H  N N 251 
PHE HB2  H  N N 252 
PHE HB3  H  N N 253 
PHE HD1  H  N N 254 
PHE HD2  H  N N 255 
PHE HE1  H  N N 256 
PHE HE2  H  N N 257 
PHE HZ   H  N N 258 
PHE HXT  H  N N 259 
PRO N    N  N N 260 
PRO CA   C  N S 261 
PRO C    C  N N 262 
PRO O    O  N N 263 
PRO CB   C  N N 264 
PRO CG   C  N N 265 
PRO CD   C  N N 266 
PRO OXT  O  N N 267 
PRO H    H  N N 268 
PRO HA   H  N N 269 
PRO HB2  H  N N 270 
PRO HB3  H  N N 271 
PRO HG2  H  N N 272 
PRO HG3  H  N N 273 
PRO HD2  H  N N 274 
PRO HD3  H  N N 275 
PRO HXT  H  N N 276 
SER N    N  N N 277 
SER CA   C  N S 278 
SER C    C  N N 279 
SER O    O  N N 280 
SER CB   C  N N 281 
SER OG   O  N N 282 
SER OXT  O  N N 283 
SER H    H  N N 284 
SER H2   H  N N 285 
SER HA   H  N N 286 
SER HB2  H  N N 287 
SER HB3  H  N N 288 
SER HG   H  N N 289 
SER HXT  H  N N 290 
SO4 S    S  N N 291 
SO4 O1   O  N N 292 
SO4 O2   O  N N 293 
SO4 O3   O  N N 294 
SO4 O4   O  N N 295 
THR N    N  N N 296 
THR CA   C  N S 297 
THR C    C  N N 298 
THR O    O  N N 299 
THR CB   C  N R 300 
THR OG1  O  N N 301 
THR CG2  C  N N 302 
THR OXT  O  N N 303 
THR H    H  N N 304 
THR H2   H  N N 305 
THR HA   H  N N 306 
THR HB   H  N N 307 
THR HG1  H  N N 308 
THR HG21 H  N N 309 
THR HG22 H  N N 310 
THR HG23 H  N N 311 
THR HXT  H  N N 312 
TRP N    N  N N 313 
TRP CA   C  N S 314 
TRP C    C  N N 315 
TRP O    O  N N 316 
TRP CB   C  N N 317 
TRP CG   C  Y N 318 
TRP CD1  C  Y N 319 
TRP CD2  C  Y N 320 
TRP NE1  N  Y N 321 
TRP CE2  C  Y N 322 
TRP CE3  C  Y N 323 
TRP CZ2  C  Y N 324 
TRP CZ3  C  Y N 325 
TRP CH2  C  Y N 326 
TRP OXT  O  N N 327 
TRP H    H  N N 328 
TRP H2   H  N N 329 
TRP HA   H  N N 330 
TRP HB2  H  N N 331 
TRP HB3  H  N N 332 
TRP HD1  H  N N 333 
TRP HE1  H  N N 334 
TRP HE3  H  N N 335 
TRP HZ2  H  N N 336 
TRP HZ3  H  N N 337 
TRP HH2  H  N N 338 
TRP HXT  H  N N 339 
TYR N    N  N N 340 
TYR CA   C  N S 341 
TYR C    C  N N 342 
TYR O    O  N N 343 
TYR CB   C  N N 344 
TYR CG   C  Y N 345 
TYR CD1  C  Y N 346 
TYR CD2  C  Y N 347 
TYR CE1  C  Y N 348 
TYR CE2  C  Y N 349 
TYR CZ   C  Y N 350 
TYR OH   O  N N 351 
TYR OXT  O  N N 352 
TYR H    H  N N 353 
TYR H2   H  N N 354 
TYR HA   H  N N 355 
TYR HB2  H  N N 356 
TYR HB3  H  N N 357 
TYR HD1  H  N N 358 
TYR HD2  H  N N 359 
TYR HE1  H  N N 360 
TYR HE2  H  N N 361 
TYR HH   H  N N 362 
TYR HXT  H  N N 363 
VAL N    N  N N 364 
VAL CA   C  N S 365 
VAL C    C  N N 366 
VAL O    O  N N 367 
VAL CB   C  N N 368 
VAL CG1  C  N N 369 
VAL CG2  C  N N 370 
VAL OXT  O  N N 371 
VAL H    H  N N 372 
VAL H2   H  N N 373 
VAL HA   H  N N 374 
VAL HB   H  N N 375 
VAL HG11 H  N N 376 
VAL HG12 H  N N 377 
VAL HG13 H  N N 378 
VAL HG21 H  N N 379 
VAL HG22 H  N N 380 
VAL HG23 H  N N 381 
VAL HXT  H  N N 382 
# 
loop_
_chem_comp_bond.comp_id 
_chem_comp_bond.atom_id_1 
_chem_comp_bond.atom_id_2 
_chem_comp_bond.value_order 
_chem_comp_bond.pdbx_aromatic_flag 
_chem_comp_bond.pdbx_stereo_config 
_chem_comp_bond.pdbx_ordinal 
ALA N   CA   sing N N 1   
ALA N   H    sing N N 2   
ALA N   H2   sing N N 3   
ALA CA  C    sing N N 4   
ALA CA  CB   sing N N 5   
ALA CA  HA   sing N N 6   
ALA C   O    doub N N 7   
ALA C   OXT  sing N N 8   
ALA CB  HB1  sing N N 9   
ALA CB  HB2  sing N N 10  
ALA CB  HB3  sing N N 11  
ALA OXT HXT  sing N N 12  
ARG N   CA   sing N N 13  
ARG N   H    sing N N 14  
ARG N   H2   sing N N 15  
ARG CA  C    sing N N 16  
ARG CA  CB   sing N N 17  
ARG CA  HA   sing N N 18  
ARG C   O    doub N N 19  
ARG C   OXT  sing N N 20  
ARG CB  CG   sing N N 21  
ARG CB  HB2  sing N N 22  
ARG CB  HB3  sing N N 23  
ARG CG  CD   sing N N 24  
ARG CG  HG2  sing N N 25  
ARG CG  HG3  sing N N 26  
ARG CD  NE   sing N N 27  
ARG CD  HD2  sing N N 28  
ARG CD  HD3  sing N N 29  
ARG NE  CZ   sing N N 30  
ARG NE  HE   sing N N 31  
ARG CZ  NH1  sing N N 32  
ARG CZ  NH2  doub N N 33  
ARG NH1 HH11 sing N N 34  
ARG NH1 HH12 sing N N 35  
ARG NH2 HH21 sing N N 36  
ARG NH2 HH22 sing N N 37  
ARG OXT HXT  sing N N 38  
ASN N   CA   sing N N 39  
ASN N   H    sing N N 40  
ASN N   H2   sing N N 41  
ASN CA  C    sing N N 42  
ASN CA  CB   sing N N 43  
ASN CA  HA   sing N N 44  
ASN C   O    doub N N 45  
ASN C   OXT  sing N N 46  
ASN CB  CG   sing N N 47  
ASN CB  HB2  sing N N 48  
ASN CB  HB3  sing N N 49  
ASN CG  OD1  doub N N 50  
ASN CG  ND2  sing N N 51  
ASN ND2 HD21 sing N N 52  
ASN ND2 HD22 sing N N 53  
ASN OXT HXT  sing N N 54  
ASP N   CA   sing N N 55  
ASP N   H    sing N N 56  
ASP N   H2   sing N N 57  
ASP CA  C    sing N N 58  
ASP CA  CB   sing N N 59  
ASP CA  HA   sing N N 60  
ASP C   O    doub N N 61  
ASP C   OXT  sing N N 62  
ASP CB  CG   sing N N 63  
ASP CB  HB2  sing N N 64  
ASP CB  HB3  sing N N 65  
ASP CG  OD1  doub N N 66  
ASP CG  OD2  sing N N 67  
ASP OD2 HD2  sing N N 68  
ASP OXT HXT  sing N N 69  
GLN N   CA   sing N N 70  
GLN N   H    sing N N 71  
GLN N   H2   sing N N 72  
GLN CA  C    sing N N 73  
GLN CA  CB   sing N N 74  
GLN CA  HA   sing N N 75  
GLN C   O    doub N N 76  
GLN C   OXT  sing N N 77  
GLN CB  CG   sing N N 78  
GLN CB  HB2  sing N N 79  
GLN CB  HB3  sing N N 80  
GLN CG  CD   sing N N 81  
GLN CG  HG2  sing N N 82  
GLN CG  HG3  sing N N 83  
GLN CD  OE1  doub N N 84  
GLN CD  NE2  sing N N 85  
GLN NE2 HE21 sing N N 86  
GLN NE2 HE22 sing N N 87  
GLN OXT HXT  sing N N 88  
GLU N   CA   sing N N 89  
GLU N   H    sing N N 90  
GLU N   H2   sing N N 91  
GLU CA  C    sing N N 92  
GLU CA  CB   sing N N 93  
GLU CA  HA   sing N N 94  
GLU C   O    doub N N 95  
GLU C   OXT  sing N N 96  
GLU CB  CG   sing N N 97  
GLU CB  HB2  sing N N 98  
GLU CB  HB3  sing N N 99  
GLU CG  CD   sing N N 100 
GLU CG  HG2  sing N N 101 
GLU CG  HG3  sing N N 102 
GLU CD  OE1  doub N N 103 
GLU CD  OE2  sing N N 104 
GLU OE2 HE2  sing N N 105 
GLU OXT HXT  sing N N 106 
GLY N   CA   sing N N 107 
GLY N   H    sing N N 108 
GLY N   H2   sing N N 109 
GLY CA  C    sing N N 110 
GLY CA  HA2  sing N N 111 
GLY CA  HA3  sing N N 112 
GLY C   O    doub N N 113 
GLY C   OXT  sing N N 114 
GLY OXT HXT  sing N N 115 
HIS N   CA   sing N N 116 
HIS N   H    sing N N 117 
HIS N   H2   sing N N 118 
HIS CA  C    sing N N 119 
HIS CA  CB   sing N N 120 
HIS CA  HA   sing N N 121 
HIS C   O    doub N N 122 
HIS C   OXT  sing N N 123 
HIS CB  CG   sing N N 124 
HIS CB  HB2  sing N N 125 
HIS CB  HB3  sing N N 126 
HIS CG  ND1  sing Y N 127 
HIS CG  CD2  doub Y N 128 
HIS ND1 CE1  doub Y N 129 
HIS ND1 HD1  sing N N 130 
HIS CD2 NE2  sing Y N 131 
HIS CD2 HD2  sing N N 132 
HIS CE1 NE2  sing Y N 133 
HIS CE1 HE1  sing N N 134 
HIS NE2 HE2  sing N N 135 
HIS OXT HXT  sing N N 136 
HOH O   H1   sing N N 137 
HOH O   H2   sing N N 138 
ILE N   CA   sing N N 139 
ILE N   H    sing N N 140 
ILE N   H2   sing N N 141 
ILE CA  C    sing N N 142 
ILE CA  CB   sing N N 143 
ILE CA  HA   sing N N 144 
ILE C   O    doub N N 145 
ILE C   OXT  sing N N 146 
ILE CB  CG1  sing N N 147 
ILE CB  CG2  sing N N 148 
ILE CB  HB   sing N N 149 
ILE CG1 CD1  sing N N 150 
ILE CG1 HG12 sing N N 151 
ILE CG1 HG13 sing N N 152 
ILE CG2 HG21 sing N N 153 
ILE CG2 HG22 sing N N 154 
ILE CG2 HG23 sing N N 155 
ILE CD1 HD11 sing N N 156 
ILE CD1 HD12 sing N N 157 
ILE CD1 HD13 sing N N 158 
ILE OXT HXT  sing N N 159 
LEU N   CA   sing N N 160 
LEU N   H    sing N N 161 
LEU N   H2   sing N N 162 
LEU CA  C    sing N N 163 
LEU CA  CB   sing N N 164 
LEU CA  HA   sing N N 165 
LEU C   O    doub N N 166 
LEU C   OXT  sing N N 167 
LEU CB  CG   sing N N 168 
LEU CB  HB2  sing N N 169 
LEU CB  HB3  sing N N 170 
LEU CG  CD1  sing N N 171 
LEU CG  CD2  sing N N 172 
LEU CG  HG   sing N N 173 
LEU CD1 HD11 sing N N 174 
LEU CD1 HD12 sing N N 175 
LEU CD1 HD13 sing N N 176 
LEU CD2 HD21 sing N N 177 
LEU CD2 HD22 sing N N 178 
LEU CD2 HD23 sing N N 179 
LEU OXT HXT  sing N N 180 
LYS N   CA   sing N N 181 
LYS N   H    sing N N 182 
LYS N   H2   sing N N 183 
LYS CA  C    sing N N 184 
LYS CA  CB   sing N N 185 
LYS CA  HA   sing N N 186 
LYS C   O    doub N N 187 
LYS C   OXT  sing N N 188 
LYS CB  CG   sing N N 189 
LYS CB  HB2  sing N N 190 
LYS CB  HB3  sing N N 191 
LYS CG  CD   sing N N 192 
LYS CG  HG2  sing N N 193 
LYS CG  HG3  sing N N 194 
LYS CD  CE   sing N N 195 
LYS CD  HD2  sing N N 196 
LYS CD  HD3  sing N N 197 
LYS CE  NZ   sing N N 198 
LYS CE  HE2  sing N N 199 
LYS CE  HE3  sing N N 200 
LYS NZ  HZ1  sing N N 201 
LYS NZ  HZ2  sing N N 202 
LYS NZ  HZ3  sing N N 203 
LYS OXT HXT  sing N N 204 
MET N   CA   sing N N 205 
MET N   H    sing N N 206 
MET N   H2   sing N N 207 
MET CA  C    sing N N 208 
MET CA  CB   sing N N 209 
MET CA  HA   sing N N 210 
MET C   O    doub N N 211 
MET C   OXT  sing N N 212 
MET CB  CG   sing N N 213 
MET CB  HB2  sing N N 214 
MET CB  HB3  sing N N 215 
MET CG  SD   sing N N 216 
MET CG  HG2  sing N N 217 
MET CG  HG3  sing N N 218 
MET SD  CE   sing N N 219 
MET CE  HE1  sing N N 220 
MET CE  HE2  sing N N 221 
MET CE  HE3  sing N N 222 
MET OXT HXT  sing N N 223 
PHE N   CA   sing N N 224 
PHE N   H    sing N N 225 
PHE N   H2   sing N N 226 
PHE CA  C    sing N N 227 
PHE CA  CB   sing N N 228 
PHE CA  HA   sing N N 229 
PHE C   O    doub N N 230 
PHE C   OXT  sing N N 231 
PHE CB  CG   sing N N 232 
PHE CB  HB2  sing N N 233 
PHE CB  HB3  sing N N 234 
PHE CG  CD1  doub Y N 235 
PHE CG  CD2  sing Y N 236 
PHE CD1 CE1  sing Y N 237 
PHE CD1 HD1  sing N N 238 
PHE CD2 CE2  doub Y N 239 
PHE CD2 HD2  sing N N 240 
PHE CE1 CZ   doub Y N 241 
PHE CE1 HE1  sing N N 242 
PHE CE2 CZ   sing Y N 243 
PHE CE2 HE2  sing N N 244 
PHE CZ  HZ   sing N N 245 
PHE OXT HXT  sing N N 246 
PRO N   CA   sing N N 247 
PRO N   CD   sing N N 248 
PRO N   H    sing N N 249 
PRO CA  C    sing N N 250 
PRO CA  CB   sing N N 251 
PRO CA  HA   sing N N 252 
PRO C   O    doub N N 253 
PRO C   OXT  sing N N 254 
PRO CB  CG   sing N N 255 
PRO CB  HB2  sing N N 256 
PRO CB  HB3  sing N N 257 
PRO CG  CD   sing N N 258 
PRO CG  HG2  sing N N 259 
PRO CG  HG3  sing N N 260 
PRO CD  HD2  sing N N 261 
PRO CD  HD3  sing N N 262 
PRO OXT HXT  sing N N 263 
SER N   CA   sing N N 264 
SER N   H    sing N N 265 
SER N   H2   sing N N 266 
SER CA  C    sing N N 267 
SER CA  CB   sing N N 268 
SER CA  HA   sing N N 269 
SER C   O    doub N N 270 
SER C   OXT  sing N N 271 
SER CB  OG   sing N N 272 
SER CB  HB2  sing N N 273 
SER CB  HB3  sing N N 274 
SER OG  HG   sing N N 275 
SER OXT HXT  sing N N 276 
SO4 S   O1   doub N N 277 
SO4 S   O2   doub N N 278 
SO4 S   O3   sing N N 279 
SO4 S   O4   sing N N 280 
THR N   CA   sing N N 281 
THR N   H    sing N N 282 
THR N   H2   sing N N 283 
THR CA  C    sing N N 284 
THR CA  CB   sing N N 285 
THR CA  HA   sing N N 286 
THR C   O    doub N N 287 
THR C   OXT  sing N N 288 
THR CB  OG1  sing N N 289 
THR CB  CG2  sing N N 290 
THR CB  HB   sing N N 291 
THR OG1 HG1  sing N N 292 
THR CG2 HG21 sing N N 293 
THR CG2 HG22 sing N N 294 
THR CG2 HG23 sing N N 295 
THR OXT HXT  sing N N 296 
TRP N   CA   sing N N 297 
TRP N   H    sing N N 298 
TRP N   H2   sing N N 299 
TRP CA  C    sing N N 300 
TRP CA  CB   sing N N 301 
TRP CA  HA   sing N N 302 
TRP C   O    doub N N 303 
TRP C   OXT  sing N N 304 
TRP CB  CG   sing N N 305 
TRP CB  HB2  sing N N 306 
TRP CB  HB3  sing N N 307 
TRP CG  CD1  doub Y N 308 
TRP CG  CD2  sing Y N 309 
TRP CD1 NE1  sing Y N 310 
TRP CD1 HD1  sing N N 311 
TRP CD2 CE2  doub Y N 312 
TRP CD2 CE3  sing Y N 313 
TRP NE1 CE2  sing Y N 314 
TRP NE1 HE1  sing N N 315 
TRP CE2 CZ2  sing Y N 316 
TRP CE3 CZ3  doub Y N 317 
TRP CE3 HE3  sing N N 318 
TRP CZ2 CH2  doub Y N 319 
TRP CZ2 HZ2  sing N N 320 
TRP CZ3 CH2  sing Y N 321 
TRP CZ3 HZ3  sing N N 322 
TRP CH2 HH2  sing N N 323 
TRP OXT HXT  sing N N 324 
TYR N   CA   sing N N 325 
TYR N   H    sing N N 326 
TYR N   H2   sing N N 327 
TYR CA  C    sing N N 328 
TYR CA  CB   sing N N 329 
TYR CA  HA   sing N N 330 
TYR C   O    doub N N 331 
TYR C   OXT  sing N N 332 
TYR CB  CG   sing N N 333 
TYR CB  HB2  sing N N 334 
TYR CB  HB3  sing N N 335 
TYR CG  CD1  doub Y N 336 
TYR CG  CD2  sing Y N 337 
TYR CD1 CE1  sing Y N 338 
TYR CD1 HD1  sing N N 339 
TYR CD2 CE2  doub Y N 340 
TYR CD2 HD2  sing N N 341 
TYR CE1 CZ   doub Y N 342 
TYR CE1 HE1  sing N N 343 
TYR CE2 CZ   sing Y N 344 
TYR CE2 HE2  sing N N 345 
TYR CZ  OH   sing N N 346 
TYR OH  HH   sing N N 347 
TYR OXT HXT  sing N N 348 
VAL N   CA   sing N N 349 
VAL N   H    sing N N 350 
VAL N   H2   sing N N 351 
VAL CA  C    sing N N 352 
VAL CA  CB   sing N N 353 
VAL CA  HA   sing N N 354 
VAL C   O    doub N N 355 
VAL C   OXT  sing N N 356 
VAL CB  CG1  sing N N 357 
VAL CB  CG2  sing N N 358 
VAL CB  HB   sing N N 359 
VAL CG1 HG11 sing N N 360 
VAL CG1 HG12 sing N N 361 
VAL CG1 HG13 sing N N 362 
VAL CG2 HG21 sing N N 363 
VAL CG2 HG22 sing N N 364 
VAL CG2 HG23 sing N N 365 
VAL OXT HXT  sing N N 366 
# 
_pdbx_audit_support.funding_organization   'Ontario Research Fund' 
_pdbx_audit_support.country                Canada 
_pdbx_audit_support.grant_number           72056614 
_pdbx_audit_support.ordinal                1 
# 
loop_
_pdbx_entity_nonpoly.entity_id 
_pdbx_entity_nonpoly.name 
_pdbx_entity_nonpoly.comp_id 
3 'SULFATE ION' SO4 
4 'SODIUM ION'  NA  
5 water         HOH 
# 
_pdbx_initial_refinement_model.id               1 
_pdbx_initial_refinement_model.entity_id_list   ? 
_pdbx_initial_refinement_model.type             'experimental model' 
_pdbx_initial_refinement_model.source_name      PDB 
_pdbx_initial_refinement_model.accession_code   6CRN 
_pdbx_initial_refinement_model.details          'UbV from PDB 6CRN' 
# 
_pdbx_struct_assembly_auth_evidence.id                     1 
_pdbx_struct_assembly_auth_evidence.assembly_id            1 
_pdbx_struct_assembly_auth_evidence.experimental_support   'gel filtration' 
_pdbx_struct_assembly_auth_evidence.details                
;Only half of the 2:2 complex is in the unit cell -- the other half is generated by the second of the translation/rotation matrices listed below.  Gel filtration was used to purify this Ubv, which in the absence of peptide, ran as a dimer
;
# 
_space_group.name_H-M_alt     'P 41 21 2' 
_space_group.name_Hall        'P 4abw 2nw' 
_space_group.IT_number        92 
_space_group.crystal_system   tetragonal 
_space_group.id               1 
# 
